data_6ANX
# 
_entry.id   6ANX 
# 
_audit_conform.dict_name       mmcif_pdbx.dic 
_audit_conform.dict_version    5.379 
_audit_conform.dict_location   http://mmcif.pdb.org/dictionaries/ascii/mmcif_pdbx.dic 
# 
loop_
_database_2.database_id 
_database_2.database_code 
_database_2.pdbx_database_accession 
_database_2.pdbx_DOI 
PDB   6ANX         pdb_00006anx 10.2210/pdb6anx/pdb 
WWPDB D_1000229521 ?            ?                   
# 
_pdbx_database_related.db_name        PDB 
_pdbx_database_related.details        . 
_pdbx_database_related.db_id          5WBA 
_pdbx_database_related.content_type   unspecified 
# 
_pdbx_database_status.status_code                     REL 
_pdbx_database_status.status_code_sf                  REL 
_pdbx_database_status.status_code_mr                  ? 
_pdbx_database_status.entry_id                        6ANX 
_pdbx_database_status.recvd_initial_deposition_date   2017-08-14 
_pdbx_database_status.SG_entry                        N 
_pdbx_database_status.deposit_site                    RCSB 
_pdbx_database_status.process_site                    RCSB 
_pdbx_database_status.status_code_cs                  ? 
_pdbx_database_status.methods_development_category    ? 
_pdbx_database_status.pdb_format_compatible           Y 
_pdbx_database_status.status_code_nmr_data            ? 
# 
loop_
_audit_author.name 
_audit_author.pdbx_ordinal 
_audit_author.identifier_ORCID 
'Mann, S.I.'    1 ? 
'Heinisch, T.'  2 ? 
'Ward, T.R.'    3 ? 
'Borovik, A.S.' 4 ? 
# 
_citation.abstract                  ? 
_citation.abstract_id_CAS           ? 
_citation.book_id_ISBN              ? 
_citation.book_publisher            ? 
_citation.book_publisher_city       ? 
_citation.book_title                ? 
_citation.coordinate_linkage        ? 
_citation.country                   US 
_citation.database_id_Medline       ? 
_citation.details                   ? 
_citation.id                        primary 
_citation.journal_abbrev            'J. Am. Chem. Soc.' 
_citation.journal_id_ASTM           JACSAT 
_citation.journal_id_CSD            ? 
_citation.journal_id_ISSN           1520-5126 
_citation.journal_full              ? 
_citation.journal_issue             ? 
_citation.journal_volume            139 
_citation.language                  ? 
_citation.page_first                17289 
_citation.page_last                 17292 
_citation.title                     'Peroxide Activation Regulated by Hydrogen Bonds within Artificial Cu Proteins.' 
_citation.year                      2017 
_citation.database_id_CSD           ? 
_citation.pdbx_database_id_DOI      10.1021/jacs.7b10452 
_citation.pdbx_database_id_PubMed   29117678 
_citation.unpublished_flag          ? 
# 
loop_
_citation_author.citation_id 
_citation_author.name 
_citation_author.ordinal 
_citation_author.identifier_ORCID 
primary 'Mann, S.I.'    1 ? 
primary 'Heinisch, T.'  2 ? 
primary 'Ward, T.R.'    3 ? 
primary 'Borovik, A.S.' 4 ? 
# 
_cell.angle_alpha                  90.00 
_cell.angle_alpha_esd              ? 
_cell.angle_beta                   90.00 
_cell.angle_beta_esd               ? 
_cell.angle_gamma                  90.00 
_cell.angle_gamma_esd              ? 
_cell.entry_id                     6ANX 
_cell.details                      ? 
_cell.formula_units_Z              ? 
_cell.length_a                     57.640 
_cell.length_a_esd                 ? 
_cell.length_b                     57.640 
_cell.length_b_esd                 ? 
_cell.length_c                     183.610 
_cell.length_c_esd                 ? 
_cell.volume                       ? 
_cell.volume_esd                   ? 
_cell.Z_PDB                        16 
_cell.reciprocal_angle_alpha       ? 
_cell.reciprocal_angle_beta        ? 
_cell.reciprocal_angle_gamma       ? 
_cell.reciprocal_angle_alpha_esd   ? 
_cell.reciprocal_angle_beta_esd    ? 
_cell.reciprocal_angle_gamma_esd   ? 
_cell.reciprocal_length_a          ? 
_cell.reciprocal_length_b          ? 
_cell.reciprocal_length_c          ? 
_cell.reciprocal_length_a_esd      ? 
_cell.reciprocal_length_b_esd      ? 
_cell.reciprocal_length_c_esd      ? 
_cell.pdbx_unique_axis             ? 
# 
_symmetry.entry_id                         6ANX 
_symmetry.cell_setting                     ? 
_symmetry.Int_Tables_number                98 
_symmetry.space_group_name_Hall            ? 
_symmetry.space_group_name_H-M             'I 41 2 2' 
_symmetry.pdbx_full_space_group_name_H-M   ? 
# 
loop_
_entity.id 
_entity.type 
_entity.src_method 
_entity.pdbx_description 
_entity.formula_weight 
_entity.pdbx_number_of_molecules 
_entity.pdbx_ec 
_entity.pdbx_mutation 
_entity.pdbx_fragment 
_entity.details 
1 polymer     man Streptavidin 16570.018 1  ? ? 'UNP residues 38-183' ? 
2 non-polymer syn 
;[N-(2-{bis[2-(pyridin-2-yl-kappaN)ethyl]amino-kappaN}ethyl)-5-(2-oxohexahydro-1H-thieno[3,4-d]imidazol-4-yl)pentanamide](hydrogen peroxido-kappaO)hydroxycopper
;
609.220   1  ? ? ?                     ? 
3 non-polymer syn 'ACETATE ION' 59.044    1  ? ? ?                     ? 
4 non-polymer syn 'SULFATE ION' 96.063    1  ? ? ?                     ? 
5 water       nat water 18.015    99 ? ? ?                     ? 
# 
_entity_poly.entity_id                      1 
_entity_poly.type                           'polypeptide(L)' 
_entity_poly.nstd_linkage                   no 
_entity_poly.nstd_monomer                   no 
_entity_poly.pdbx_seq_one_letter_code       
;MASMTGGQQMGRDEAGITGTWYNQLGSTFIVTAGADGALTGTYESAVGNAESRYVLTGRYDSAPATDGSGTALGWTVAWK
NNYRNAHSATTWSGQYVGGAEARINTQWLLTSGTTEANAWKSTLVGHDTFTKVKPSAASIDAAKKAGVNNGNPLDAVQQ
;
_entity_poly.pdbx_seq_one_letter_code_can   
;MASMTGGQQMGRDEAGITGTWYNQLGSTFIVTAGADGALTGTYESAVGNAESRYVLTGRYDSAPATDGSGTALGWTVAWK
NNYRNAHSATTWSGQYVGGAEARINTQWLLTSGTTEANAWKSTLVGHDTFTKVKPSAASIDAAKKAGVNNGNPLDAVQQ
;
_entity_poly.pdbx_strand_id                 A 
_entity_poly.pdbx_target_identifier         ? 
# 
loop_
_entity_poly_seq.entity_id 
_entity_poly_seq.num 
_entity_poly_seq.mon_id 
_entity_poly_seq.hetero 
1 1   MET n 
1 2   ALA n 
1 3   SER n 
1 4   MET n 
1 5   THR n 
1 6   GLY n 
1 7   GLY n 
1 8   GLN n 
1 9   GLN n 
1 10  MET n 
1 11  GLY n 
1 12  ARG n 
1 13  ASP n 
1 14  GLU n 
1 15  ALA n 
1 16  GLY n 
1 17  ILE n 
1 18  THR n 
1 19  GLY n 
1 20  THR n 
1 21  TRP n 
1 22  TYR n 
1 23  ASN n 
1 24  GLN n 
1 25  LEU n 
1 26  GLY n 
1 27  SER n 
1 28  THR n 
1 29  PHE n 
1 30  ILE n 
1 31  VAL n 
1 32  THR n 
1 33  ALA n 
1 34  GLY n 
1 35  ALA n 
1 36  ASP n 
1 37  GLY n 
1 38  ALA n 
1 39  LEU n 
1 40  THR n 
1 41  GLY n 
1 42  THR n 
1 43  TYR n 
1 44  GLU n 
1 45  SER n 
1 46  ALA n 
1 47  VAL n 
1 48  GLY n 
1 49  ASN n 
1 50  ALA n 
1 51  GLU n 
1 52  SER n 
1 53  ARG n 
1 54  TYR n 
1 55  VAL n 
1 56  LEU n 
1 57  THR n 
1 58  GLY n 
1 59  ARG n 
1 60  TYR n 
1 61  ASP n 
1 62  SER n 
1 63  ALA n 
1 64  PRO n 
1 65  ALA n 
1 66  THR n 
1 67  ASP n 
1 68  GLY n 
1 69  SER n 
1 70  GLY n 
1 71  THR n 
1 72  ALA n 
1 73  LEU n 
1 74  GLY n 
1 75  TRP n 
1 76  THR n 
1 77  VAL n 
1 78  ALA n 
1 79  TRP n 
1 80  LYS n 
1 81  ASN n 
1 82  ASN n 
1 83  TYR n 
1 84  ARG n 
1 85  ASN n 
1 86  ALA n 
1 87  HIS n 
1 88  SER n 
1 89  ALA n 
1 90  THR n 
1 91  THR n 
1 92  TRP n 
1 93  SER n 
1 94  GLY n 
1 95  GLN n 
1 96  TYR n 
1 97  VAL n 
1 98  GLY n 
1 99  GLY n 
1 100 ALA n 
1 101 GLU n 
1 102 ALA n 
1 103 ARG n 
1 104 ILE n 
1 105 ASN n 
1 106 THR n 
1 107 GLN n 
1 108 TRP n 
1 109 LEU n 
1 110 LEU n 
1 111 THR n 
1 112 SER n 
1 113 GLY n 
1 114 THR n 
1 115 THR n 
1 116 GLU n 
1 117 ALA n 
1 118 ASN n 
1 119 ALA n 
1 120 TRP n 
1 121 LYS n 
1 122 SER n 
1 123 THR n 
1 124 LEU n 
1 125 VAL n 
1 126 GLY n 
1 127 HIS n 
1 128 ASP n 
1 129 THR n 
1 130 PHE n 
1 131 THR n 
1 132 LYS n 
1 133 VAL n 
1 134 LYS n 
1 135 PRO n 
1 136 SER n 
1 137 ALA n 
1 138 ALA n 
1 139 SER n 
1 140 ILE n 
1 141 ASP n 
1 142 ALA n 
1 143 ALA n 
1 144 LYS n 
1 145 LYS n 
1 146 ALA n 
1 147 GLY n 
1 148 VAL n 
1 149 ASN n 
1 150 ASN n 
1 151 GLY n 
1 152 ASN n 
1 153 PRO n 
1 154 LEU n 
1 155 ASP n 
1 156 ALA n 
1 157 VAL n 
1 158 GLN n 
1 159 GLN n 
# 
_entity_src_gen.entity_id                          1 
_entity_src_gen.pdbx_src_id                        1 
_entity_src_gen.pdbx_alt_source_flag               sample 
_entity_src_gen.pdbx_seq_type                      'Biological sequence' 
_entity_src_gen.pdbx_beg_seq_num                   1 
_entity_src_gen.pdbx_end_seq_num                   159 
_entity_src_gen.gene_src_common_name               ? 
_entity_src_gen.gene_src_genus                     ? 
_entity_src_gen.pdbx_gene_src_gene                 ? 
_entity_src_gen.gene_src_species                   ? 
_entity_src_gen.gene_src_strain                    ? 
_entity_src_gen.gene_src_tissue                    ? 
_entity_src_gen.gene_src_tissue_fraction           ? 
_entity_src_gen.gene_src_details                   ? 
_entity_src_gen.pdbx_gene_src_fragment             ? 
_entity_src_gen.pdbx_gene_src_scientific_name      'Streptomyces avidinii' 
_entity_src_gen.pdbx_gene_src_ncbi_taxonomy_id     1895 
_entity_src_gen.pdbx_gene_src_variant              ? 
_entity_src_gen.pdbx_gene_src_cell_line            ? 
_entity_src_gen.pdbx_gene_src_atcc                 ? 
_entity_src_gen.pdbx_gene_src_organ                ? 
_entity_src_gen.pdbx_gene_src_organelle            ? 
_entity_src_gen.pdbx_gene_src_cell                 ? 
_entity_src_gen.pdbx_gene_src_cellular_location    ? 
_entity_src_gen.host_org_common_name               ? 
_entity_src_gen.pdbx_host_org_scientific_name      'Escherichia coli' 
_entity_src_gen.pdbx_host_org_ncbi_taxonomy_id     562 
_entity_src_gen.host_org_genus                     ? 
_entity_src_gen.pdbx_host_org_gene                 ? 
_entity_src_gen.pdbx_host_org_organ                ? 
_entity_src_gen.host_org_species                   ? 
_entity_src_gen.pdbx_host_org_tissue               ? 
_entity_src_gen.pdbx_host_org_tissue_fraction      ? 
_entity_src_gen.pdbx_host_org_strain               ? 
_entity_src_gen.pdbx_host_org_variant              ? 
_entity_src_gen.pdbx_host_org_cell_line            ? 
_entity_src_gen.pdbx_host_org_atcc                 ? 
_entity_src_gen.pdbx_host_org_culture_collection   ? 
_entity_src_gen.pdbx_host_org_cell                 ? 
_entity_src_gen.pdbx_host_org_organelle            ? 
_entity_src_gen.pdbx_host_org_cellular_location    ? 
_entity_src_gen.pdbx_host_org_vector_type          ? 
_entity_src_gen.pdbx_host_org_vector               ? 
_entity_src_gen.host_org_details                   ? 
_entity_src_gen.expression_system_id               ? 
_entity_src_gen.plasmid_name                       ? 
_entity_src_gen.plasmid_details                    ? 
_entity_src_gen.pdbx_description                   ? 
# 
_struct_ref.id                         1 
_struct_ref.db_name                    UNP 
_struct_ref.db_code                    SAV_STRAV 
_struct_ref.pdbx_db_accession          P22629 
_struct_ref.pdbx_db_isoform            ? 
_struct_ref.entity_id                  1 
_struct_ref.pdbx_seq_one_letter_code   
;EAGITGTWYNQLGSTFIVTAGADGALTGTYESAVGNAESRYVLTGRYDSAPATDGSGTALGWTVAWKNNYRNAHSATTWS
GQYVGGAEARINTQWLLTSGTTEANAWKSTLVGHDTFTKVKPSAASIDAAKKAGVNNGNPLDAVQQ
;
_struct_ref.pdbx_align_begin           38 
# 
_struct_ref_seq.align_id                      1 
_struct_ref_seq.ref_id                        1 
_struct_ref_seq.pdbx_PDB_id_code              6ANX 
_struct_ref_seq.pdbx_strand_id                A 
_struct_ref_seq.seq_align_beg                 14 
_struct_ref_seq.pdbx_seq_align_beg_ins_code   ? 
_struct_ref_seq.seq_align_end                 159 
_struct_ref_seq.pdbx_seq_align_end_ins_code   ? 
_struct_ref_seq.pdbx_db_accession             P22629 
_struct_ref_seq.db_align_beg                  38 
_struct_ref_seq.pdbx_db_align_beg_ins_code    ? 
_struct_ref_seq.db_align_end                  183 
_struct_ref_seq.pdbx_db_align_end_ins_code    ? 
_struct_ref_seq.pdbx_auth_seq_align_beg       14 
_struct_ref_seq.pdbx_auth_seq_align_end       159 
# 
loop_
_struct_ref_seq_dif.align_id 
_struct_ref_seq_dif.pdbx_pdb_id_code 
_struct_ref_seq_dif.mon_id 
_struct_ref_seq_dif.pdbx_pdb_strand_id 
_struct_ref_seq_dif.seq_num 
_struct_ref_seq_dif.pdbx_pdb_ins_code 
_struct_ref_seq_dif.pdbx_seq_db_name 
_struct_ref_seq_dif.pdbx_seq_db_accession_code 
_struct_ref_seq_dif.db_mon_id 
_struct_ref_seq_dif.pdbx_seq_db_seq_num 
_struct_ref_seq_dif.details 
_struct_ref_seq_dif.pdbx_auth_seq_num 
_struct_ref_seq_dif.pdbx_ordinal 
1 6ANX MET A 1  ? UNP P22629 ? ? 'expression tag' 1  1  
1 6ANX ALA A 2  ? UNP P22629 ? ? 'expression tag' 2  2  
1 6ANX SER A 3  ? UNP P22629 ? ? 'expression tag' 3  3  
1 6ANX MET A 4  ? UNP P22629 ? ? 'expression tag' 4  4  
1 6ANX THR A 5  ? UNP P22629 ? ? 'expression tag' 5  5  
1 6ANX GLY A 6  ? UNP P22629 ? ? 'expression tag' 6  6  
1 6ANX GLY A 7  ? UNP P22629 ? ? 'expression tag' 7  7  
1 6ANX GLN A 8  ? UNP P22629 ? ? 'expression tag' 8  8  
1 6ANX GLN A 9  ? UNP P22629 ? ? 'expression tag' 9  9  
1 6ANX MET A 10 ? UNP P22629 ? ? 'expression tag' 10 10 
1 6ANX GLY A 11 ? UNP P22629 ? ? 'expression tag' 11 11 
1 6ANX ARG A 12 ? UNP P22629 ? ? 'expression tag' 12 12 
1 6ANX ASP A 13 ? UNP P22629 ? ? 'expression tag' 13 13 
# 
loop_
_chem_comp.id 
_chem_comp.type 
_chem_comp.mon_nstd_flag 
_chem_comp.name 
_chem_comp.pdbx_synonyms 
_chem_comp.formula 
_chem_comp.formula_weight 
ACT non-polymer         . 'ACETATE ION' ? 'C2 H3 O2 -1'        59.044  
ALA 'L-peptide linking' y ALANINE ? 'C3 H7 N O2'         89.093  
ARG 'L-peptide linking' y ARGININE ? 'C6 H15 N4 O2 1'     175.209 
ASN 'L-peptide linking' y ASPARAGINE ? 'C4 H8 N2 O3'        132.118 
ASP 'L-peptide linking' y 'ASPARTIC ACID' ? 'C4 H7 N O4'         133.103 
GLN 'L-peptide linking' y GLUTAMINE ? 'C5 H10 N2 O3'       146.144 
GLU 'L-peptide linking' y 'GLUTAMIC ACID' ? 'C5 H9 N O4'         147.129 
GLY 'peptide linking'   y GLYCINE ? 'C2 H5 N O2'         75.067  
HIS 'L-peptide linking' y HISTIDINE ? 'C6 H10 N3 O2 1'     156.162 
HOH non-polymer         . WATER ? 'H2 O'               18.015  
ILE 'L-peptide linking' y ISOLEUCINE ? 'C6 H13 N O2'        131.173 
LEU 'L-peptide linking' y LEUCINE ? 'C6 H13 N O2'        131.173 
LYS 'L-peptide linking' y LYSINE ? 'C6 H15 N2 O2 1'     147.195 
MET 'L-peptide linking' y METHIONINE ? 'C5 H11 N O2 S'      149.211 
PHE 'L-peptide linking' y PHENYLALANINE ? 'C9 H11 N O2'        165.189 
PRO 'L-peptide linking' y PROLINE ? 'C5 H9 N O2'         115.130 
SER 'L-peptide linking' y SERINE ? 'C3 H7 N O3'         105.093 
SI0 non-polymer         . 
;[N-(2-{bis[2-(pyridin-2-yl-kappaN)ethyl]amino-kappaN}ethyl)-5-(2-oxohexahydro-1H-thieno[3,4-d]imidazol-4-yl)pentanamide](hydrogen peroxido-kappaO)hydroxycopper
;
? 'C26 H37 Cu N6 O5 S' 609.220 
SO4 non-polymer         . 'SULFATE ION' ? 'O4 S -2'            96.063  
THR 'L-peptide linking' y THREONINE ? 'C4 H9 N O3'         119.119 
TRP 'L-peptide linking' y TRYPTOPHAN ? 'C11 H12 N2 O2'      204.225 
TYR 'L-peptide linking' y TYROSINE ? 'C9 H11 N O3'        181.189 
VAL 'L-peptide linking' y VALINE ? 'C5 H11 N O2'        117.146 
# 
_exptl.absorpt_coefficient_mu     ? 
_exptl.absorpt_correction_T_max   ? 
_exptl.absorpt_correction_T_min   ? 
_exptl.absorpt_correction_type    ? 
_exptl.absorpt_process_details    ? 
_exptl.entry_id                   6ANX 
_exptl.crystals_number            1 
_exptl.details                    ? 
_exptl.method                     'X-RAY DIFFRACTION' 
_exptl.method_details             ? 
# 
_exptl_crystal.colour                      ? 
_exptl_crystal.density_diffrn              ? 
_exptl_crystal.density_Matthews            2.30 
_exptl_crystal.density_method              ? 
_exptl_crystal.density_percent_sol         46.54 
_exptl_crystal.description                 ? 
_exptl_crystal.F_000                       ? 
_exptl_crystal.id                          1 
_exptl_crystal.preparation                 ? 
_exptl_crystal.size_max                    ? 
_exptl_crystal.size_mid                    ? 
_exptl_crystal.size_min                    ? 
_exptl_crystal.size_rad                    ? 
_exptl_crystal.colour_lustre               ? 
_exptl_crystal.colour_modifier             ? 
_exptl_crystal.colour_primary              ? 
_exptl_crystal.density_meas                ? 
_exptl_crystal.density_meas_esd            ? 
_exptl_crystal.density_meas_gt             ? 
_exptl_crystal.density_meas_lt             ? 
_exptl_crystal.density_meas_temp           ? 
_exptl_crystal.density_meas_temp_esd       ? 
_exptl_crystal.density_meas_temp_gt        ? 
_exptl_crystal.density_meas_temp_lt        ? 
_exptl_crystal.pdbx_crystal_image_url      ? 
_exptl_crystal.pdbx_crystal_image_format   ? 
_exptl_crystal.pdbx_mosaicity              ? 
_exptl_crystal.pdbx_mosaicity_esd          ? 
# 
_exptl_crystal_grow.apparatus       ? 
_exptl_crystal_grow.atmosphere      ? 
_exptl_crystal_grow.crystal_id      1 
_exptl_crystal_grow.details         ? 
_exptl_crystal_grow.method          'VAPOR DIFFUSION, SITTING DROP' 
_exptl_crystal_grow.method_ref      ? 
_exptl_crystal_grow.pH              4.0 
_exptl_crystal_grow.pressure        ? 
_exptl_crystal_grow.pressure_esd    ? 
_exptl_crystal_grow.seeding         ? 
_exptl_crystal_grow.seeding_ref     ? 
_exptl_crystal_grow.temp            274 
_exptl_crystal_grow.temp_details    ? 
_exptl_crystal_grow.temp_esd        ? 
_exptl_crystal_grow.time            ? 
_exptl_crystal_grow.pdbx_details    '2.6 M ammonium sulfate, 0.1 M sodium acetate' 
_exptl_crystal_grow.pdbx_pH_range   ? 
# 
_diffrn.ambient_environment    ? 
_diffrn.ambient_temp           100 
_diffrn.ambient_temp_details   ? 
_diffrn.ambient_temp_esd       ? 
_diffrn.crystal_id             1 
_diffrn.crystal_support        ? 
_diffrn.crystal_treatment      ? 
_diffrn.details                ? 
_diffrn.id                     1 
_diffrn.ambient_pressure       ? 
_diffrn.ambient_pressure_esd   ? 
_diffrn.ambient_pressure_gt    ? 
_diffrn.ambient_pressure_lt    ? 
_diffrn.ambient_temp_gt        ? 
_diffrn.ambient_temp_lt        ? 
# 
_diffrn_detector.details                      ? 
_diffrn_detector.detector                     CCD 
_diffrn_detector.diffrn_id                    1 
_diffrn_detector.type                         'ADSC QUANTUM 315r' 
_diffrn_detector.area_resol_mean              ? 
_diffrn_detector.dtime                        ? 
_diffrn_detector.pdbx_frames_total            ? 
_diffrn_detector.pdbx_collection_time_total   ? 
_diffrn_detector.pdbx_collection_date         2017-08-11 
# 
_diffrn_radiation.collimation                      ? 
_diffrn_radiation.diffrn_id                        1 
_diffrn_radiation.filter_edge                      ? 
_diffrn_radiation.inhomogeneity                    ? 
_diffrn_radiation.monochromator                    'double crystal Si(111)' 
_diffrn_radiation.polarisn_norm                    ? 
_diffrn_radiation.polarisn_ratio                   ? 
_diffrn_radiation.probe                            ? 
_diffrn_radiation.type                             ? 
_diffrn_radiation.xray_symbol                      ? 
_diffrn_radiation.wavelength_id                    1 
_diffrn_radiation.pdbx_monochromatic_or_laue_m_l   M 
_diffrn_radiation.pdbx_wavelength_list             ? 
_diffrn_radiation.pdbx_wavelength                  ? 
_diffrn_radiation.pdbx_diffrn_protocol             'SINGLE WAVELENGTH' 
_diffrn_radiation.pdbx_analyzer                    ? 
_diffrn_radiation.pdbx_scattering_type             x-ray 
# 
_diffrn_radiation_wavelength.id           1 
_diffrn_radiation_wavelength.wavelength   1 
_diffrn_radiation_wavelength.wt           1.0 
# 
_diffrn_source.current                     ? 
_diffrn_source.details                     ? 
_diffrn_source.diffrn_id                   1 
_diffrn_source.power                       ? 
_diffrn_source.size                        ? 
_diffrn_source.source                      SYNCHROTRON 
_diffrn_source.target                      ? 
_diffrn_source.type                        'ALS BEAMLINE 8.2.2' 
_diffrn_source.voltage                     ? 
_diffrn_source.take-off_angle              ? 
_diffrn_source.pdbx_wavelength_list        1 
_diffrn_source.pdbx_wavelength             ? 
_diffrn_source.pdbx_synchrotron_beamline   8.2.2 
_diffrn_source.pdbx_synchrotron_site       ALS 
# 
_reflns.B_iso_Wilson_estimate            ? 
_reflns.entry_id                         6ANX 
_reflns.data_reduction_details           ? 
_reflns.data_reduction_method            ? 
_reflns.d_resolution_high                1.62 
_reflns.d_resolution_low                 54.99 
_reflns.details                          ? 
_reflns.limit_h_max                      ? 
_reflns.limit_h_min                      ? 
_reflns.limit_k_max                      ? 
_reflns.limit_k_min                      ? 
_reflns.limit_l_max                      ? 
_reflns.limit_l_min                      ? 
_reflns.number_all                       ? 
_reflns.number_obs                       20471 
_reflns.observed_criterion               ? 
_reflns.observed_criterion_F_max         ? 
_reflns.observed_criterion_F_min         ? 
_reflns.observed_criterion_I_max         ? 
_reflns.observed_criterion_I_min         ? 
_reflns.observed_criterion_sigma_F       ? 
_reflns.observed_criterion_sigma_I       ? 
_reflns.percent_possible_obs             100 
_reflns.R_free_details                   ? 
_reflns.Rmerge_F_all                     ? 
_reflns.Rmerge_F_obs                     ? 
_reflns.Friedel_coverage                 ? 
_reflns.number_gt                        ? 
_reflns.threshold_expression             ? 
_reflns.pdbx_redundancy                  13.4 
_reflns.pdbx_Rmerge_I_obs                ? 
_reflns.pdbx_Rmerge_I_all                ? 
_reflns.pdbx_Rsym_value                  ? 
_reflns.pdbx_netI_over_av_sigmaI         ? 
_reflns.pdbx_netI_over_sigmaI            12.9 
_reflns.pdbx_res_netI_over_av_sigmaI_2   ? 
_reflns.pdbx_res_netI_over_sigmaI_2      ? 
_reflns.pdbx_chi_squared                 ? 
_reflns.pdbx_scaling_rejects             ? 
_reflns.pdbx_d_res_high_opt              ? 
_reflns.pdbx_d_res_low_opt               ? 
_reflns.pdbx_d_res_opt_method            ? 
_reflns.phase_calculation_details        ? 
_reflns.pdbx_Rrim_I_all                  ? 
_reflns.pdbx_Rpim_I_all                  ? 
_reflns.pdbx_d_opt                       ? 
_reflns.pdbx_number_measured_all         ? 
_reflns.pdbx_diffrn_id                   1 
_reflns.pdbx_ordinal                     1 
_reflns.pdbx_CC_half                     ? 
_reflns.pdbx_R_split                     ? 
# 
_reflns_shell.d_res_high                  1.62 
_reflns_shell.d_res_low                   1.64 
_reflns_shell.meanI_over_sigI_all         ? 
_reflns_shell.meanI_over_sigI_obs         1.1 
_reflns_shell.number_measured_all         ? 
_reflns_shell.number_measured_obs         ? 
_reflns_shell.number_possible             ? 
_reflns_shell.number_unique_all           ? 
_reflns_shell.number_unique_obs           995 
_reflns_shell.percent_possible_all        99.5 
_reflns_shell.percent_possible_obs        ? 
_reflns_shell.Rmerge_F_all                ? 
_reflns_shell.Rmerge_F_obs                ? 
_reflns_shell.Rmerge_I_all                ? 
_reflns_shell.Rmerge_I_obs                ? 
_reflns_shell.meanI_over_sigI_gt          ? 
_reflns_shell.meanI_over_uI_all           ? 
_reflns_shell.meanI_over_uI_gt            ? 
_reflns_shell.number_measured_gt          ? 
_reflns_shell.number_unique_gt            ? 
_reflns_shell.percent_possible_gt         ? 
_reflns_shell.Rmerge_F_gt                 ? 
_reflns_shell.Rmerge_I_gt                 ? 
_reflns_shell.pdbx_redundancy             10.1 
_reflns_shell.pdbx_Rsym_value             ? 
_reflns_shell.pdbx_chi_squared            ? 
_reflns_shell.pdbx_netI_over_sigmaI_all   ? 
_reflns_shell.pdbx_netI_over_sigmaI_obs   ? 
_reflns_shell.pdbx_Rrim_I_all             ? 
_reflns_shell.pdbx_Rpim_I_all             ? 
_reflns_shell.pdbx_rejects                ? 
_reflns_shell.pdbx_ordinal                1 
_reflns_shell.pdbx_diffrn_id              1 
_reflns_shell.pdbx_CC_half                ? 
_reflns_shell.pdbx_R_split                ? 
# 
_refine.aniso_B[1][1]                            -0.00 
_refine.aniso_B[1][2]                            0.00 
_refine.aniso_B[1][3]                            -0.00 
_refine.aniso_B[2][2]                            -0.00 
_refine.aniso_B[2][3]                            -0.00 
_refine.aniso_B[3][3]                            0.01 
_refine.B_iso_max                                ? 
_refine.B_iso_mean                               22.085 
_refine.B_iso_min                                ? 
_refine.correlation_coeff_Fo_to_Fc               0.969 
_refine.correlation_coeff_Fo_to_Fc_free          0.959 
_refine.details                                  'HYDROGENS HAVE BEEN ADDED IN THE RIDING POSITIONS' 
_refine.diff_density_max                         ? 
_refine.diff_density_max_esd                     ? 
_refine.diff_density_min                         ? 
_refine.diff_density_min_esd                     ? 
_refine.diff_density_rms                         ? 
_refine.diff_density_rms_esd                     ? 
_refine.entry_id                                 6ANX 
_refine.pdbx_refine_id                           'X-RAY DIFFRACTION' 
_refine.ls_abs_structure_details                 ? 
_refine.ls_abs_structure_Flack                   ? 
_refine.ls_abs_structure_Flack_esd               ? 
_refine.ls_abs_structure_Rogers                  ? 
_refine.ls_abs_structure_Rogers_esd              ? 
_refine.ls_d_res_high                            1.62 
_refine.ls_d_res_low                             54.99 
_refine.ls_extinction_coef                       ? 
_refine.ls_extinction_coef_esd                   ? 
_refine.ls_extinction_expression                 ? 
_refine.ls_extinction_method                     ? 
_refine.ls_goodness_of_fit_all                   ? 
_refine.ls_goodness_of_fit_all_esd               ? 
_refine.ls_goodness_of_fit_obs                   ? 
_refine.ls_goodness_of_fit_obs_esd               ? 
_refine.ls_hydrogen_treatment                    ? 
_refine.ls_matrix_type                           ? 
_refine.ls_number_constraints                    ? 
_refine.ls_number_parameters                     ? 
_refine.ls_number_reflns_all                     ? 
_refine.ls_number_reflns_obs                     19386 
_refine.ls_number_reflns_R_free                  1057 
_refine.ls_number_reflns_R_work                  ? 
_refine.ls_number_restraints                     ? 
_refine.ls_percent_reflns_obs                    99.95 
_refine.ls_percent_reflns_R_free                 5.2 
_refine.ls_R_factor_all                          ? 
_refine.ls_R_factor_obs                          0.16439 
_refine.ls_R_factor_R_free                       0.18691 
_refine.ls_R_factor_R_free_error                 ? 
_refine.ls_R_factor_R_free_error_details         ? 
_refine.ls_R_factor_R_work                       0.16318 
_refine.ls_R_Fsqd_factor_obs                     ? 
_refine.ls_R_I_factor_obs                        ? 
_refine.ls_redundancy_reflns_all                 ? 
_refine.ls_redundancy_reflns_obs                 ? 
_refine.ls_restrained_S_all                      ? 
_refine.ls_restrained_S_obs                      ? 
_refine.ls_shift_over_esd_max                    ? 
_refine.ls_shift_over_esd_mean                   ? 
_refine.ls_structure_factor_coef                 ? 
_refine.ls_weighting_details                     ? 
_refine.ls_weighting_scheme                      ? 
_refine.ls_wR_factor_all                         ? 
_refine.ls_wR_factor_obs                         ? 
_refine.ls_wR_factor_R_free                      ? 
_refine.ls_wR_factor_R_work                      ? 
_refine.occupancy_max                            ? 
_refine.occupancy_min                            ? 
_refine.solvent_model_details                    ? 
_refine.solvent_model_param_bsol                 ? 
_refine.solvent_model_param_ksol                 ? 
_refine.ls_R_factor_gt                           ? 
_refine.ls_goodness_of_fit_gt                    ? 
_refine.ls_goodness_of_fit_ref                   ? 
_refine.ls_shift_over_su_max                     ? 
_refine.ls_shift_over_su_max_lt                  ? 
_refine.ls_shift_over_su_mean                    ? 
_refine.ls_shift_over_su_mean_lt                 ? 
_refine.pdbx_ls_sigma_I                          ? 
_refine.pdbx_ls_sigma_F                          ? 
_refine.pdbx_ls_sigma_Fsqd                       ? 
_refine.pdbx_data_cutoff_high_absF               ? 
_refine.pdbx_data_cutoff_high_rms_absF           ? 
_refine.pdbx_data_cutoff_low_absF                ? 
_refine.pdbx_isotropic_thermal_model             ? 
_refine.pdbx_ls_cross_valid_method               THROUGHOUT 
_refine.pdbx_method_to_determine_struct          'MOLECULAR REPLACEMENT' 
_refine.pdbx_starting_model                      'PDB entry 2QCB' 
_refine.pdbx_stereochemistry_target_values       ? 
_refine.pdbx_R_Free_selection_details            RANDOM 
_refine.pdbx_stereochem_target_val_spec_case     ? 
_refine.pdbx_overall_ESU_R                       0.072 
_refine.pdbx_overall_ESU_R_Free                  0.073 
_refine.pdbx_solvent_vdw_probe_radii             1.20 
_refine.pdbx_solvent_ion_probe_radii             0.80 
_refine.pdbx_solvent_shrinkage_radii             0.80 
_refine.pdbx_real_space_R                        ? 
_refine.pdbx_density_correlation                 ? 
_refine.pdbx_pd_number_of_powder_patterns        ? 
_refine.pdbx_pd_number_of_points                 ? 
_refine.pdbx_pd_meas_number_of_points            ? 
_refine.pdbx_pd_proc_ls_prof_R_factor            ? 
_refine.pdbx_pd_proc_ls_prof_wR_factor           ? 
_refine.pdbx_pd_Marquardt_correlation_coeff      ? 
_refine.pdbx_pd_Fsqrd_R_factor                   ? 
_refine.pdbx_pd_ls_matrix_band_width             ? 
_refine.pdbx_overall_phase_error                 ? 
_refine.pdbx_overall_SU_R_free_Cruickshank_DPI   ? 
_refine.pdbx_overall_SU_R_free_Blow_DPI          ? 
_refine.pdbx_overall_SU_R_Blow_DPI               ? 
_refine.pdbx_TLS_residual_ADP_flag               ? 
_refine.pdbx_diffrn_id                           1 
_refine.overall_SU_B                             1.617 
_refine.overall_SU_ML                            0.052 
_refine.overall_SU_R_Cruickshank_DPI             ? 
_refine.overall_SU_R_free                        ? 
_refine.overall_FOM_free_R_set                   ? 
_refine.overall_FOM_work_R_set                   ? 
_refine.pdbx_average_fsc_overall                 ? 
_refine.pdbx_average_fsc_work                    ? 
_refine.pdbx_average_fsc_free                    ? 
# 
_refine_hist.pdbx_refine_id                   'X-RAY DIFFRACTION' 
_refine_hist.cycle_id                         1 
_refine_hist.pdbx_number_atoms_protein        936 
_refine_hist.pdbx_number_atoms_nucleic_acid   0 
_refine_hist.pdbx_number_atoms_ligand         48 
_refine_hist.number_atoms_solvent             99 
_refine_hist.number_atoms_total               1083 
_refine_hist.d_res_high                       1.62 
_refine_hist.d_res_low                        54.99 
# 
loop_
_refine_ls_restr.pdbx_refine_id 
_refine_ls_restr.criterion 
_refine_ls_restr.dev_ideal 
_refine_ls_restr.dev_ideal_target 
_refine_ls_restr.number 
_refine_ls_restr.rejects 
_refine_ls_restr.type 
_refine_ls_restr.weight 
_refine_ls_restr.pdbx_restraint_function 
'X-RAY DIFFRACTION' ? 0.023  0.020  1024 ? r_bond_refined_d             ? ? 
'X-RAY DIFFRACTION' ? 0.002  0.020  863  ? r_bond_other_d               ? ? 
'X-RAY DIFFRACTION' ? 2.344  2.047  1405 ? r_angle_refined_deg          ? ? 
'X-RAY DIFFRACTION' ? 1.109  3.000  1972 ? r_angle_other_deg            ? ? 
'X-RAY DIFFRACTION' ? 8.096  5.000  128  ? r_dihedral_angle_1_deg       ? ? 
'X-RAY DIFFRACTION' ? 30.367 23.571 42   ? r_dihedral_angle_2_deg       ? ? 
'X-RAY DIFFRACTION' ? 13.704 15.000 135  ? r_dihedral_angle_3_deg       ? ? 
'X-RAY DIFFRACTION' ? 17.085 15.000 5    ? r_dihedral_angle_4_deg       ? ? 
'X-RAY DIFFRACTION' ? 0.130  0.200  148  ? r_chiral_restr               ? ? 
'X-RAY DIFFRACTION' ? 0.012  0.020  1169 ? r_gen_planes_refined         ? ? 
'X-RAY DIFFRACTION' ? 0.002  0.020  248  ? r_gen_planes_other           ? ? 
'X-RAY DIFFRACTION' ? ?      ?      ?    ? r_nbd_refined                ? ? 
'X-RAY DIFFRACTION' ? ?      ?      ?    ? r_nbd_other                  ? ? 
'X-RAY DIFFRACTION' ? ?      ?      ?    ? r_nbtor_refined              ? ? 
'X-RAY DIFFRACTION' ? ?      ?      ?    ? r_nbtor_other                ? ? 
'X-RAY DIFFRACTION' ? ?      ?      ?    ? r_xyhbond_nbd_refined        ? ? 
'X-RAY DIFFRACTION' ? ?      ?      ?    ? r_xyhbond_nbd_other          ? ? 
'X-RAY DIFFRACTION' ? ?      ?      ?    ? r_metal_ion_refined          ? ? 
'X-RAY DIFFRACTION' ? ?      ?      ?    ? r_metal_ion_other            ? ? 
'X-RAY DIFFRACTION' ? ?      ?      ?    ? r_symmetry_vdw_refined       ? ? 
'X-RAY DIFFRACTION' ? ?      ?      ?    ? r_symmetry_vdw_other         ? ? 
'X-RAY DIFFRACTION' ? ?      ?      ?    ? r_symmetry_hbond_refined     ? ? 
'X-RAY DIFFRACTION' ? ?      ?      ?    ? r_symmetry_hbond_other       ? ? 
'X-RAY DIFFRACTION' ? ?      ?      ?    ? r_symmetry_metal_ion_refined ? ? 
'X-RAY DIFFRACTION' ? ?      ?      ?    ? r_symmetry_metal_ion_other   ? ? 
'X-RAY DIFFRACTION' ? 2.609  1.916  504  ? r_mcbond_it                  ? ? 
'X-RAY DIFFRACTION' ? 2.513  1.903  502  ? r_mcbond_other               ? ? 
'X-RAY DIFFRACTION' ? 3.960  2.840  628  ? r_mcangle_it                 ? ? 
'X-RAY DIFFRACTION' ? 3.958  2.849  629  ? r_mcangle_other              ? ? 
'X-RAY DIFFRACTION' ? 3.804  2.302  520  ? r_scbond_it                  ? ? 
'X-RAY DIFFRACTION' ? 3.773  2.282  517  ? r_scbond_other               ? ? 
'X-RAY DIFFRACTION' ? ?      ?      ?    ? r_scangle_it                 ? ? 
'X-RAY DIFFRACTION' ? 5.468  3.254  769  ? r_scangle_other              ? ? 
'X-RAY DIFFRACTION' ? 7.462  17.076 1208 ? r_long_range_B_refined       ? ? 
'X-RAY DIFFRACTION' ? 7.459  17.100 1209 ? r_long_range_B_other         ? ? 
'X-RAY DIFFRACTION' ? ?      ?      ?    ? r_rigid_bond_restr           ? ? 
'X-RAY DIFFRACTION' ? ?      ?      ?    ? r_sphericity_free            ? ? 
'X-RAY DIFFRACTION' ? ?      ?      ?    ? r_sphericity_bonded          ? ? 
# 
_refine_ls_shell.pdbx_refine_id                   'X-RAY DIFFRACTION' 
_refine_ls_shell.d_res_high                       1.615 
_refine_ls_shell.d_res_low                        1.657 
_refine_ls_shell.number_reflns_all                ? 
_refine_ls_shell.number_reflns_obs                ? 
_refine_ls_shell.number_reflns_R_free             73 
_refine_ls_shell.number_reflns_R_work             1400 
_refine_ls_shell.percent_reflns_obs               99.33 
_refine_ls_shell.percent_reflns_R_free            ? 
_refine_ls_shell.R_factor_all                     ? 
_refine_ls_shell.R_factor_obs                     ? 
_refine_ls_shell.R_factor_R_free                  0.366 
_refine_ls_shell.R_factor_R_free_error            ? 
_refine_ls_shell.R_factor_R_work                  0.311 
_refine_ls_shell.redundancy_reflns_all            ? 
_refine_ls_shell.redundancy_reflns_obs            ? 
_refine_ls_shell.wR_factor_all                    ? 
_refine_ls_shell.wR_factor_obs                    ? 
_refine_ls_shell.wR_factor_R_free                 ? 
_refine_ls_shell.wR_factor_R_work                 ? 
_refine_ls_shell.pdbx_total_number_of_bins_used   20 
_refine_ls_shell.pdbx_phase_error                 ? 
_refine_ls_shell.pdbx_fsc_work                    ? 
_refine_ls_shell.pdbx_fsc_free                    ? 
# 
_struct.entry_id                     6ANX 
_struct.title                        
'Peroxide Activation Regulated by Hydrogen Bonds within Artificial Cu Proteins - WT (low exposure)' 
_struct.pdbx_model_details           ? 
_struct.pdbx_formula_weight          ? 
_struct.pdbx_formula_weight_method   ? 
_struct.pdbx_model_type_details      ? 
_struct.pdbx_CASP_flag               N 
# 
_struct_keywords.entry_id        6ANX 
_struct_keywords.text            
;streptavidin, biotin, copper, hydroperoxo, secondary coordination sphere, hydrogen bond, biotin binding protein, METAL BINDING PROTEIN
;
_struct_keywords.pdbx_keywords   'METAL BINDING PROTEIN' 
# 
loop_
_struct_asym.id 
_struct_asym.pdbx_blank_PDB_chainid_flag 
_struct_asym.pdbx_modified 
_struct_asym.entity_id 
_struct_asym.details 
A N N 1 ? 
B N N 2 ? 
C N N 3 ? 
D N N 4 ? 
E N N 5 ? 
# 
loop_
_struct_conf.conf_type_id 
_struct_conf.id 
_struct_conf.pdbx_PDB_helix_id 
_struct_conf.beg_label_comp_id 
_struct_conf.beg_label_asym_id 
_struct_conf.beg_label_seq_id 
_struct_conf.pdbx_beg_PDB_ins_code 
_struct_conf.end_label_comp_id 
_struct_conf.end_label_asym_id 
_struct_conf.end_label_seq_id 
_struct_conf.pdbx_end_PDB_ins_code 
_struct_conf.beg_auth_comp_id 
_struct_conf.beg_auth_asym_id 
_struct_conf.beg_auth_seq_id 
_struct_conf.end_auth_comp_id 
_struct_conf.end_auth_asym_id 
_struct_conf.end_auth_seq_id 
_struct_conf.pdbx_PDB_helix_class 
_struct_conf.details 
_struct_conf.pdbx_PDB_helix_length 
HELX_P HELX_P1 AA1 ASP A 13  ? THR A 18  ? ASP A 13  THR A 18  1 ? 6 
HELX_P HELX_P2 AA2 THR A 115 ? LYS A 121 ? THR A 115 LYS A 121 5 ? 7 
# 
_struct_conf_type.id          HELX_P 
_struct_conf_type.criteria    ? 
_struct_conf_type.reference   ? 
# 
_struct_sheet.id               AA1 
_struct_sheet.type             ? 
_struct_sheet.number_strands   9 
_struct_sheet.details          ? 
# 
loop_
_struct_sheet_order.sheet_id 
_struct_sheet_order.range_id_1 
_struct_sheet_order.range_id_2 
_struct_sheet_order.offset 
_struct_sheet_order.sense 
AA1 1 2 ? anti-parallel 
AA1 2 3 ? anti-parallel 
AA1 3 4 ? anti-parallel 
AA1 4 5 ? anti-parallel 
AA1 5 6 ? anti-parallel 
AA1 6 7 ? anti-parallel 
AA1 7 8 ? anti-parallel 
AA1 8 9 ? anti-parallel 
# 
loop_
_struct_sheet_range.sheet_id 
_struct_sheet_range.id 
_struct_sheet_range.beg_label_comp_id 
_struct_sheet_range.beg_label_asym_id 
_struct_sheet_range.beg_label_seq_id 
_struct_sheet_range.pdbx_beg_PDB_ins_code 
_struct_sheet_range.end_label_comp_id 
_struct_sheet_range.end_label_asym_id 
_struct_sheet_range.end_label_seq_id 
_struct_sheet_range.pdbx_end_PDB_ins_code 
_struct_sheet_range.beg_auth_comp_id 
_struct_sheet_range.beg_auth_asym_id 
_struct_sheet_range.beg_auth_seq_id 
_struct_sheet_range.end_auth_comp_id 
_struct_sheet_range.end_auth_asym_id 
_struct_sheet_range.end_auth_seq_id 
AA1 1 GLY A 19  ? ASN A 23  ? GLY A 19  ASN A 23  
AA1 2 THR A 28  ? ALA A 33  ? THR A 28  ALA A 33  
AA1 3 ALA A 38  ? GLU A 44  ? ALA A 38  GLU A 44  
AA1 4 TYR A 54  ? TYR A 60  ? TYR A 54  TYR A 60  
AA1 5 THR A 71  ? LYS A 80  ? THR A 71  LYS A 80  
AA1 6 ASN A 85  ? VAL A 97  ? ASN A 85  VAL A 97  
AA1 7 ARG A 103 ? SER A 112 ? ARG A 103 SER A 112 
AA1 8 THR A 123 ? THR A 131 ? THR A 123 THR A 131 
AA1 9 GLY A 19  ? ASN A 23  ? GLY A 19  ASN A 23  
# 
loop_
_pdbx_struct_sheet_hbond.sheet_id 
_pdbx_struct_sheet_hbond.range_id_1 
_pdbx_struct_sheet_hbond.range_id_2 
_pdbx_struct_sheet_hbond.range_1_label_atom_id 
_pdbx_struct_sheet_hbond.range_1_label_comp_id 
_pdbx_struct_sheet_hbond.range_1_label_asym_id 
_pdbx_struct_sheet_hbond.range_1_label_seq_id 
_pdbx_struct_sheet_hbond.range_1_PDB_ins_code 
_pdbx_struct_sheet_hbond.range_1_auth_atom_id 
_pdbx_struct_sheet_hbond.range_1_auth_comp_id 
_pdbx_struct_sheet_hbond.range_1_auth_asym_id 
_pdbx_struct_sheet_hbond.range_1_auth_seq_id 
_pdbx_struct_sheet_hbond.range_2_label_atom_id 
_pdbx_struct_sheet_hbond.range_2_label_comp_id 
_pdbx_struct_sheet_hbond.range_2_label_asym_id 
_pdbx_struct_sheet_hbond.range_2_label_seq_id 
_pdbx_struct_sheet_hbond.range_2_PDB_ins_code 
_pdbx_struct_sheet_hbond.range_2_auth_atom_id 
_pdbx_struct_sheet_hbond.range_2_auth_comp_id 
_pdbx_struct_sheet_hbond.range_2_auth_asym_id 
_pdbx_struct_sheet_hbond.range_2_auth_seq_id 
AA1 1 2 N TRP A 21  ? N TRP A 21  O PHE A 29  ? O PHE A 29  
AA1 2 3 N THR A 32  ? N THR A 32  O THR A 40  ? O THR A 40  
AA1 3 4 N LEU A 39  ? N LEU A 39  O GLY A 58  ? O GLY A 58  
AA1 4 5 N THR A 57  ? N THR A 57  O THR A 76  ? O THR A 76  
AA1 5 6 N LEU A 73  ? N LEU A 73  O GLY A 94  ? O GLY A 94  
AA1 6 7 N VAL A 97  ? N VAL A 97  O ARG A 103 ? O ARG A 103 
AA1 7 8 N LEU A 110 ? N LEU A 110 O LEU A 124 ? O LEU A 124 
AA1 8 9 O THR A 131 ? O THR A 131 N TYR A 22  ? N TYR A 22  
# 
loop_
_struct_site.id 
_struct_site.pdbx_evidence_code 
_struct_site.pdbx_auth_asym_id 
_struct_site.pdbx_auth_comp_id 
_struct_site.pdbx_auth_seq_id 
_struct_site.pdbx_auth_ins_code 
_struct_site.pdbx_num_residues 
_struct_site.details 
AC1 Software A SI0 201 ? 18 'binding site for residue SI0 A 201' 
AC2 Software A ACT 202 ? 4  'binding site for residue ACT A 202' 
AC3 Software A SO4 203 ? 4  'binding site for residue SO4 A 203' 
# 
loop_
_struct_site_gen.id 
_struct_site_gen.site_id 
_struct_site_gen.pdbx_num_res 
_struct_site_gen.label_comp_id 
_struct_site_gen.label_asym_id 
_struct_site_gen.label_seq_id 
_struct_site_gen.pdbx_auth_ins_code 
_struct_site_gen.auth_comp_id 
_struct_site_gen.auth_asym_id 
_struct_site_gen.auth_seq_id 
_struct_site_gen.label_atom_id 
_struct_site_gen.label_alt_id 
_struct_site_gen.symmetry 
_struct_site_gen.details 
1  AC1 18 ASN A 23  ? ASN A 23  . ? 1_555  ? 
2  AC1 18 LEU A 25  ? LEU A 25  . ? 1_555  ? 
3  AC1 18 SER A 27  ? SER A 27  . ? 1_555  ? 
4  AC1 18 TYR A 43  ? TYR A 43  . ? 1_555  ? 
5  AC1 18 SER A 45  ? SER A 45  . ? 1_555  ? 
6  AC1 18 VAL A 47  ? VAL A 47  . ? 1_555  ? 
7  AC1 18 GLY A 48  ? GLY A 48  . ? 1_555  ? 
8  AC1 18 ASN A 49  ? ASN A 49  . ? 1_555  ? 
9  AC1 18 TRP A 79  ? TRP A 79  . ? 1_555  ? 
10 AC1 18 ALA A 86  ? ALA A 86  . ? 1_555  ? 
11 AC1 18 SER A 88  ? SER A 88  . ? 1_555  ? 
12 AC1 18 THR A 90  ? THR A 90  . ? 1_555  ? 
13 AC1 18 TRP A 108 ? TRP A 108 . ? 1_555  ? 
14 AC1 18 SER A 112 ? SER A 112 . ? 1_555  ? 
15 AC1 18 TRP A 120 ? TRP A 120 . ? 10_665 ? 
16 AC1 18 ASP A 128 ? ASP A 128 . ? 1_555  ? 
17 AC1 18 ACT C .   ? ACT A 202 . ? 1_555  ? 
18 AC1 18 HOH E .   ? HOH A 342 . ? 1_555  ? 
19 AC2 4  GLY A 48  ? GLY A 48  . ? 1_555  ? 
20 AC2 4  LYS A 121 ? LYS A 121 . ? 10_665 ? 
21 AC2 4  SI0 B .   ? SI0 A 201 . ? 1_555  ? 
22 AC2 4  HOH E .   ? HOH A 316 . ? 1_555  ? 
23 AC3 4  GLY A 48  ? GLY A 48  . ? 1_555  ? 
24 AC3 4  ARG A 84  ? ARG A 84  . ? 5_554  ? 
25 AC3 4  ARG A 84  ? ARG A 84  . ? 1_555  ? 
26 AC3 4  HOH E .   ? HOH A 341 . ? 1_555  ? 
# 
_atom_sites.entry_id                    6ANX 
_atom_sites.fract_transf_matrix[1][1]   0.01451834 
_atom_sites.fract_transf_matrix[1][2]   0.00213274 
_atom_sites.fract_transf_matrix[1][3]   0.00925511 
_atom_sites.fract_transf_matrix[2][1]   -0.00945474 
_atom_sites.fract_transf_matrix[2][2]   0.00164000 
_atom_sites.fract_transf_matrix[2][3]   0.01445359 
_atom_sites.fract_transf_matrix[3][1]   0.00028312 
_atom_sites.fract_transf_matrix[3][2]   -0.00538012 
_atom_sites.fract_transf_matrix[3][3]   0.00079566 
_atom_sites.fract_transf_vector[1]      0.235970 
_atom_sites.fract_transf_vector[2]      0.422704 
_atom_sites.fract_transf_vector[3]      -0.008917 
# 
loop_
_atom_type.symbol 
C  
CU 
N  
O  
S  
# 
loop_
_atom_site.group_PDB 
_atom_site.id 
_atom_site.type_symbol 
_atom_site.label_atom_id 
_atom_site.label_alt_id 
_atom_site.label_comp_id 
_atom_site.label_asym_id 
_atom_site.label_entity_id 
_atom_site.label_seq_id 
_atom_site.pdbx_PDB_ins_code 
_atom_site.Cartn_x 
_atom_site.Cartn_y 
_atom_site.Cartn_z 
_atom_site.occupancy 
_atom_site.B_iso_or_equiv 
_atom_site.pdbx_formal_charge 
_atom_site.auth_seq_id 
_atom_site.auth_comp_id 
_atom_site.auth_asym_id 
_atom_site.auth_atom_id 
_atom_site.pdbx_PDB_model_num 
ATOM   1    N  N   . MET A 1 10  ? -5.884  -17.172 -10.640 1.00 67.29 ? 10  MET A N   1 
ATOM   2    C  CA  . MET A 1 10  ? -4.907  -18.273 -10.302 1.00 63.05 ? 10  MET A CA  1 
ATOM   3    C  C   . MET A 1 10  ? -4.269  -17.988 -8.910  1.00 53.42 ? 10  MET A C   1 
ATOM   4    O  O   . MET A 1 10  ? -4.139  -18.917 -8.112  1.00 46.94 ? 10  MET A O   1 
ATOM   5    C  CB  . MET A 1 10  ? -3.829  -18.480 -11.403 1.00 67.03 ? 10  MET A CB  1 
ATOM   6    C  CG  . MET A 1 10  ? -4.295  -18.420 -12.874 1.00 76.21 ? 10  MET A CG  1 
ATOM   7    S  SD  . MET A 1 10  ? -4.769  -20.009 -13.644 1.00 99.54 ? 10  MET A SD  1 
ATOM   8    C  CE  . MET A 1 10  ? -5.957  -19.473 -14.892 1.00 90.24 ? 10  MET A CE  1 
ATOM   9    N  N   . GLY A 1 11  ? -3.930  -16.715 -8.607  1.00 46.92 ? 11  GLY A N   1 
ATOM   10   C  CA  . GLY A 1 11  ? -3.498  -16.279 -7.226  1.00 44.35 ? 11  GLY A CA  1 
ATOM   11   C  C   . GLY A 1 11  ? -4.567  -16.608 -6.168  1.00 46.22 ? 11  GLY A C   1 
ATOM   12   O  O   . GLY A 1 11  ? -5.774  -16.343 -6.408  1.00 38.13 ? 11  GLY A O   1 
ATOM   13   N  N   . ARG A 1 12  ? -4.196  -17.171 -5.008  1.00 40.21 ? 12  ARG A N   1 
ATOM   14   C  CA  . ARG A 1 12  ? -5.237  -17.642 -4.027  1.00 42.82 ? 12  ARG A CA  1 
ATOM   15   C  C   . ARG A 1 12  ? -6.199  -16.492 -3.552  1.00 43.28 ? 12  ARG A C   1 
ATOM   16   O  O   . ARG A 1 12  ? -7.425  -16.624 -3.488  1.00 41.20 ? 12  ARG A O   1 
ATOM   17   C  CB  . ARG A 1 12  ? -4.510  -18.270 -2.846  1.00 43.23 ? 12  ARG A CB  1 
ATOM   18   C  CG  . ARG A 1 12  ? -5.332  -18.646 -1.618  1.00 56.05 ? 12  ARG A CG  1 
ATOM   19   C  CD  . ARG A 1 12  ? -6.122  -19.918 -1.869  1.00 62.82 ? 12  ARG A CD  1 
ATOM   20   N  NE  . ARG A 1 12  ? -7.076  -20.176 -0.793  1.00 74.43 ? 12  ARG A NE  1 
ATOM   21   C  CZ  . ARG A 1 12  ? -8.198  -19.477 -0.564  1.00 77.77 ? 12  ARG A CZ  1 
ATOM   22   N  NH1 . ARG A 1 12  ? -8.545  -18.426 -1.335  1.00 76.50 ? 12  ARG A NH1 1 
ATOM   23   N  NH2 . ARG A 1 12  ? -8.995  -19.833 0.452   1.00 76.63 ? 12  ARG A NH2 1 
ATOM   24   N  N   . ASP A 1 13  ? -5.608  -15.353 -3.213  1.00 39.81 ? 13  ASP A N   1 
ATOM   25   C  CA  . ASP A 1 13  ? -6.363  -14.177 -2.808  1.00 34.57 ? 13  ASP A CA  1 
ATOM   26   C  C   . ASP A 1 13  ? -6.359  -13.143 -3.890  1.00 35.35 ? 13  ASP A C   1 
ATOM   27   O  O   . ASP A 1 13  ? -6.594  -11.973 -3.611  1.00 29.56 ? 13  ASP A O   1 
ATOM   28   C  CB  . ASP A 1 13  ? -5.750  -13.625 -1.538  1.00 36.98 ? 13  ASP A CB  1 
ATOM   29   C  CG  . ASP A 1 13  ? -5.627  -14.663 -0.476  1.00 35.64 ? 13  ASP A CG  1 
ATOM   30   O  OD1 . ASP A 1 13  ? -6.687  -15.255 -0.044  1.00 33.30 ? 13  ASP A OD1 1 
ATOM   31   O  OD2 . ASP A 1 13  ? -4.482  -14.975 -0.112  1.00 30.31 ? 13  ASP A OD2 1 
ATOM   32   N  N   . GLU A 1 14  ? -6.076  -13.529 -5.148  1.00 30.13 ? 14  GLU A N   1 
ATOM   33   C  CA  . GLU A 1 14  ? -6.164  -12.574 -6.209  1.00 29.32 ? 14  GLU A CA  1 
ATOM   34   C  C   . GLU A 1 14  ? -7.535  -11.801 -6.157  1.00 32.83 ? 14  GLU A C   1 
ATOM   35   O  O   . GLU A 1 14  ? -7.607  -10.559 -6.136  1.00 27.26 ? 14  GLU A O   1 
ATOM   36   C  CB  . GLU A 1 14  ? -6.003  -13.337 -7.538  1.00 29.35 ? 14  GLU A CB  1 
ATOM   37   C  CG  . GLU A 1 14  ? -5.946  -12.415 -8.672  1.00 30.93 ? 14  GLU A CG  1 
ATOM   38   C  CD  . GLU A 1 14  ? -5.595  -13.093 -9.999  1.00 36.13 ? 14  GLU A CD  1 
ATOM   39   O  OE1 . GLU A 1 14  ? -5.613  -12.352 -11.012 1.00 40.42 ? 14  GLU A OE1 1 
ATOM   40   O  OE2 . GLU A 1 14  ? -5.353  -14.330 -9.995  1.00 34.14 ? 14  GLU A OE2 1 
ATOM   41   N  N   . ALA A 1 15  ? -8.639  -12.561 -6.082  1.00 28.26 ? 15  ALA A N   1 
ATOM   42   C  CA  . ALA A 1 15  ? -9.946  -11.947 -6.042  1.00 31.34 ? 15  ALA A CA  1 
ATOM   43   C  C   . ALA A 1 15  ? -10.162 -11.127 -4.748  1.00 28.18 ? 15  ALA A C   1 
ATOM   44   O  O   . ALA A 1 15  ? -10.763 -10.022 -4.782  1.00 31.87 ? 15  ALA A O   1 
ATOM   45   C  CB  . ALA A 1 15  ? -11.019 -13.035 -6.191  1.00 34.52 ? 15  ALA A CB  1 
ATOM   46   N  N   . GLY A 1 16  ? -9.651  -11.626 -3.622  1.00 23.38 ? 16  GLY A N   1 
ATOM   47   C  CA  . GLY A 1 16  ? -9.925  -10.966 -2.316  1.00 19.89 ? 16  GLY A CA  1 
ATOM   48   C  C   . GLY A 1 16  ? -9.152  -9.628  -2.215  1.00 20.53 ? 16  GLY A C   1 
ATOM   49   O  O   . GLY A 1 16  ? -9.653  -8.657  -1.648  1.00 20.44 ? 16  GLY A O   1 
ATOM   50   N  N   . ILE A 1 17  ? -7.969  -9.549  -2.835  1.00 17.42 ? 17  ILE A N   1 
ATOM   51   C  CA  . ILE A 1 17  ? -7.145  -8.324  -2.738  1.00 17.89 ? 17  ILE A CA  1 
ATOM   52   C  C   . ILE A 1 17  ? -7.570  -7.255  -3.731  1.00 17.38 ? 17  ILE A C   1 
ATOM   53   O  O   . ILE A 1 17  ? -7.580  -6.037  -3.464  1.00 17.78 ? 17  ILE A O   1 
ATOM   54   C  CB  . ILE A 1 17  ? -5.640  -8.683  -2.916  1.00 18.40 ? 17  ILE A CB  1 
ATOM   55   C  CG1 . ILE A 1 17  ? -5.110  -9.450  -1.693  1.00 18.95 ? 17  ILE A CG1 1 
ATOM   56   C  CG2 . ILE A 1 17  ? -4.815  -7.430  -3.115  1.00 17.14 ? 17  ILE A CG2 1 
ATOM   57   C  CD1 . ILE A 1 17  ? -3.785  -10.157 -1.961  1.00 19.87 ? 17  ILE A CD1 1 
ATOM   58   N  N   . THR A 1 18  ? -7.873  -7.693  -4.940  1.00 17.29 ? 18  THR A N   1 
ATOM   59   C  CA  . THR A 1 18  ? -8.205  -6.763  -6.034  1.00 18.15 ? 18  THR A CA  1 
ATOM   60   C  C   . THR A 1 18  ? -9.449  -5.942  -5.649  1.00 18.64 ? 18  THR A C   1 
ATOM   61   O  O   . THR A 1 18  ? -10.477 -6.462  -5.129  1.00 19.66 ? 18  THR A O   1 
ATOM   62   C  CB  . THR A 1 18  ? -8.500  -7.554  -7.318  1.00 17.51 ? 18  THR A CB  1 
ATOM   63   O  OG1 . THR A 1 18  ? -7.283  -8.157  -7.834  1.00 19.16 ? 18  THR A OG1 1 
ATOM   64   C  CG2 . THR A 1 18  ? -9.171  -6.668  -8.426  1.00 17.98 ? 18  THR A CG2 1 
ATOM   65   N  N   . GLY A 1 19  ? -9.344  -4.643  -5.860  1.00 16.31 ? 19  GLY A N   1 
ATOM   66   C  CA  . GLY A 1 19  ? -10.424 -3.695  -5.567  1.00 17.01 ? 19  GLY A CA  1 
ATOM   67   C  C   . GLY A 1 19  ? -10.014 -2.448  -4.861  1.00 19.04 ? 19  GLY A C   1 
ATOM   68   O  O   . GLY A 1 19  ? -8.786  -2.096  -4.830  1.00 16.68 ? 19  GLY A O   1 
ATOM   69   N  N   . THR A 1 20  ? -10.986 -1.834  -4.172  1.00 16.68 ? 20  THR A N   1 
ATOM   70   C  CA  . THR A 1 20  ? -10.781 -0.501  -3.565  1.00 16.42 ? 20  THR A CA  1 
ATOM   71   C  C   . THR A 1 20  ? -10.733 -0.691  -2.063  1.00 19.73 ? 20  THR A C   1 
ATOM   72   O  O   . THR A 1 20  ? -11.559 -1.428  -1.520  1.00 18.59 ? 20  THR A O   1 
ATOM   73   C  CB  . THR A 1 20  ? -11.915 0.464   -3.948  1.00 19.64 ? 20  THR A CB  1 
ATOM   74   O  OG1 . THR A 1 20  ? -11.896 0.640   -5.368  1.00 19.30 ? 20  THR A OG1 1 
ATOM   75   C  CG2 . THR A 1 20  ? -11.678 1.798   -3.309  1.00 17.55 ? 20  THR A CG2 1 
ATOM   76   N  N   . TRP A 1 21  ? -9.695  -0.097  -1.418  1.00 15.87 ? 21  TRP A N   1 
ATOM   77   C  CA  . TRP A 1 21  ? -9.488  -0.160  -0.014  1.00 15.66 ? 21  TRP A CA  1 
ATOM   78   C  C   . TRP A 1 21  ? -9.366  1.231   0.567   1.00 14.57 ? 21  TRP A C   1 
ATOM   79   O  O   . TRP A 1 21  ? -8.946  2.114   -0.077  1.00 13.38 ? 21  TRP A O   1 
ATOM   80   C  CB  . TRP A 1 21  ? -8.226  -1.011  0.309   1.00 15.30 ? 21  TRP A CB  1 
ATOM   81   C  CG  . TRP A 1 21  ? -8.306  -2.415  -0.112  1.00 14.98 ? 21  TRP A CG  1 
ATOM   82   C  CD1 . TRP A 1 21  ? -7.994  -2.942  -1.342  1.00 16.25 ? 21  TRP A CD1 1 
ATOM   83   C  CD2 . TRP A 1 21  ? -8.648  -3.503  0.709   1.00 13.65 ? 21  TRP A CD2 1 
ATOM   84   N  NE1 . TRP A 1 21  ? -8.102  -4.302  -1.317  1.00 16.09 ? 21  TRP A NE1 1 
ATOM   85   C  CE2 . TRP A 1 21  ? -8.558  -4.669  -0.072  1.00 15.81 ? 21  TRP A CE2 1 
ATOM   86   C  CE3 . TRP A 1 21  ? -8.978  -3.610  2.044   1.00 15.01 ? 21  TRP A CE3 1 
ATOM   87   C  CZ2 . TRP A 1 21  ? -8.779  -5.945  0.474   1.00 14.65 ? 21  TRP A CZ2 1 
ATOM   88   C  CZ3 . TRP A 1 21  ? -9.229  -4.833  2.564   1.00 17.09 ? 21  TRP A CZ3 1 
ATOM   89   C  CH2 . TRP A 1 21  ? -9.137  -5.987  1.800   1.00 16.93 ? 21  TRP A CH2 1 
ATOM   90   N  N   . TYR A 1 22  ? -9.789  1.384   1.836   1.00 14.53 ? 22  TYR A N   1 
ATOM   91   C  CA  . TYR A 1 22  ? -9.731  2.638   2.523   1.00 14.13 ? 22  TYR A CA  1 
ATOM   92   C  C   . TYR A 1 22  ? -9.014  2.495   3.916   1.00 14.35 ? 22  TYR A C   1 
ATOM   93   O  O   . TYR A 1 22  ? -9.221  1.509   4.594   1.00 14.45 ? 22  TYR A O   1 
ATOM   94   C  CB  . TYR A 1 22  ? -11.166 3.084   2.834   1.00 17.54 ? 22  TYR A CB  1 
ATOM   95   C  CG  . TYR A 1 22  ? -12.070 3.130   1.606   1.00 15.54 ? 22  TYR A CG  1 
ATOM   96   C  CD1 . TYR A 1 22  ? -12.060 4.188   0.726   1.00 17.66 ? 22  TYR A CD1 1 
ATOM   97   C  CD2 . TYR A 1 22  ? -12.899 2.017   1.325   1.00 19.64 ? 22  TYR A CD2 1 
ATOM   98   C  CE1 . TYR A 1 22  ? -12.883 4.218   -0.403  1.00 19.68 ? 22  TYR A CE1 1 
ATOM   99   C  CE2 . TYR A 1 22  ? -13.679 2.026   0.202   1.00 20.20 ? 22  TYR A CE2 1 
ATOM   100  C  CZ  . TYR A 1 22  ? -13.701 3.134   -0.647  1.00 22.27 ? 22  TYR A CZ  1 
ATOM   101  O  OH  . TYR A 1 22  ? -14.521 3.109   -1.805  1.00 19.75 ? 22  TYR A OH  1 
ATOM   102  N  N   . ASN A 1 23  ? -8.150  3.441   4.296   1.00 14.20 ? 23  ASN A N   1 
ATOM   103  C  CA  . ASN A 1 23  ? -7.556  3.301   5.562   1.00 15.73 ? 23  ASN A CA  1 
ATOM   104  C  C   . ASN A 1 23  ? -8.151  4.258   6.609   1.00 17.19 ? 23  ASN A C   1 
ATOM   105  O  O   . ASN A 1 23  ? -9.063  5.050   6.306   1.00 16.44 ? 23  ASN A O   1 
ATOM   106  C  CB  . ASN A 1 23  ? -6.021  3.406   5.477   1.00 13.83 ? 23  ASN A CB  1 
ATOM   107  C  CG  . ASN A 1 23  ? -5.521  4.821   5.176   1.00 13.84 ? 23  ASN A CG  1 
ATOM   108  O  OD1 . ASN A 1 23  ? -6.223  5.837   5.299   1.00 12.79 ? 23  ASN A OD1 1 
ATOM   109  N  ND2 . ASN A 1 23  ? -4.229  4.904   4.889   1.00 13.51 ? 23  ASN A ND2 1 
ATOM   110  N  N   . GLN A 1 24  ? -7.541  4.244   7.787   1.00 15.69 ? 24  GLN A N   1 
ATOM   111  C  CA  . GLN A 1 24  ? -8.089  5.011   8.968   1.00 17.49 ? 24  GLN A CA  1 
ATOM   112  C  C   . GLN A 1 24  ? -7.916  6.499   8.797   1.00 18.27 ? 24  GLN A C   1 
ATOM   113  O  O   . GLN A 1 24  ? -8.481  7.293   9.542   1.00 19.14 ? 24  GLN A O   1 
ATOM   114  C  CB  . GLN A 1 24  ? -7.444  4.500   10.261  1.00 15.92 ? 24  GLN A CB  1 
ATOM   115  C  CG  . GLN A 1 24  ? -5.964  4.946   10.512  1.00 16.57 ? 24  GLN A CG  1 
ATOM   116  C  CD  . GLN A 1 24  ? -4.906  4.343   9.532   1.00 16.26 ? 24  GLN A CD  1 
ATOM   117  O  OE1 . GLN A 1 24  ? -5.133  3.339   8.830   1.00 16.53 ? 24  GLN A OE1 1 
ATOM   118  N  NE2 . GLN A 1 24  ? -3.727  4.999   9.512   1.00 17.40 ? 24  GLN A NE2 1 
ATOM   119  N  N   . LEU A 1 25  ? -7.123  6.926   7.835   1.00 14.67 ? 25  LEU A N   1 
ATOM   120  C  CA  . LEU A 1 25  ? -6.876  8.346   7.547   1.00 16.54 ? 25  LEU A CA  1 
ATOM   121  C  C   . LEU A 1 25  ? -7.856  8.876   6.489   1.00 19.11 ? 25  LEU A C   1 
ATOM   122  O  O   . LEU A 1 25  ? -7.838  10.106  6.223   1.00 22.95 ? 25  LEU A O   1 
ATOM   123  C  CB  . LEU A 1 25  ? -5.481  8.581   7.087   1.00 17.15 ? 25  LEU A CB  1 
ATOM   124  C  CG  . LEU A 1 25  ? -4.348  8.273   8.067   1.00 19.46 ? 25  LEU A CG  1 
ATOM   125  C  CD1 . LEU A 1 25  ? -3.004  8.318   7.370   1.00 19.40 ? 25  LEU A CD1 1 
ATOM   126  C  CD2 . LEU A 1 25  ? -4.406  9.289   9.183   1.00 22.82 ? 25  LEU A CD2 1 
ATOM   127  N  N   . GLY A 1 26  ? -8.609  7.990   5.887   1.00 18.38 ? 26  GLY A N   1 
ATOM   128  C  CA  . GLY A 1 26  ? -9.427  8.341   4.735   1.00 19.62 ? 26  GLY A CA  1 
ATOM   129  C  C   . GLY A 1 26  ? -8.762  8.278   3.382   1.00 19.86 ? 26  GLY A C   1 
ATOM   130  O  O   . GLY A 1 26  ? -9.414  8.620   2.410   1.00 18.47 ? 26  GLY A O   1 
ATOM   131  N  N   . SER A 1 27  ? -7.552  7.693   3.289   1.00 15.22 ? 27  SER A N   1 
ATOM   132  C  CA  . SER A 1 27  ? -6.886  7.421   2.025   1.00 15.03 ? 27  SER A CA  1 
ATOM   133  C  C   . SER A 1 27  ? -7.545  6.278   1.247   1.00 14.69 ? 27  SER A C   1 
ATOM   134  O  O   . SER A 1 27  ? -8.111  5.377   1.858   1.00 16.33 ? 27  SER A O   1 
ATOM   135  C  CB  . SER A 1 27  ? -5.378  7.175   2.241   1.00 15.00 ? 27  SER A CB  1 
ATOM   136  O  OG  . SER A 1 27  ? -4.806  8.252   2.929   1.00 14.85 ? 27  SER A OG  1 
ATOM   137  N  N   . THR A 1 28  ? -7.358  6.256   -0.062  1.00 14.82 ? 28  THR A N   1 
ATOM   138  C  CA  . THR A 1 28  ? -7.969  5.272   -0.967  1.00 15.98 ? 28  THR A CA  1 
ATOM   139  C  C   . THR A 1 28  ? -6.920  4.599   -1.751  1.00 15.65 ? 28  THR A C   1 
ATOM   140  O  O   . THR A 1 28  ? -6.075  5.276   -2.388  1.00 16.81 ? 28  THR A O   1 
ATOM   141  C  CB  . THR A 1 28  ? -8.896  6.003   -2.010  1.00 19.67 ? 28  THR A CB  1 
ATOM   142  O  OG1 . THR A 1 28  ? -9.849  6.777   -1.309  1.00 21.89 ? 28  THR A OG1 1 
ATOM   143  C  CG2 . THR A 1 28  ? -9.685  4.985   -2.820  1.00 24.36 ? 28  THR A CG2 1 
ATOM   144  N  N   . PHE A 1 29  ? -6.911  3.283   -1.717  1.00 14.68 ? 29  PHE A N   1 
ATOM   145  C  CA  A PHE A 1 29  ? -5.939  2.371   -2.353  0.50 13.32 ? 29  PHE A CA  1 
ATOM   146  C  CA  B PHE A 1 29  ? -6.110  2.664   -2.730  0.50 19.69 ? 29  PHE A CA  1 
ATOM   147  C  C   . PHE A 1 29  ? -6.768  1.539   -3.393  1.00 18.16 ? 29  PHE A C   1 
ATOM   148  O  O   . PHE A 1 29  ? -7.620  0.809   -2.875  1.00 18.53 ? 29  PHE A O   1 
ATOM   149  C  CB  A PHE A 1 29  ? -5.294  1.569   -1.170  0.50 9.63  ? 29  PHE A CB  1 
ATOM   150  C  CB  B PHE A 1 29  ? -4.743  2.268   -2.328  0.50 22.77 ? 29  PHE A CB  1 
ATOM   151  C  CG  A PHE A 1 29  ? -4.466  0.357   -1.541  0.50 8.65  ? 29  PHE A CG  1 
ATOM   152  C  CG  B PHE A 1 29  ? -4.673  0.939   -1.771  0.50 22.80 ? 29  PHE A CG  1 
ATOM   153  C  CD1 A PHE A 1 29  ? -3.435  0.406   -2.443  0.50 7.61  ? 29  PHE A CD1 1 
ATOM   154  C  CD1 B PHE A 1 29  ? -4.771  0.789   -0.463  0.50 23.84 ? 29  PHE A CD1 1 
ATOM   155  C  CD2 A PHE A 1 29  ? -4.585  -0.812  -0.791  0.50 7.77  ? 29  PHE A CD2 1 
ATOM   156  C  CD2 B PHE A 1 29  ? -4.537  -0.157  -2.578  0.50 26.08 ? 29  PHE A CD2 1 
ATOM   157  C  CE1 A PHE A 1 29  ? -2.675  -0.697  -2.715  0.50 7.25  ? 29  PHE A CE1 1 
ATOM   158  C  CE1 B PHE A 1 29  ? -4.684  -0.456  0.086   0.50 24.57 ? 29  PHE A CE1 1 
ATOM   159  C  CE2 A PHE A 1 29  ? -3.772  -1.899  -1.043  0.50 7.54  ? 29  PHE A CE2 1 
ATOM   160  C  CE2 B PHE A 1 29  ? -4.503  -1.413  -2.046  0.50 28.25 ? 29  PHE A CE2 1 
ATOM   161  C  CZ  A PHE A 1 29  ? -2.865  -1.861  -2.045  0.50 7.47  ? 29  PHE A CZ  1 
ATOM   162  C  CZ  B PHE A 1 29  ? -4.586  -1.559  -0.708  0.50 24.74 ? 29  PHE A CZ  1 
ATOM   163  N  N   . ILE A 1 30  ? -6.449  1.616   -4.673  1.00 15.66 ? 30  ILE A N   1 
ATOM   164  C  CA  . ILE A 1 30  ? -7.094  0.902   -5.693  1.00 18.32 ? 30  ILE A CA  1 
ATOM   165  C  C   . ILE A 1 30  ? -6.084  -0.010  -6.322  1.00 17.38 ? 30  ILE A C   1 
ATOM   166  O  O   . ILE A 1 30  ? -5.065  0.452   -6.756  1.00 17.42 ? 30  ILE A O   1 
ATOM   167  C  CB  . ILE A 1 30  ? -7.704  1.873   -6.725  1.00 24.09 ? 30  ILE A CB  1 
ATOM   168  C  CG1 . ILE A 1 30  ? -8.751  2.731   -6.019  1.00 23.65 ? 30  ILE A CG1 1 
ATOM   169  C  CG2 . ILE A 1 30  ? -8.326  1.037   -7.843  1.00 27.41 ? 30  ILE A CG2 1 
ATOM   170  C  CD1 . ILE A 1 30  ? -9.361  3.802   -6.902  1.00 26.43 ? 30  ILE A CD1 1 
ATOM   171  N  N   . VAL A 1 31  ? -6.311  -1.315  -6.211  1.00 16.59 ? 31  VAL A N   1 
ATOM   172  C  CA  . VAL A 1 31  ? -5.312  -2.295  -6.583  1.00 16.91 ? 31  VAL A CA  1 
ATOM   173  C  C   . VAL A 1 31  ? -5.857  -3.391  -7.451  1.00 17.78 ? 31  VAL A C   1 
ATOM   174  O  O   . VAL A 1 31  ? -6.970  -3.875  -7.233  1.00 17.82 ? 31  VAL A O   1 
ATOM   175  C  CB  . VAL A 1 31  ? -4.557  -2.831  -5.338  1.00 18.93 ? 31  VAL A CB  1 
ATOM   176  C  CG1 . VAL A 1 31  ? -5.503  -3.654  -4.418  1.00 17.95 ? 31  VAL A CG1 1 
ATOM   177  C  CG2 . VAL A 1 31  ? -3.218  -3.538  -5.743  1.00 20.01 ? 31  VAL A CG2 1 
ATOM   178  N  N   . THR A 1 32  ? -4.990  -3.877  -8.384  1.00 16.78 ? 32  THR A N   1 
ATOM   179  C  CA  . THR A 1 32  ? -5.249  -5.120  -9.047  1.00 17.34 ? 32  THR A CA  1 
ATOM   180  C  C   . THR A 1 32  ? -4.170  -6.099  -8.704  1.00 18.63 ? 32  THR A C   1 
ATOM   181  O  O   . THR A 1 32  ? -2.989  -5.796  -8.873  1.00 16.87 ? 32  THR A O   1 
ATOM   182  C  CB  . THR A 1 32  ? -5.324  -4.926  -10.568 1.00 21.47 ? 32  THR A CB  1 
ATOM   183  O  OG1 . THR A 1 32  ? -6.411  -4.038  -10.858 1.00 23.17 ? 32  THR A OG1 1 
ATOM   184  C  CG2 . THR A 1 32  ? -5.576  -6.279  -11.312 1.00 23.75 ? 32  THR A CG2 1 
ATOM   185  N  N   . ALA A 1 33  ? -4.570  -7.300  -8.290  1.00 17.88 ? 33  ALA A N   1 
ATOM   186  C  CA  . ALA A 1 33  ? -3.618  -8.371  -7.951  1.00 19.61 ? 33  ALA A CA  1 
ATOM   187  C  C   . ALA A 1 33  ? -3.592  -9.299  -9.155  1.00 22.90 ? 33  ALA A C   1 
ATOM   188  O  O   . ALA A 1 33  ? -4.654  -9.741  -9.623  1.00 22.75 ? 33  ALA A O   1 
ATOM   189  C  CB  . ALA A 1 33  ? -4.063  -9.093  -6.712  1.00 19.60 ? 33  ALA A CB  1 
ATOM   190  N  N   . GLY A 1 34  ? -2.405  -9.523  -9.688  1.00 19.75 ? 34  GLY A N   1 
ATOM   191  C  CA  . GLY A 1 34  ? -2.133  -10.390 -10.847 1.00 20.08 ? 34  GLY A CA  1 
ATOM   192  C  C   . GLY A 1 34  ? -1.883  -11.832 -10.415 1.00 20.09 ? 34  GLY A C   1 
ATOM   193  O  O   . GLY A 1 34  ? -1.578  -12.134 -9.255  1.00 20.35 ? 34  GLY A O   1 
ATOM   194  N  N   . ALA A 1 35  ? -2.153  -12.784 -11.317 1.00 21.03 ? 35  ALA A N   1 
ATOM   195  C  CA  . ALA A 1 35  ? -2.089  -14.217 -10.956 1.00 24.99 ? 35  ALA A CA  1 
ATOM   196  C  C   . ALA A 1 35  ? -0.719  -14.719 -10.412 1.00 27.79 ? 35  ALA A C   1 
ATOM   197  O  O   . ALA A 1 35  ? -0.668  -15.643 -9.592  1.00 33.03 ? 35  ALA A O   1 
ATOM   198  C  CB  . ALA A 1 35  ? -2.511  -15.087 -12.169 1.00 27.17 ? 35  ALA A CB  1 
ATOM   199  N  N   . ASP A 1 36  ? 0.274   -14.016 -10.897 1.00 29.14 ? 36  ASP A N   1 
ATOM   200  C  CA  . ASP A 1 36  ? 1.693   -14.173 -10.757 1.00 36.10 ? 36  ASP A CA  1 
ATOM   201  C  C   . ASP A 1 36  ? 2.261   -13.476 -9.475  1.00 32.85 ? 36  ASP A C   1 
ATOM   202  O  O   . ASP A 1 36  ? 3.363   -13.811 -9.059  1.00 36.21 ? 36  ASP A O   1 
ATOM   203  C  CB  . ASP A 1 36  ? 2.356   -13.532 -12.059 1.00 38.17 ? 36  ASP A CB  1 
ATOM   204  C  CG  . ASP A 1 36  ? 1.990   -11.918 -12.298 1.00 49.66 ? 36  ASP A CG  1 
ATOM   205  O  OD1 . ASP A 1 36  ? 1.117   -11.321 -11.651 1.00 32.23 ? 36  ASP A OD1 1 
ATOM   206  O  OD2 . ASP A 1 36  ? 2.568   -11.191 -13.155 1.00 49.85 ? 36  ASP A OD2 1 
ATOM   207  N  N   . GLY A 1 37  ? 1.496   -12.650 -8.754  1.00 20.89 ? 37  GLY A N   1 
ATOM   208  C  CA  . GLY A 1 37  ? 2.106   -11.994 -7.622  1.00 18.60 ? 37  GLY A CA  1 
ATOM   209  C  C   . GLY A 1 37  ? 2.134   -10.525 -7.793  1.00 16.57 ? 37  GLY A C   1 
ATOM   210  O  O   . GLY A 1 37  ? 2.618   -9.883  -6.856  1.00 15.67 ? 37  GLY A O   1 
ATOM   211  N  N   . ALA A 1 38  ? 1.784   -9.969  -8.964  1.00 16.16 ? 38  ALA A N   1 
ATOM   212  C  CA  . ALA A 1 38  ? 1.886   -8.528  -9.122  1.00 15.94 ? 38  ALA A CA  1 
ATOM   213  C  C   . ALA A 1 38  ? 0.800   -7.748  -8.399  1.00 16.92 ? 38  ALA A C   1 
ATOM   214  O  O   . ALA A 1 38  ? -0.369  -8.189  -8.360  1.00 15.03 ? 38  ALA A O   1 
ATOM   215  C  CB  . ALA A 1 38  ? 1.868   -8.153  -10.583 1.00 21.06 ? 38  ALA A CB  1 
ATOM   216  N  N   . LEU A 1 39  ? 1.143   -6.548  -7.910  1.00 15.74 ? 39  LEU A N   1 
ATOM   217  C  CA  . LEU A 1 39  ? 0.149   -5.535  -7.506  1.00 14.58 ? 39  LEU A CA  1 
ATOM   218  C  C   . LEU A 1 39  ? 0.373   -4.268  -8.302  1.00 14.54 ? 39  LEU A C   1 
ATOM   219  O  O   . LEU A 1 39  ? 1.491   -3.824  -8.431  1.00 15.25 ? 39  LEU A O   1 
ATOM   220  C  CB  . LEU A 1 39  ? 0.228   -5.180  -6.033  1.00 14.81 ? 39  LEU A CB  1 
ATOM   221  C  CG  . LEU A 1 39  ? 0.100   -6.317  -5.009  1.00 14.71 ? 39  LEU A CG  1 
ATOM   222  C  CD1 . LEU A 1 39  ? 0.341   -5.853  -3.583  1.00 14.60 ? 39  LEU A CD1 1 
ATOM   223  C  CD2 . LEU A 1 39  ? -1.248  -6.913  -5.085  1.00 14.54 ? 39  LEU A CD2 1 
ATOM   224  N  N   . THR A 1 40  ? -0.698  -3.769  -8.878  1.00 14.64 ? 40  THR A N   1 
ATOM   225  C  CA  A THR A 1 40  ? -0.661  -2.487  -9.607  0.50 15.34 ? 40  THR A CA  1 
ATOM   226  C  CA  B THR A 1 40  ? -0.675  -2.531  -9.660  0.50 15.65 ? 40  THR A CA  1 
ATOM   227  C  C   . THR A 1 40  ? -1.895  -1.683  -9.271  1.00 16.64 ? 40  THR A C   1 
ATOM   228  O  O   . THR A 1 40  ? -2.955  -2.235  -9.097  1.00 18.30 ? 40  THR A O   1 
ATOM   229  C  CB  A THR A 1 40  ? -0.644  -2.645  -11.142 0.50 15.90 ? 40  THR A CB  1 
ATOM   230  C  CB  B THR A 1 40  ? -0.721  -2.835  -11.186 0.50 17.00 ? 40  THR A CB  1 
ATOM   231  O  OG1 A THR A 1 40  ? -1.718  -3.494  -11.534 0.50 15.69 ? 40  THR A OG1 1 
ATOM   232  O  OG1 B THR A 1 40  ? 0.118   -3.994  -11.481 0.50 15.49 ? 40  THR A OG1 1 
ATOM   233  C  CG2 A THR A 1 40  ? 0.646   -3.276  -11.583 0.50 15.82 ? 40  THR A CG2 1 
ATOM   234  C  CG2 B THR A 1 40  ? -0.316  -1.586  -11.983 0.50 17.81 ? 40  THR A CG2 1 
ATOM   235  N  N   . GLY A 1 41  ? -1.755  -0.356  -9.271  1.00 15.45 ? 41  GLY A N   1 
ATOM   236  C  CA  . GLY A 1 41  ? -2.909  0.480   -9.009  1.00 15.67 ? 41  GLY A CA  1 
ATOM   237  C  C   . GLY A 1 41  ? -2.551  1.932   -8.746  1.00 13.69 ? 41  GLY A C   1 
ATOM   238  O  O   . GLY A 1 41  ? -1.550  2.429   -9.280  1.00 13.88 ? 41  GLY A O   1 
ATOM   239  N  N   . THR A 1 42  ? -3.406  2.548   -7.935  1.00 13.94 ? 42  THR A N   1 
ATOM   240  C  CA  . THR A 1 42  ? -3.275  3.949   -7.587  1.00 14.82 ? 42  THR A CA  1 
ATOM   241  C  C   . THR A 1 42  ? -3.533  4.179   -6.111  1.00 13.74 ? 42  THR A C   1 
ATOM   242  O  O   . THR A 1 42  ? -4.311  3.418   -5.500  1.00 14.62 ? 42  THR A O   1 
ATOM   243  C  CB  . THR A 1 42  ? -4.218  4.896   -8.443  1.00 16.10 ? 42  THR A CB  1 
ATOM   244  O  OG1 . THR A 1 42  ? -5.584  4.565   -8.163  1.00 17.25 ? 42  THR A OG1 1 
ATOM   245  C  CG2 . THR A 1 42  ? -3.902  4.756   -9.928  1.00 18.76 ? 42  THR A CG2 1 
ATOM   246  N  N   . TYR A 1 43  ? -2.924  5.253   -5.549  1.00 13.36 ? 43  TYR A N   1 
ATOM   247  C  CA  . TYR A 1 43  ? -3.117  5.571   -4.183  1.00 13.08 ? 43  TYR A CA  1 
ATOM   248  C  C   . TYR A 1 43  ? -3.441  7.000   -4.142  1.00 13.07 ? 43  TYR A C   1 
ATOM   249  O  O   . TYR A 1 43  ? -2.788  7.807   -4.811  1.00 14.77 ? 43  TYR A O   1 
ATOM   250  C  CB  . TYR A 1 43  ? -1.807  5.329   -3.399  1.00 13.74 ? 43  TYR A CB  1 
ATOM   251  C  CG  . TYR A 1 43  ? -2.005  5.184   -1.928  1.00 12.92 ? 43  TYR A CG  1 
ATOM   252  C  CD1 . TYR A 1 43  ? -2.050  6.302   -1.109  1.00 12.37 ? 43  TYR A CD1 1 
ATOM   253  C  CD2 . TYR A 1 43  ? -2.186  3.930   -1.352  1.00 12.37 ? 43  TYR A CD2 1 
ATOM   254  C  CE1 . TYR A 1 43  ? -2.249  6.179   0.270   1.00 12.22 ? 43  TYR A CE1 1 
ATOM   255  C  CE2 . TYR A 1 43  ? -2.363  3.777   0.015   1.00 12.88 ? 43  TYR A CE2 1 
ATOM   256  C  CZ  . TYR A 1 43  ? -2.408  4.865   0.831   1.00 12.89 ? 43  TYR A CZ  1 
ATOM   257  O  OH  . TYR A 1 43  ? -2.654  4.786   2.194   1.00 13.78 ? 43  TYR A OH  1 
ATOM   258  N  N   . GLU A 1 44  ? -4.389  7.358   -3.278  1.00 13.07 ? 44  GLU A N   1 
ATOM   259  C  CA  . GLU A 1 44  ? -4.744  8.767   -3.028  1.00 14.72 ? 44  GLU A CA  1 
ATOM   260  C  C   . GLU A 1 44  ? -4.697  8.964   -1.524  1.00 14.36 ? 44  GLU A C   1 
ATOM   261  O  O   . GLU A 1 44  ? -5.434  8.363   -0.767  1.00 15.79 ? 44  GLU A O   1 
ATOM   262  C  CB  . GLU A 1 44  ? -6.166  9.036   -3.584  1.00 17.26 ? 44  GLU A CB  1 
ATOM   263  C  CG  . GLU A 1 44  ? -6.572  10.453  -3.437  1.00 21.33 ? 44  GLU A CG  1 
ATOM   264  C  CD  . GLU A 1 44  ? -7.872  10.773  -4.174  1.00 27.80 ? 44  GLU A CD  1 
ATOM   265  O  OE1 . GLU A 1 44  ? -8.248  11.957  -4.077  1.00 31.67 ? 44  GLU A OE1 1 
ATOM   266  O  OE2 . GLU A 1 44  ? -8.459  9.856   -4.786  1.00 26.94 ? 44  GLU A OE2 1 
ATOM   267  N  N   . SER A 1 45  ? -3.778  9.820   -1.065  1.00 14.13 ? 45  SER A N   1 
ATOM   268  C  CA  . SER A 1 45  ? -3.678  10.105  0.373   1.00 13.41 ? 45  SER A CA  1 
ATOM   269  C  C   . SER A 1 45  ? -4.538  11.208  0.825   1.00 14.70 ? 45  SER A C   1 
ATOM   270  O  O   . SER A 1 45  ? -4.511  12.291  0.206   1.00 17.24 ? 45  SER A O   1 
ATOM   271  C  CB  . SER A 1 45  ? -2.228  10.433  0.698   1.00 12.90 ? 45  SER A CB  1 
ATOM   272  O  OG  . SER A 1 45  ? -2.102  10.638  2.110   1.00 13.50 ? 45  SER A OG  1 
ATOM   273  N  N   . ALA A 1 46  ? -5.238  10.980  1.933   1.00 15.09 ? 46  ALA A N   1 
ATOM   274  C  CA  . ALA A 1 46  ? -6.035  12.052  2.569   1.00 17.31 ? 46  ALA A CA  1 
ATOM   275  C  C   . ALA A 1 46  ? -5.203  13.091  3.299   1.00 17.38 ? 46  ALA A C   1 
ATOM   276  O  O   . ALA A 1 46  ? -5.724  14.115  3.726   1.00 18.12 ? 46  ALA A O   1 
ATOM   277  C  CB  . ALA A 1 46  ? -7.069  11.480  3.514   1.00 19.79 ? 46  ALA A CB  1 
ATOM   278  N  N   . VAL A 1 47  ? -3.953  12.799  3.549   1.00 15.83 ? 47  VAL A N   1 
ATOM   279  C  CA  . VAL A 1 47  ? -3.022  13.652  4.315   1.00 15.24 ? 47  VAL A CA  1 
ATOM   280  C  C   . VAL A 1 47  ? -1.675  13.886  3.634   1.00 15.09 ? 47  VAL A C   1 
ATOM   281  O  O   . VAL A 1 47  ? -1.257  13.148  2.709   1.00 15.32 ? 47  VAL A O   1 
ATOM   282  C  CB  . VAL A 1 47  ? -2.763  13.085  5.713   1.00 16.40 ? 47  VAL A CB  1 
ATOM   283  C  CG1 . VAL A 1 47  ? -4.026  12.907  6.552   1.00 18.27 ? 47  VAL A CG1 1 
ATOM   284  C  CG2 . VAL A 1 47  ? -1.974  11.765  5.702   1.00 15.84 ? 47  VAL A CG2 1 
ATOM   285  N  N   . GLY A 1 48  ? -0.957  14.904  4.097   1.00 15.49 ? 48  GLY A N   1 
ATOM   286  C  CA  . GLY A 1 48  ? 0.371   15.099  3.620   1.00 16.81 ? 48  GLY A CA  1 
ATOM   287  C  C   . GLY A 1 48  ? 0.498   15.914  2.367   1.00 17.39 ? 48  GLY A C   1 
ATOM   288  O  O   . GLY A 1 48  ? -0.472  16.522  1.903   1.00 16.96 ? 48  GLY A O   1 
ATOM   289  N  N   . ASN A 1 49  ? 1.700   15.892  1.819   1.00 17.13 ? 49  ASN A N   1 
ATOM   290  C  CA  . ASN A 1 49  ? 2.015   16.659  0.601   1.00 18.67 ? 49  ASN A CA  1 
ATOM   291  C  C   . ASN A 1 49  ? 1.658   15.867  -0.645  1.00 16.97 ? 49  ASN A C   1 
ATOM   292  O  O   . ASN A 1 49  ? 2.497   15.328  -1.309  1.00 16.66 ? 49  ASN A O   1 
ATOM   293  C  CB  . ASN A 1 49  ? 3.429   17.173  0.641   1.00 20.60 ? 49  ASN A CB  1 
ATOM   294  C  CG  . ASN A 1 49  ? 3.713   18.161  -0.499  1.00 20.98 ? 49  ASN A CG  1 
ATOM   295  O  OD1 . ASN A 1 49  ? 2.792   18.602  -1.163  1.00 21.15 ? 49  ASN A OD1 1 
ATOM   296  N  ND2 . ASN A 1 49  ? 4.953   18.404  -0.755  1.00 22.21 ? 49  ASN A ND2 1 
ATOM   297  N  N   . ALA A 1 50  ? 0.360   15.849  -0.917  1.00 16.63 ? 50  ALA A N   1 
ATOM   298  C  CA  . ALA A 1 50  ? -0.218  14.967  -1.896  1.00 15.99 ? 50  ALA A CA  1 
ATOM   299  C  C   . ALA A 1 50  ? -1.542  15.450  -2.385  1.00 17.05 ? 50  ALA A C   1 
ATOM   300  O  O   . ALA A 1 50  ? -2.369  15.970  -1.612  1.00 17.60 ? 50  ALA A O   1 
ATOM   301  C  CB  . ALA A 1 50  ? -0.356  13.572  -1.322  1.00 18.33 ? 50  ALA A CB  1 
ATOM   302  N  N   . GLU A 1 51  ? -1.758  15.237  -3.665  1.00 16.40 ? 51  GLU A N   1 
ATOM   303  C  CA  . GLU A 1 51  ? -3.047  15.469  -4.251  1.00 19.12 ? 51  GLU A CA  1 
ATOM   304  C  C   . GLU A 1 51  ? -3.336  14.518  -5.400  1.00 16.60 ? 51  GLU A C   1 
ATOM   305  O  O   . GLU A 1 51  ? -2.464  14.230  -6.211  1.00 17.45 ? 51  GLU A O   1 
ATOM   306  C  CB  . GLU A 1 51  ? -3.112  16.988  -4.616  1.00 23.47 ? 51  GLU A CB  1 
ATOM   307  C  CG  . GLU A 1 51  ? -3.168  17.313  -6.013  1.00 29.02 ? 51  GLU A CG  1 
ATOM   308  C  CD  . GLU A 1 51  ? -3.160  18.831  -6.299  1.00 32.14 ? 51  GLU A CD  1 
ATOM   309  O  OE1 . GLU A 1 51  ? -4.123  19.141  -6.951  1.00 31.93 ? 51  GLU A OE1 1 
ATOM   310  O  OE2 . GLU A 1 51  ? -2.285  19.611  -5.847  1.00 31.96 ? 51  GLU A OE2 1 
ATOM   311  N  N   . SER A 1 52  ? -4.545  14.046  -5.441  1.00 17.03 ? 52  SER A N   1 
ATOM   312  C  CA  . SER A 1 52  ? -5.016  13.189  -6.488  1.00 17.92 ? 52  SER A CA  1 
ATOM   313  C  C   . SER A 1 52  ? -4.309  11.831  -6.427  1.00 17.81 ? 52  SER A C   1 
ATOM   314  O  O   . SER A 1 52  ? -3.823  11.442  -5.364  1.00 16.91 ? 52  SER A O   1 
ATOM   315  C  CB  . SER A 1 52  ? -4.939  13.859  -7.888  1.00 23.54 ? 52  SER A CB  1 
ATOM   316  O  OG  . SER A 1 52  ? -5.721  13.003  -8.767  1.00 26.75 ? 52  SER A OG  1 
ATOM   317  N  N   . ARG A 1 53  ? -4.286  11.111  -7.524  1.00 17.05 ? 53  ARG A N   1 
ATOM   318  C  CA  . ARG A 1 53  ? -3.760  9.748   -7.524  1.00 17.37 ? 53  ARG A CA  1 
ATOM   319  C  C   . ARG A 1 53  ? -2.302  9.653   -7.918  1.00 15.54 ? 53  ARG A C   1 
ATOM   320  O  O   . ARG A 1 53  ? -1.771  10.426  -8.754  1.00 15.30 ? 53  ARG A O   1 
ATOM   321  C  CB  . ARG A 1 53  ? -4.580  8.903   -8.499  1.00 18.96 ? 53  ARG A CB  1 
ATOM   322  C  CG  . ARG A 1 53  ? -5.971  8.638   -7.940  1.00 21.48 ? 53  ARG A CG  1 
ATOM   323  C  CD  . ARG A 1 53  ? -6.908  7.973   -8.883  1.00 27.79 ? 53  ARG A CD  1 
ATOM   324  N  NE  . ARG A 1 53  ? -6.933  8.622   -10.186 1.00 39.73 ? 53  ARG A NE  1 
ATOM   325  C  CZ  . ARG A 1 53  ? -7.621  9.713   -10.526 1.00 56.30 ? 53  ARG A CZ  1 
ATOM   326  N  NH1 . ARG A 1 53  ? -7.530  10.159  -11.787 1.00 64.70 ? 53  ARG A NH1 1 
ATOM   327  N  NH2 . ARG A 1 53  ? -8.368  10.376  -9.647  1.00 61.89 ? 53  ARG A NH2 1 
ATOM   328  N  N   . TYR A 1 54  ? -1.641  8.661   -7.320  1.00 15.35 ? 54  TYR A N   1 
ATOM   329  C  CA  . TYR A 1 54  ? -0.264  8.308   -7.595  1.00 13.48 ? 54  TYR A CA  1 
ATOM   330  C  C   . TYR A 1 54  ? -0.154  6.824   -7.915  1.00 13.51 ? 54  TYR A C   1 
ATOM   331  O  O   . TYR A 1 54  ? -0.906  5.994   -7.411  1.00 14.49 ? 54  TYR A O   1 
ATOM   332  C  CB  . TYR A 1 54  ? 0.608   8.513   -6.335  1.00 13.77 ? 54  TYR A CB  1 
ATOM   333  C  CG  . TYR A 1 54  ? 0.629   9.965   -5.895  1.00 13.50 ? 54  TYR A CG  1 
ATOM   334  C  CD1 . TYR A 1 54  ? 1.702   10.798  -6.224  1.00 14.37 ? 54  TYR A CD1 1 
ATOM   335  C  CD2 . TYR A 1 54  ? -0.409  10.491  -5.156  1.00 13.10 ? 54  TYR A CD2 1 
ATOM   336  C  CE1 . TYR A 1 54  ? 1.724   12.147  -5.839  1.00 13.99 ? 54  TYR A CE1 1 
ATOM   337  C  CE2 . TYR A 1 54  ? -0.423  11.853  -4.838  1.00 13.88 ? 54  TYR A CE2 1 
ATOM   338  C  CZ  . TYR A 1 54  ? 0.645   12.666  -5.173  1.00 13.49 ? 54  TYR A CZ  1 
ATOM   339  O  OH  . TYR A 1 54  ? 0.701   14.032  -4.924  1.00 15.41 ? 54  TYR A OH  1 
ATOM   340  N  N   . VAL A 1 55  ? 0.775   6.528   -8.802  1.00 12.97 ? 55  VAL A N   1 
ATOM   341  C  CA  . VAL A 1 55  ? 1.011   5.171   -9.243  1.00 13.71 ? 55  VAL A CA  1 
ATOM   342  C  C   . VAL A 1 55  ? 1.531   4.338   -8.080  1.00 14.65 ? 55  VAL A C   1 
ATOM   343  O  O   . VAL A 1 55  ? 2.375   4.814   -7.299  1.00 14.77 ? 55  VAL A O   1 
ATOM   344  C  CB  . VAL A 1 55  ? 2.024   5.150   -10.473 1.00 14.67 ? 55  VAL A CB  1 
ATOM   345  C  CG1 . VAL A 1 55  ? 2.400   3.693   -10.773 1.00 17.19 ? 55  VAL A CG1 1 
ATOM   346  C  CG2 . VAL A 1 55  ? 1.397   5.824   -11.681 1.00 14.61 ? 55  VAL A CG2 1 
ATOM   347  N  N   . LEU A 1 56  ? 1.021   3.137   -7.935  1.00 13.90 ? 56  LEU A N   1 
ATOM   348  C  CA  . LEU A 1 56  ? 1.668   2.192   -7.028  1.00 15.56 ? 56  LEU A CA  1 
ATOM   349  C  C   . LEU A 1 56  ? 1.960   0.890   -7.735  1.00 15.82 ? 56  LEU A C   1 
ATOM   350  O  O   . LEU A 1 56  ? 1.251   0.476   -8.678  1.00 14.38 ? 56  LEU A O   1 
ATOM   351  C  CB  . LEU A 1 56  ? 0.814   1.898   -5.851  1.00 17.45 ? 56  LEU A CB  1 
ATOM   352  C  CG  . LEU A 1 56  ? -0.436  1.083   -6.005  1.00 17.78 ? 56  LEU A CG  1 
ATOM   353  C  CD1 . LEU A 1 56  ? -0.233  -0.463  -5.860  1.00 15.80 ? 56  LEU A CD1 1 
ATOM   354  C  CD2 . LEU A 1 56  ? -1.467  1.585   -4.966  1.00 21.72 ? 56  LEU A CD2 1 
ATOM   355  N  N   . THR A 1 57  ? 3.009   0.217   -7.240  1.00 13.35 ? 57  THR A N   1 
ATOM   356  C  CA  . THR A 1 57  ? 3.284   -1.150  -7.650  1.00 12.96 ? 57  THR A CA  1 
ATOM   357  C  C   . THR A 1 57  ? 3.755   -1.955  -6.486  1.00 13.58 ? 57  THR A C   1 
ATOM   358  O  O   . THR A 1 57  ? 4.381   -1.381  -5.551  1.00 13.05 ? 57  THR A O   1 
ATOM   359  C  CB  . THR A 1 57  ? 4.337   -1.151  -8.782  1.00 15.57 ? 57  THR A CB  1 
ATOM   360  O  OG1 . THR A 1 57  ? 4.465   -2.428  -9.254  1.00 20.76 ? 57  THR A OG1 1 
ATOM   361  C  CG2 . THR A 1 57  ? 5.690   -0.809  -8.314  1.00 13.92 ? 57  THR A CG2 1 
ATOM   362  N  N   . GLY A 1 58  ? 3.496   -3.261  -6.488  1.00 12.67 ? 58  GLY A N   1 
ATOM   363  C  CA  . GLY A 1 58  ? 4.008   -4.086  -5.445  1.00 12.02 ? 58  GLY A CA  1 
ATOM   364  C  C   . GLY A 1 58  ? 3.919   -5.556  -5.766  1.00 14.40 ? 58  GLY A C   1 
ATOM   365  O  O   . GLY A 1 58  ? 3.760   -5.960  -6.929  1.00 13.38 ? 58  GLY A O   1 
ATOM   366  N  N   . ARG A 1 59  ? 3.984   -6.341  -4.706  1.00 14.52 ? 59  ARG A N   1 
ATOM   367  C  CA  . ARG A 1 59  ? 3.970   -7.820  -4.847  1.00 13.03 ? 59  ARG A CA  1 
ATOM   368  C  C   . ARG A 1 59  ? 3.191   -8.429  -3.698  1.00 12.81 ? 59  ARG A C   1 
ATOM   369  O  O   . ARG A 1 59  ? 3.220   -7.907  -2.560  1.00 13.76 ? 59  ARG A O   1 
ATOM   370  C  CB  . ARG A 1 59  ? 5.427   -8.429  -4.838  1.00 12.72 ? 59  ARG A CB  1 
ATOM   371  C  CG  . ARG A 1 59  ? 6.365   -7.891  -5.879  1.00 13.22 ? 59  ARG A CG  1 
ATOM   372  C  CD  . ARG A 1 59  ? 6.096   -8.341  -7.300  1.00 14.16 ? 59  ARG A CD  1 
ATOM   373  N  NE  . ARG A 1 59  ? 6.229   -9.770  -7.408  1.00 14.36 ? 59  ARG A NE  1 
ATOM   374  C  CZ  . ARG A 1 59  ? 5.721   -10.523 -8.372  1.00 15.23 ? 59  ARG A CZ  1 
ATOM   375  N  NH1 . ARG A 1 59  ? 5.135   -9.974  -9.424  1.00 17.10 ? 59  ARG A NH1 1 
ATOM   376  N  NH2 . ARG A 1 59  ? 5.899   -11.844 -8.316  1.00 17.27 ? 59  ARG A NH2 1 
ATOM   377  N  N   . TYR A 1 60  ? 2.635   -9.628  -3.925  1.00 12.49 ? 60  TYR A N   1 
ATOM   378  C  CA  . TYR A 1 60  ? 2.010   -10.378 -2.850  1.00 12.54 ? 60  TYR A CA  1 
ATOM   379  C  C   . TYR A 1 60  ? 2.322   -11.864 -3.078  1.00 13.04 ? 60  TYR A C   1 
ATOM   380  O  O   . TYR A 1 60  ? 2.683   -12.262 -4.178  1.00 13.82 ? 60  TYR A O   1 
ATOM   381  C  CB  . TYR A 1 60  ? 0.479   -10.105 -2.836  1.00 12.84 ? 60  TYR A CB  1 
ATOM   382  C  CG  . TYR A 1 60  ? -0.334  -10.818 -3.910  1.00 13.90 ? 60  TYR A CG  1 
ATOM   383  C  CD1 . TYR A 1 60  ? -0.290  -10.407 -5.233  1.00 15.11 ? 60  TYR A CD1 1 
ATOM   384  C  CD2 . TYR A 1 60  ? -1.079  -11.943 -3.605  1.00 15.90 ? 60  TYR A CD2 1 
ATOM   385  C  CE1 . TYR A 1 60  ? -1.041  -11.048 -6.220  1.00 16.63 ? 60  TYR A CE1 1 
ATOM   386  C  CE2 . TYR A 1 60  ? -1.775  -12.639 -4.611  1.00 18.23 ? 60  TYR A CE2 1 
ATOM   387  C  CZ  . TYR A 1 60  ? -1.763  -12.183 -5.878  1.00 20.33 ? 60  TYR A CZ  1 
ATOM   388  O  OH  . TYR A 1 60  ? -2.514  -12.847 -6.864  1.00 20.35 ? 60  TYR A OH  1 
ATOM   389  N  N   . ASP A 1 61  ? 2.181   -12.606 -2.010  1.00 13.53 ? 61  ASP A N   1 
ATOM   390  C  CA  . ASP A 1 61  ? 2.335   -14.107 -1.966  1.00 13.45 ? 61  ASP A CA  1 
ATOM   391  C  C   . ASP A 1 61  ? 1.076   -14.690 -2.616  1.00 15.75 ? 61  ASP A C   1 
ATOM   392  O  O   . ASP A 1 61  ? 0.009   -14.710 -1.994  1.00 15.57 ? 61  ASP A O   1 
ATOM   393  C  CB  . ASP A 1 61  ? 2.532   -14.589 -0.570  1.00 14.78 ? 61  ASP A CB  1 
ATOM   394  C  CG  . ASP A 1 61  ? 2.623   -16.127 -0.450  1.00 16.27 ? 61  ASP A CG  1 
ATOM   395  O  OD1 . ASP A 1 61  ? 2.617   -16.788 -1.537  1.00 17.31 ? 61  ASP A OD1 1 
ATOM   396  O  OD2 . ASP A 1 61  ? 2.682   -16.554 0.715   1.00 16.27 ? 61  ASP A OD2 1 
ATOM   397  N  N   . SER A 1 62  ? 1.255   -15.180 -3.838  1.00 15.56 ? 62  SER A N   1 
ATOM   398  C  CA  . SER A 1 62  ? 0.138   -15.726 -4.642  1.00 17.26 ? 62  SER A CA  1 
ATOM   399  C  C   . SER A 1 62  ? -0.205  -17.176 -4.224  1.00 20.72 ? 62  SER A C   1 
ATOM   400  O  O   . SER A 1 62  ? -1.169  -17.742 -4.735  1.00 22.30 ? 62  SER A O   1 
ATOM   401  C  CB  . SER A 1 62  ? 0.453   -15.625 -6.113  1.00 19.79 ? 62  SER A CB  1 
ATOM   402  O  OG  . SER A 1 62  ? 1.649   -16.331 -6.461  1.00 22.36 ? 62  SER A OG  1 
ATOM   403  N  N   . ALA A 1 63  ? 0.564   -17.767 -3.343  1.00 18.80 ? 63  ALA A N   1 
ATOM   404  C  CA  . ALA A 1 63  ? 0.231   -19.162 -2.861  1.00 21.91 ? 63  ALA A CA  1 
ATOM   405  C  C   . ALA A 1 63  ? 0.488   -19.214 -1.346  1.00 23.12 ? 63  ALA A C   1 
ATOM   406  O  O   . ALA A 1 63  ? 1.465   -19.823 -0.826  1.00 23.18 ? 63  ALA A O   1 
ATOM   407  C  CB  . ALA A 1 63  ? 1.025   -20.191 -3.638  1.00 23.58 ? 63  ALA A CB  1 
ATOM   408  N  N   . PRO A 1 64  ? -0.370  -18.537 -0.600  1.00 26.74 ? 64  PRO A N   1 
ATOM   409  C  CA  . PRO A 1 64  ? -0.139  -18.460 0.861   1.00 24.16 ? 64  PRO A CA  1 
ATOM   410  C  C   . PRO A 1 64  ? -0.409  -19.741 1.610   1.00 26.16 ? 64  PRO A C   1 
ATOM   411  O  O   . PRO A 1 64  ? -1.015  -20.651 1.046   1.00 25.77 ? 64  PRO A O   1 
ATOM   412  C  CB  . PRO A 1 64  ? -1.122  -17.382 1.338   1.00 27.10 ? 64  PRO A CB  1 
ATOM   413  C  CG  . PRO A 1 64  ? -2.168  -17.375 0.274   1.00 25.67 ? 64  PRO A CG  1 
ATOM   414  C  CD  . PRO A 1 64  ? -1.538  -17.720 -1.031  1.00 27.69 ? 64  PRO A CD  1 
ATOM   415  N  N   . ALA A 1 65  ? -0.044  -19.758 2.872   1.00 27.22 ? 65  ALA A N   1 
ATOM   416  C  CA  . ALA A 1 65  ? -0.269  -20.921 3.726   1.00 32.23 ? 65  ALA A CA  1 
ATOM   417  C  C   . ALA A 1 65  ? -1.805  -21.002 3.913   1.00 35.22 ? 65  ALA A C   1 
ATOM   418  O  O   . ALA A 1 65  ? -2.508  -20.006 3.677   1.00 37.60 ? 65  ALA A O   1 
ATOM   419  C  CB  . ALA A 1 65  ? 0.565   -20.810 5.029   1.00 30.91 ? 65  ALA A CB  1 
ATOM   420  N  N   . THR A 1 66  ? -2.348  -22.186 4.156   1.00 47.02 ? 66  THR A N   1 
ATOM   421  C  CA  . THR A 1 66  ? -3.829  -22.329 4.198   1.00 60.02 ? 66  THR A CA  1 
ATOM   422  C  C   . THR A 1 66  ? -4.357  -22.396 5.620   1.00 66.70 ? 66  THR A C   1 
ATOM   423  O  O   . THR A 1 66  ? -5.562  -22.498 5.830   1.00 76.35 ? 66  THR A O   1 
ATOM   424  C  CB  . THR A 1 66  ? -4.334  -23.521 3.332   1.00 63.90 ? 66  THR A CB  1 
ATOM   425  O  OG1 . THR A 1 66  ? -3.391  -24.597 3.373   1.00 58.41 ? 66  THR A OG1 1 
ATOM   426  C  CG2 . THR A 1 66  ? -4.500  -23.078 1.866   1.00 65.00 ? 66  THR A CG2 1 
ATOM   427  N  N   . ASP A 1 67  ? -3.464  -22.196 6.585   1.00 62.51 ? 67  ASP A N   1 
ATOM   428  C  CA  . ASP A 1 67  ? -3.709  -22.596 7.970   1.00 66.17 ? 67  ASP A CA  1 
ATOM   429  C  C   . ASP A 1 67  ? -4.386  -21.493 8.847   1.00 61.22 ? 67  ASP A C   1 
ATOM   430  O  O   . ASP A 1 67  ? -4.106  -21.399 10.051  1.00 61.48 ? 67  ASP A O   1 
ATOM   431  C  CB  . ASP A 1 67  ? -2.368  -23.093 8.583   1.00 62.65 ? 67  ASP A CB  1 
ATOM   432  C  CG  . ASP A 1 67  ? -1.242  -22.044 8.512   1.00 66.81 ? 67  ASP A CG  1 
ATOM   433  O  OD1 . ASP A 1 67  ? -1.501  -20.895 8.061   1.00 55.60 ? 67  ASP A OD1 1 
ATOM   434  O  OD2 . ASP A 1 67  ? -0.088  -22.372 8.877   1.00 58.24 ? 67  ASP A OD2 1 
ATOM   435  N  N   . GLY A 1 68  ? -5.263  -20.657 8.265   1.00 53.79 ? 68  GLY A N   1 
ATOM   436  C  CA  . GLY A 1 68  ? -5.674  -19.420 8.958   1.00 44.46 ? 68  GLY A CA  1 
ATOM   437  C  C   . GLY A 1 68  ? -4.639  -18.240 8.922   1.00 33.09 ? 68  GLY A C   1 
ATOM   438  O  O   . GLY A 1 68  ? -4.845  -17.203 9.554   1.00 31.49 ? 68  GLY A O   1 
ATOM   439  N  N   . SER A 1 69  ? -3.551  -18.404 8.218   1.00 29.02 ? 69  SER A N   1 
ATOM   440  C  CA  . SER A 1 69  ? -2.525  -17.361 8.154   1.00 26.02 ? 69  SER A CA  1 
ATOM   441  C  C   . SER A 1 69  ? -2.915  -16.318 7.105   1.00 19.96 ? 69  SER A C   1 
ATOM   442  O  O   . SER A 1 69  ? -3.601  -16.606 6.119   1.00 24.50 ? 69  SER A O   1 
ATOM   443  C  CB  . SER A 1 69  ? -1.184  -17.945 7.782   1.00 30.72 ? 69  SER A CB  1 
ATOM   444  O  OG  . SER A 1 69  ? -0.522  -18.534 8.911   1.00 42.60 ? 69  SER A OG  1 
ATOM   445  N  N   . GLY A 1 70  ? -2.532  -15.065 7.330   1.00 16.99 ? 70  GLY A N   1 
ATOM   446  C  CA  . GLY A 1 70  ? -2.597  -14.008 6.390   1.00 17.32 ? 70  GLY A CA  1 
ATOM   447  C  C   . GLY A 1 70  ? -1.733  -14.212 5.156   1.00 14.66 ? 70  GLY A C   1 
ATOM   448  O  O   . GLY A 1 70  ? -0.853  -15.069 5.141   1.00 16.50 ? 70  GLY A O   1 
ATOM   449  N  N   . THR A 1 71  ? -1.894  -13.299 4.222   1.00 13.87 ? 71  THR A N   1 
ATOM   450  C  CA  . THR A 1 71  ? -1.163  -13.258 2.909   1.00 13.32 ? 71  THR A CA  1 
ATOM   451  C  C   . THR A 1 71  ? -0.240  -12.063 2.916   1.00 12.89 ? 71  THR A C   1 
ATOM   452  O  O   . THR A 1 71  ? -0.687  -10.945 2.845   1.00 14.05 ? 71  THR A O   1 
ATOM   453  C  CB  . THR A 1 71  ? -2.151  -13.199 1.756   1.00 16.20 ? 71  THR A CB  1 
ATOM   454  O  OG1 . THR A 1 71  ? -3.006  -14.374 1.838   1.00 17.94 ? 71  THR A OG1 1 
ATOM   455  C  CG2 . THR A 1 71  ? -1.436  -13.161 0.434   1.00 18.06 ? 71  THR A CG2 1 
ATOM   456  N  N   . ALA A 1 72  ? 1.069   -12.342 2.880   1.00 13.95 ? 72  ALA A N   1 
ATOM   457  C  CA  . ALA A 1 72  ? 2.064   -11.267 2.895   1.00 12.75 ? 72  ALA A CA  1 
ATOM   458  C  C   . ALA A 1 72  ? 2.062   -10.478 1.582   1.00 12.91 ? 72  ALA A C   1 
ATOM   459  O  O   . ALA A 1 72  ? 1.880   -11.016 0.477   1.00 14.15 ? 72  ALA A O   1 
ATOM   460  C  CB  . ALA A 1 72  ? 3.472   -11.814 3.138   1.00 14.69 ? 72  ALA A CB  1 
ATOM   461  N  N   . LEU A 1 73  ? 2.201   -9.143  1.721   1.00 12.12 ? 73  LEU A N   1 
ATOM   462  C  CA  . LEU A 1 73  ? 2.255   -8.274  0.591   1.00 12.92 ? 73  LEU A CA  1 
ATOM   463  C  C   . LEU A 1 73  ? 2.941   -6.960  0.904   1.00 13.52 ? 73  LEU A C   1 
ATOM   464  O  O   . LEU A 1 73  ? 3.182   -6.651  2.080   1.00 14.32 ? 73  LEU A O   1 
ATOM   465  C  CB  . LEU A 1 73  ? 0.837   -8.032  -0.022  1.00 14.35 ? 73  LEU A CB  1 
ATOM   466  C  CG  . LEU A 1 73  ? -0.044  -6.981  0.639   1.00 19.12 ? 73  LEU A CG  1 
ATOM   467  C  CD1 . LEU A 1 73  ? -1.379  -6.887  -0.060  1.00 21.41 ? 73  LEU A CD1 1 
ATOM   468  C  CD2 . LEU A 1 73  ? -0.279  -7.351  2.017   1.00 20.31 ? 73  LEU A CD2 1 
ATOM   469  N  N   . GLY A 1 74  ? 3.325   -6.248  -0.154  1.00 13.38 ? 74  GLY A N   1 
ATOM   470  C  CA  . GLY A 1 74  ? 3.853   -4.924  -0.026  1.00 12.54 ? 74  GLY A CA  1 
ATOM   471  C  C   . GLY A 1 74  ? 3.710   -4.134  -1.240  1.00 13.06 ? 74  GLY A C   1 
ATOM   472  O  O   . GLY A 1 74  ? 3.536   -4.690  -2.343  1.00 12.48 ? 74  GLY A O   1 
ATOM   473  N  N   . TRP A 1 75  ? 3.761   -2.821  -1.099  1.00 11.09 ? 75  TRP A N   1 
ATOM   474  C  CA  . TRP A 1 75  ? 3.746   -1.952  -2.254  1.00 11.35 ? 75  TRP A CA  1 
ATOM   475  C  C   . TRP A 1 75  ? 4.381   -0.609  -1.996  1.00 11.64 ? 75  TRP A C   1 
ATOM   476  O  O   . TRP A 1 75  ? 4.627   -0.242  -0.826  1.00 11.70 ? 75  TRP A O   1 
ATOM   477  C  CB  . TRP A 1 75  ? 2.351   -1.744  -2.844  1.00 11.58 ? 75  TRP A CB  1 
ATOM   478  C  CG  . TRP A 1 75  ? 1.429   -0.904  -1.925  1.00 10.46 ? 75  TRP A CG  1 
ATOM   479  C  CD1 . TRP A 1 75  ? 1.231   0.445   -1.976  1.00 12.89 ? 75  TRP A CD1 1 
ATOM   480  C  CD2 . TRP A 1 75  ? 0.585   -1.402  -0.895  1.00 11.57 ? 75  TRP A CD2 1 
ATOM   481  N  NE1 . TRP A 1 75  ? 0.349   0.786   -1.022  1.00 13.47 ? 75  TRP A NE1 1 
ATOM   482  C  CE2 . TRP A 1 75  ? -0.060  -0.317  -0.332  1.00 12.24 ? 75  TRP A CE2 1 
ATOM   483  C  CE3 . TRP A 1 75  ? 0.345   -2.659  -0.368  1.00 12.12 ? 75  TRP A CE3 1 
ATOM   484  C  CZ2 . TRP A 1 75  ? -0.997  -0.448  0.777   1.00 12.93 ? 75  TRP A CZ2 1 
ATOM   485  C  CZ3 . TRP A 1 75  ? -0.537  -2.801  0.696   1.00 12.84 ? 75  TRP A CZ3 1 
ATOM   486  C  CH2 . TRP A 1 75  ? -1.167  -1.687  1.278   1.00 13.69 ? 75  TRP A CH2 1 
ATOM   487  N  N   . THR A 1 76  ? 4.763   0.099   -3.086  1.00 10.79 ? 76  THR A N   1 
ATOM   488  C  CA  . THR A 1 76  ? 5.393   1.395   -3.041  1.00 11.38 ? 76  THR A CA  1 
ATOM   489  C  C   . THR A 1 76  ? 4.633   2.418   -3.810  1.00 10.70 ? 76  THR A C   1 
ATOM   490  O  O   . THR A 1 76  ? 4.108   2.176   -4.907  1.00 12.81 ? 76  THR A O   1 
ATOM   491  C  CB  . THR A 1 76  ? 6.779   1.305   -3.694  1.00 12.01 ? 76  THR A CB  1 
ATOM   492  O  OG1 . THR A 1 76  ? 7.579   0.264   -3.063  1.00 12.45 ? 76  THR A OG1 1 
ATOM   493  C  CG2 . THR A 1 76  ? 7.573   2.623   -3.581  1.00 12.37 ? 76  THR A CG2 1 
ATOM   494  N  N   . VAL A 1 77  ? 4.661   3.648   -3.266  1.00 11.08 ? 77  VAL A N   1 
ATOM   495  C  CA  . VAL A 1 77  ? 4.235   4.901   -3.914  1.00 12.24 ? 77  VAL A CA  1 
ATOM   496  C  C   . VAL A 1 77  ? 5.387   5.857   -3.851  1.00 12.73 ? 77  VAL A C   1 
ATOM   497  O  O   . VAL A 1 77  ? 5.858   6.148   -2.755  1.00 13.43 ? 77  VAL A O   1 
ATOM   498  C  CB  . VAL A 1 77  ? 2.988   5.522   -3.264  1.00 12.88 ? 77  VAL A CB  1 
ATOM   499  C  CG1 . VAL A 1 77  ? 2.684   6.920   -3.824  1.00 14.54 ? 77  VAL A CG1 1 
ATOM   500  C  CG2 . VAL A 1 77  ? 1.788   4.609   -3.523  1.00 14.64 ? 77  VAL A CG2 1 
ATOM   501  N  N   . ALA A 1 78  ? 5.839   6.369   -4.991  1.00 11.86 ? 78  ALA A N   1 
ATOM   502  C  CA  . ALA A 1 78  ? 6.661   7.569   -5.018  1.00 11.27 ? 78  ALA A CA  1 
ATOM   503  C  C   . ALA A 1 78  ? 5.756   8.789   -5.249  1.00 12.03 ? 78  ALA A C   1 
ATOM   504  O  O   . ALA A 1 78  ? 4.907   8.825   -6.116  1.00 12.86 ? 78  ALA A O   1 
ATOM   505  C  CB  . ALA A 1 78  ? 7.673   7.516   -6.167  1.00 13.17 ? 78  ALA A CB  1 
ATOM   506  N  N   . TRP A 1 79  ? 5.941   9.777   -4.409  1.00 12.92 ? 79  TRP A N   1 
ATOM   507  C  CA  . TRP A 1 79  ? 4.981   10.870  -4.276  1.00 12.36 ? 79  TRP A CA  1 
ATOM   508  C  C   . TRP A 1 79  ? 5.200   11.976  -5.310  1.00 14.29 ? 79  TRP A C   1 
ATOM   509  O  O   . TRP A 1 79  ? 5.208   13.163  -4.998  1.00 13.84 ? 79  TRP A O   1 
ATOM   510  C  CB  . TRP A 1 79  ? 4.948   11.380  -2.833  1.00 12.45 ? 79  TRP A CB  1 
ATOM   511  C  CG  . TRP A 1 79  ? 4.499   10.384  -1.857  1.00 12.16 ? 79  TRP A CG  1 
ATOM   512  C  CD1 . TRP A 1 79  ? 5.286   9.695   -0.978  1.00 13.68 ? 79  TRP A CD1 1 
ATOM   513  C  CD2 . TRP A 1 79  ? 3.186   9.937   -1.689  1.00 13.41 ? 79  TRP A CD2 1 
ATOM   514  N  NE1 . TRP A 1 79  ? 4.523   8.814   -0.250  1.00 13.73 ? 79  TRP A NE1 1 
ATOM   515  C  CE2 . TRP A 1 79  ? 3.220   8.877   -0.712  1.00 13.91 ? 79  TRP A CE2 1 
ATOM   516  C  CE3 . TRP A 1 79  ? 1.956   10.246  -2.336  1.00 13.12 ? 79  TRP A CE3 1 
ATOM   517  C  CZ2 . TRP A 1 79  ? 2.086   8.243   -0.257  1.00 13.63 ? 79  TRP A CZ2 1 
ATOM   518  C  CZ3 . TRP A 1 79  ? 0.796   9.586   -1.888  1.00 13.37 ? 79  TRP A CZ3 1 
ATOM   519  C  CH2 . TRP A 1 79  ? 0.882   8.572   -0.877  1.00 13.95 ? 79  TRP A CH2 1 
ATOM   520  N  N   . LYS A 1 80  ? 5.274   11.524  -6.544  1.00 13.77 ? 80  LYS A N   1 
ATOM   521  C  CA  . LYS A 1 80  ? 5.371   12.416  -7.751  1.00 13.88 ? 80  LYS A CA  1 
ATOM   522  C  C   . LYS A 1 80  ? 4.240   12.032  -8.641  1.00 14.70 ? 80  LYS A C   1 
ATOM   523  O  O   . LYS A 1 80  ? 4.128   10.876  -9.003  1.00 15.36 ? 80  LYS A O   1 
ATOM   524  C  CB  . LYS A 1 80  ? 6.665   12.262  -8.485  1.00 15.35 ? 80  LYS A CB  1 
ATOM   525  C  CG  . LYS A 1 80  ? 6.764   13.054  -9.793  1.00 17.68 ? 80  LYS A CG  1 
ATOM   526  C  CD  . LYS A 1 80  ? 8.093   12.968  -10.491 1.00 22.64 ? 80  LYS A CD  1 
ATOM   527  C  CE  . LYS A 1 80  ? 8.115   13.851  -11.763 1.00 26.29 ? 80  LYS A CE  1 
ATOM   528  N  NZ  . LYS A 1 80  ? 7.164   13.245  -12.764 1.00 30.48 ? 80  LYS A NZ  1 
ATOM   529  N  N   . ASN A 1 81  ? 3.447   13.052  -9.049  1.00 13.74 ? 81  ASN A N   1 
ATOM   530  C  CA  . ASN A 1 81  ? 2.462   12.854  -10.105 1.00 14.01 ? 81  ASN A CA  1 
ATOM   531  C  C   . ASN A 1 81  ? 2.422   14.171  -10.922 1.00 14.83 ? 81  ASN A C   1 
ATOM   532  O  O   . ASN A 1 81  ? 3.320   14.960  -10.804 1.00 16.56 ? 81  ASN A O   1 
ATOM   533  C  CB  . ASN A 1 81  ? 1.103   12.428  -9.543  1.00 14.15 ? 81  ASN A CB  1 
ATOM   534  C  CG  . ASN A 1 81  ? 0.403   13.486  -8.732  1.00 14.18 ? 81  ASN A CG  1 
ATOM   535  O  OD1 . ASN A 1 81  ? 0.880   14.637  -8.627  1.00 15.48 ? 81  ASN A OD1 1 
ATOM   536  N  ND2 . ASN A 1 81  ? -0.728  13.083  -8.081  1.00 15.77 ? 81  ASN A ND2 1 
ATOM   537  N  N   . ASN A 1 82  ? 1.408   14.349  -11.746 1.00 16.19 ? 82  ASN A N   1 
ATOM   538  C  CA  . ASN A 1 82  ? 1.402   15.592  -12.534 1.00 19.74 ? 82  ASN A CA  1 
ATOM   539  C  C   . ASN A 1 82  ? 1.100   16.828  -11.779 1.00 19.64 ? 82  ASN A C   1 
ATOM   540  O  O   . ASN A 1 82  ? 1.226   17.927  -12.343 1.00 22.02 ? 82  ASN A O   1 
ATOM   541  C  CB  . ASN A 1 82  ? 0.386   15.443  -13.669 1.00 24.01 ? 82  ASN A CB  1 
ATOM   542  C  CG  . ASN A 1 82  ? 0.889   14.496  -14.747 1.00 30.92 ? 82  ASN A CG  1 
ATOM   543  O  OD1 . ASN A 1 82  ? 2.110   14.281  -14.904 1.00 40.33 ? 82  ASN A OD1 1 
ATOM   544  N  ND2 . ASN A 1 82  ? -0.018  13.930  -15.468 1.00 37.24 ? 82  ASN A ND2 1 
ATOM   545  N  N   . TYR A 1 83  ? 0.631   16.705  -10.544 1.00 17.66 ? 83  TYR A N   1 
ATOM   546  C  CA  . TYR A 1 83  ? 0.243   17.859  -9.696  1.00 18.13 ? 83  TYR A CA  1 
ATOM   547  C  C   . TYR A 1 83  ? 1.294   18.291  -8.725  1.00 19.51 ? 83  TYR A C   1 
ATOM   548  O  O   . TYR A 1 83  ? 1.461   19.462  -8.445  1.00 18.24 ? 83  TYR A O   1 
ATOM   549  C  CB  . TYR A 1 83  ? -0.936  17.504  -8.887  1.00 19.60 ? 83  TYR A CB  1 
ATOM   550  C  CG  . TYR A 1 83  ? -2.146  17.180  -9.753  1.00 20.59 ? 83  TYR A CG  1 
ATOM   551  C  CD1 . TYR A 1 83  ? -2.899  18.243  -10.316 1.00 31.65 ? 83  TYR A CD1 1 
ATOM   552  C  CD2 . TYR A 1 83  ? -2.493  15.924  -10.031 1.00 21.23 ? 83  TYR A CD2 1 
ATOM   553  C  CE1 . TYR A 1 83  ? -4.007  17.991  -11.116 1.00 32.64 ? 83  TYR A CE1 1 
ATOM   554  C  CE2 . TYR A 1 83  ? -3.568  15.625  -10.833 1.00 25.40 ? 83  TYR A CE2 1 
ATOM   555  C  CZ  . TYR A 1 83  ? -4.334  16.668  -11.357 1.00 37.39 ? 83  TYR A CZ  1 
ATOM   556  O  OH  . TYR A 1 83  ? -5.396  16.361  -12.159 1.00 38.52 ? 83  TYR A OH  1 
ATOM   557  N  N   . ARG A 1 84  ? 2.047   17.338  -8.163  1.00 17.87 ? 84  ARG A N   1 
ATOM   558  C  CA  . ARG A 1 84  ? 2.952   17.653  -7.057  1.00 17.35 ? 84  ARG A CA  1 
ATOM   559  C  C   . ARG A 1 84  ? 4.122   16.684  -7.002  1.00 15.95 ? 84  ARG A C   1 
ATOM   560  O  O   . ARG A 1 84  ? 4.032   15.566  -7.551  1.00 15.45 ? 84  ARG A O   1 
ATOM   561  C  CB  . ARG A 1 84  ? 2.297   17.509  -5.705  1.00 21.22 ? 84  ARG A CB  1 
ATOM   562  C  CG  . ARG A 1 84  ? 1.155   18.411  -5.455  1.00 30.01 ? 84  ARG A CG  1 
ATOM   563  C  CD  . ARG A 1 84  ? 0.992   18.604  -3.998  1.00 35.35 ? 84  ARG A CD  1 
ATOM   564  N  NE  . ARG A 1 84  ? -0.311  19.213  -3.762  1.00 30.93 ? 84  ARG A NE  1 
ATOM   565  C  CZ  . ARG A 1 84  ? -0.749  19.473  -2.579  1.00 30.98 ? 84  ARG A CZ  1 
ATOM   566  N  NH1 . ARG A 1 84  ? -1.947  19.997  -2.445  1.00 32.80 ? 84  ARG A NH1 1 
ATOM   567  N  NH2 . ARG A 1 84  ? 0.065   19.233  -1.518  1.00 28.61 ? 84  ARG A NH2 1 
ATOM   568  N  N   . ASN A 1 85  ? 5.178   17.132  -6.396  1.00 15.76 ? 85  ASN A N   1 
ATOM   569  C  CA  . ASN A 1 85  ? 6.300   16.192  -6.142  1.00 16.45 ? 85  ASN A CA  1 
ATOM   570  C  C   . ASN A 1 85  ? 6.788   16.445  -4.713  1.00 16.65 ? 85  ASN A C   1 
ATOM   571  O  O   . ASN A 1 85  ? 7.424   17.481  -4.445  1.00 16.74 ? 85  ASN A O   1 
ATOM   572  C  CB  . ASN A 1 85  ? 7.431   16.353  -7.178  1.00 16.81 ? 85  ASN A CB  1 
ATOM   573  C  CG  . ASN A 1 85  ? 8.499   15.298  -7.026  1.00 16.71 ? 85  ASN A CG  1 
ATOM   574  O  OD1 . ASN A 1 85  ? 8.455   14.499  -6.060  1.00 17.22 ? 85  ASN A OD1 1 
ATOM   575  N  ND2 . ASN A 1 85  ? 9.301   15.171  -8.016  1.00 16.15 ? 85  ASN A ND2 1 
ATOM   576  N  N   . ALA A 1 86  ? 6.540   15.490  -3.794  1.00 13.64 ? 86  ALA A N   1 
ATOM   577  C  CA  . ALA A 1 86  ? 6.945   15.605  -2.423  1.00 15.05 ? 86  ALA A CA  1 
ATOM   578  C  C   . ALA A 1 86  ? 8.314   14.950  -2.128  1.00 15.76 ? 86  ALA A C   1 
ATOM   579  O  O   . ALA A 1 86  ? 8.656   14.786  -0.968  1.00 16.91 ? 86  ALA A O   1 
ATOM   580  C  CB  . ALA A 1 86  ? 5.893   15.031  -1.493  1.00 16.13 ? 86  ALA A CB  1 
ATOM   581  N  N   . HIS A 1 87  ? 9.043   14.595  -3.183  1.00 15.36 ? 87  HIS A N   1 
ATOM   582  C  CA  . HIS A 1 87  ? 10.411  14.030  -3.127  1.00 15.43 ? 87  HIS A CA  1 
ATOM   583  C  C   . HIS A 1 87  ? 10.534  12.969  -1.998  1.00 14.16 ? 87  HIS A C   1 
ATOM   584  O  O   . HIS A 1 87  ? 11.327  13.108  -1.044  1.00 13.81 ? 87  HIS A O   1 
ATOM   585  C  CB  . HIS A 1 87  ? 11.437  15.104  -2.887  1.00 16.20 ? 87  HIS A CB  1 
ATOM   586  C  CG  . HIS A 1 87  ? 11.423  16.162  -3.956  1.00 18.21 ? 87  HIS A CG  1 
ATOM   587  N  ND1 . HIS A 1 87  ? 11.511  15.847  -5.306  1.00 17.51 ? 87  HIS A ND1 1 
ATOM   588  C  CD2 . HIS A 1 87  ? 11.227  17.511  -3.884  1.00 17.13 ? 87  HIS A CD2 1 
ATOM   589  C  CE1 . HIS A 1 87  ? 11.460  16.967  -6.015  1.00 17.96 ? 87  HIS A CE1 1 
ATOM   590  N  NE2 . HIS A 1 87  ? 11.215  17.959  -5.182  1.00 19.02 ? 87  HIS A NE2 1 
ATOM   591  N  N   . SER A 1 88  ? 9.654   11.989  -2.107  1.00 13.18 ? 88  SER A N   1 
ATOM   592  C  CA  . SER A 1 88  ? 9.561   10.999  -1.060  1.00 13.35 ? 88  SER A CA  1 
ATOM   593  C  C   . SER A 1 88  ? 8.890   9.765   -1.594  1.00 13.58 ? 88  SER A C   1 
ATOM   594  O  O   . SER A 1 88  ? 8.196   9.818   -2.632  1.00 12.76 ? 88  SER A O   1 
ATOM   595  C  CB  . SER A 1 88  ? 8.787   11.530  0.162   1.00 15.18 ? 88  SER A CB  1 
ATOM   596  O  OG  . SER A 1 88  ? 7.542   12.188  -0.137  1.00 16.45 ? 88  SER A OG  1 
ATOM   597  N  N   . ALA A 1 89  ? 8.995   8.665   -0.864  1.00 12.03 ? 89  ALA A N   1 
ATOM   598  C  CA  . ALA A 1 89  ? 8.366   7.422   -1.291  1.00 11.93 ? 89  ALA A CA  1 
ATOM   599  C  C   . ALA A 1 89  ? 7.918   6.726   0.002   1.00 11.93 ? 89  ALA A C   1 
ATOM   600  O  O   . ALA A 1 89  ? 8.696   6.642   0.955   1.00 12.44 ? 89  ALA A O   1 
ATOM   601  C  CB  . ALA A 1 89  ? 9.344   6.549   -2.054  1.00 12.60 ? 89  ALA A CB  1 
ATOM   602  N  N   . THR A 1 90  ? 6.744   6.103   -0.025  1.00 10.86 ? 90  THR A N   1 
ATOM   603  C  CA  . THR A 1 90  ? 6.301   5.242   1.049   1.00 10.96 ? 90  THR A CA  1 
ATOM   604  C  C   . THR A 1 90  ? 6.222   3.820   0.578   1.00 11.14 ? 90  THR A C   1 
ATOM   605  O  O   . THR A 1 90  ? 5.710   3.556   -0.506  1.00 12.17 ? 90  THR A O   1 
ATOM   606  C  CB  . THR A 1 90  ? 4.895   5.664   1.472   1.00 12.09 ? 90  THR A CB  1 
ATOM   607  O  OG1 . THR A 1 90  ? 4.915   7.025   1.973   1.00 11.45 ? 90  THR A OG1 1 
ATOM   608  C  CG2 . THR A 1 90  ? 4.377   4.790   2.635   1.00 11.61 ? 90  THR A CG2 1 
ATOM   609  N  N   . THR A 1 91  ? 6.665   2.882   1.417   1.00 10.99 ? 91  THR A N   1 
ATOM   610  C  CA  . THR A 1 91  ? 6.442   1.465   1.235   1.00 10.11 ? 91  THR A CA  1 
ATOM   611  C  C   . THR A 1 91  ? 5.614   0.943   2.364   1.00 11.79 ? 91  THR A C   1 
ATOM   612  O  O   . THR A 1 91  ? 5.895   1.229   3.527   1.00 12.19 ? 91  THR A O   1 
ATOM   613  C  CB  . THR A 1 91  ? 7.730   0.643   1.120   1.00 12.07 ? 91  THR A CB  1 
ATOM   614  O  OG1 . THR A 1 91  ? 8.452   0.726   2.351   1.00 12.19 ? 91  THR A OG1 1 
ATOM   615  C  CG2 . THR A 1 91  ? 8.638   1.126   0.037   1.00 13.13 ? 91  THR A CG2 1 
ATOM   616  N  N   . TRP A 1 92  ? 4.559   0.228   1.992   1.00 10.53 ? 92  TRP A N   1 
ATOM   617  C  CA  . TRP A 1 92  ? 3.758   -0.503  2.996   1.00 10.37 ? 92  TRP A CA  1 
ATOM   618  C  C   . TRP A 1 92  ? 4.116   -1.951  2.902   1.00 11.88 ? 92  TRP A C   1 
ATOM   619  O  O   . TRP A 1 92  ? 4.086   -2.545  1.839   1.00 11.74 ? 92  TRP A O   1 
ATOM   620  C  CB  . TRP A 1 92  ? 2.234   -0.355  2.648   1.00 11.04 ? 92  TRP A CB  1 
ATOM   621  C  CG  . TRP A 1 92  ? 1.624   1.012   2.790   1.00 10.93 ? 92  TRP A CG  1 
ATOM   622  C  CD1 . TRP A 1 92  ? 0.808   1.409   3.820   1.00 11.32 ? 92  TRP A CD1 1 
ATOM   623  C  CD2 . TRP A 1 92  ? 1.722   2.123   1.926   1.00 10.28 ? 92  TRP A CD2 1 
ATOM   624  N  NE1 . TRP A 1 92  ? 0.400   2.669   3.648   1.00 11.72 ? 92  TRP A NE1 1 
ATOM   625  C  CE2 . TRP A 1 92  ? 0.891   3.135   2.466   1.00 11.38 ? 92  TRP A CE2 1 
ATOM   626  C  CE3 . TRP A 1 92  ? 2.374   2.350   0.707   1.00 10.65 ? 92  TRP A CE3 1 
ATOM   627  C  CZ2 . TRP A 1 92  ? 0.740   4.401   1.890   1.00 11.95 ? 92  TRP A CZ2 1 
ATOM   628  C  CZ3 . TRP A 1 92  ? 2.199   3.570   0.080   1.00 13.06 ? 92  TRP A CZ3 1 
ATOM   629  C  CH2 . TRP A 1 92  ? 1.364   4.592   0.662   1.00 12.00 ? 92  TRP A CH2 1 
ATOM   630  N  N   . SER A 1 93  ? 4.263   -2.565  4.050   1.00 12.42 ? 93  SER A N   1 
ATOM   631  C  CA  . SER A 1 93  ? 4.566   -3.989  4.199   1.00 11.60 ? 93  SER A CA  1 
ATOM   632  C  C   . SER A 1 93  ? 3.544   -4.572  5.165   1.00 11.77 ? 93  SER A C   1 
ATOM   633  O  O   . SER A 1 93  ? 3.323   -4.035  6.239   1.00 11.11 ? 93  SER A O   1 
ATOM   634  C  CB  . SER A 1 93  ? 5.981   -4.156  4.729   1.00 10.74 ? 93  SER A CB  1 
ATOM   635  O  OG  . SER A 1 93  ? 6.309   -5.508  4.877   1.00 12.53 ? 93  SER A OG  1 
ATOM   636  N  N   . GLY A 1 94  ? 2.864   -5.658  4.768   1.00 11.83 ? 94  GLY A N   1 
ATOM   637  C  CA  . GLY A 1 94  ? 1.831   -6.170  5.674   1.00 13.21 ? 94  GLY A CA  1 
ATOM   638  C  C   . GLY A 1 94  ? 1.240   -7.500  5.243   1.00 12.90 ? 94  GLY A C   1 
ATOM   639  O  O   . GLY A 1 94  ? 1.879   -8.250  4.534   1.00 12.40 ? 94  GLY A O   1 
ATOM   640  N  N   . GLN A 1 95  ? 0.026   -7.713  5.703   1.00 13.19 ? 95  GLN A N   1 
ATOM   641  C  CA  . GLN A 1 95  ? -0.704  -8.922  5.320   1.00 14.22 ? 95  GLN A CA  1 
ATOM   642  C  C   . GLN A 1 95  ? -2.158  -8.659  5.156   1.00 14.05 ? 95  GLN A C   1 
ATOM   643  O  O   . GLN A 1 95  ? -2.779  -7.869  5.832   1.00 13.38 ? 95  GLN A O   1 
ATOM   644  C  CB  . GLN A 1 95  ? -0.411  -10.073 6.233   1.00 18.01 ? 95  GLN A CB  1 
ATOM   645  C  CG  . GLN A 1 95  ? -0.723  -9.872  7.649   1.00 17.49 ? 95  GLN A CG  1 
ATOM   646  C  CD  . GLN A 1 95  ? -0.335  -11.087 8.517   1.00 19.79 ? 95  GLN A CD  1 
ATOM   647  O  OE1 . GLN A 1 95  ? -0.511  -12.255 8.153   1.00 17.72 ? 95  GLN A OE1 1 
ATOM   648  N  NE2 . GLN A 1 95  ? 0.155   -10.798 9.717   1.00 19.62 ? 95  GLN A NE2 1 
ATOM   649  N  N   . TYR A 1 96  ? -2.696  -9.367  4.158   1.00 12.98 ? 96  TYR A N   1 
ATOM   650  C  CA  . TYR A 1 96  ? -4.139  -9.420  3.841   1.00 14.53 ? 96  TYR A CA  1 
ATOM   651  C  C   . TYR A 1 96  ? -4.753  -10.559 4.674   1.00 14.67 ? 96  TYR A C   1 
ATOM   652  O  O   . TYR A 1 96  ? -4.237  -11.680 4.698   1.00 15.04 ? 96  TYR A O   1 
ATOM   653  C  CB  . TYR A 1 96  ? -4.314  -9.645  2.339   1.00 14.71 ? 96  TYR A CB  1 
ATOM   654  C  CG  . TYR A 1 96  ? -5.677  -10.156 1.945   1.00 15.95 ? 96  TYR A CG  1 
ATOM   655  C  CD1 . TYR A 1 96  ? -6.730  -9.287  1.755   1.00 16.44 ? 96  TYR A CD1 1 
ATOM   656  C  CD2 . TYR A 1 96  ? -5.871  -11.485 1.799   1.00 16.76 ? 96  TYR A CD2 1 
ATOM   657  C  CE1 . TYR A 1 96  ? -8.013  -9.737  1.361   1.00 18.21 ? 96  TYR A CE1 1 
ATOM   658  C  CE2 . TYR A 1 96  ? -7.111  -11.966 1.441   1.00 21.47 ? 96  TYR A CE2 1 
ATOM   659  C  CZ  . TYR A 1 96  ? -8.150  -11.106 1.266   1.00 19.25 ? 96  TYR A CZ  1 
ATOM   660  O  OH  . TYR A 1 96  ? -9.359  -11.589 0.833   1.00 22.63 ? 96  TYR A OH  1 
ATOM   661  N  N   . VAL A 1 97  ? -5.881  -10.227 5.325   1.00 16.22 ? 97  VAL A N   1 
ATOM   662  C  CA  . VAL A 1 97  ? -6.604  -11.178 6.185   1.00 17.36 ? 97  VAL A CA  1 
ATOM   663  C  C   . VAL A 1 97  ? -8.017  -11.207 5.569   1.00 21.57 ? 97  VAL A C   1 
ATOM   664  O  O   . VAL A 1 97  ? -8.686  -10.179 5.537   1.00 20.21 ? 97  VAL A O   1 
ATOM   665  C  CB  . VAL A 1 97  ? -6.654  -10.631 7.592   1.00 22.14 ? 97  VAL A CB  1 
ATOM   666  C  CG1 . VAL A 1 97  ? -7.425  -11.580 8.513   1.00 26.63 ? 97  VAL A CG1 1 
ATOM   667  C  CG2 . VAL A 1 97  ? -5.237  -10.454 8.116   1.00 23.64 ? 97  VAL A CG2 1 
ATOM   668  N  N   . GLY A 1 98  ? -8.426  -12.348 5.044   1.00 24.08 ? 98  GLY A N   1 
ATOM   669  C  CA  . GLY A 1 98  ? -9.679  -12.402 4.219   1.00 27.11 ? 98  GLY A CA  1 
ATOM   670  C  C   . GLY A 1 98  ? -10.898 -12.489 5.179   1.00 30.42 ? 98  GLY A C   1 
ATOM   671  O  O   . GLY A 1 98  ? -10.747 -12.521 6.389   1.00 30.59 ? 98  GLY A O   1 
ATOM   672  N  N   . GLY A 1 99  ? -12.106 -12.573 4.636   1.00 36.23 ? 99  GLY A N   1 
ATOM   673  C  CA  . GLY A 1 99  ? -13.289 -12.933 5.476   1.00 38.05 ? 99  GLY A CA  1 
ATOM   674  C  C   . GLY A 1 99  ? -14.243 -11.778 5.518   1.00 38.11 ? 99  GLY A C   1 
ATOM   675  O  O   . GLY A 1 99  ? -14.082 -10.781 4.784   1.00 40.00 ? 99  GLY A O   1 
ATOM   676  N  N   . ALA A 1 100 ? -15.234 -11.880 6.382   1.00 41.07 ? 100 ALA A N   1 
ATOM   677  C  CA  . ALA A 1 100 ? -16.381 -10.986 6.344   1.00 39.62 ? 100 ALA A CA  1 
ATOM   678  C  C   . ALA A 1 100 ? -15.960 -9.576  6.530   1.00 44.79 ? 100 ALA A C   1 
ATOM   679  O  O   . ALA A 1 100 ? -16.529 -8.657  5.886   1.00 48.92 ? 100 ALA A O   1 
ATOM   680  C  CB  . ALA A 1 100 ? -17.343 -11.383 7.481   1.00 47.71 ? 100 ALA A CB  1 
ATOM   681  N  N   . GLU A 1 101 ? -14.975 -9.423  7.426   1.00 37.29 ? 101 GLU A N   1 
ATOM   682  C  CA  . GLU A 1 101 ? -14.326 -8.167  7.716   1.00 39.80 ? 101 GLU A CA  1 
ATOM   683  C  C   . GLU A 1 101 ? -12.842 -8.234  7.202   1.00 31.41 ? 101 GLU A C   1 
ATOM   684  O  O   . GLU A 1 101 ? -11.866 -8.167  7.984   1.00 31.81 ? 101 GLU A O   1 
ATOM   685  C  CB  . GLU A 1 101 ? -14.437 -7.905  9.208   1.00 49.68 ? 101 GLU A CB  1 
ATOM   686  C  CG  . GLU A 1 101 ? -15.932 -7.952  9.651   1.00 63.36 ? 101 GLU A CG  1 
ATOM   687  C  CD  . GLU A 1 101 ? -16.313 -6.944  10.731  1.00 68.28 ? 101 GLU A CD  1 
ATOM   688  O  OE1 . GLU A 1 101 ? -16.820 -5.835  10.398  1.00 68.99 ? 101 GLU A OE1 1 
ATOM   689  O  OE2 . GLU A 1 101 ? -16.094 -7.272  11.914  1.00 81.74 ? 101 GLU A OE2 1 
ATOM   690  N  N   . ALA A 1 102 ? -12.723 -8.364  5.884   1.00 26.15 ? 102 ALA A N   1 
ATOM   691  C  CA  . ALA A 1 102 ? -11.374 -8.376  5.271   1.00 23.10 ? 102 ALA A CA  1 
ATOM   692  C  C   . ALA A 1 102 ? -10.593 -7.127  5.626   1.00 19.76 ? 102 ALA A C   1 
ATOM   693  O  O   . ALA A 1 102 ? -11.128 -6.039  5.706   1.00 18.67 ? 102 ALA A O   1 
ATOM   694  C  CB  . ALA A 1 102 ? -11.494 -8.551  3.805   1.00 24.55 ? 102 ALA A CB  1 
ATOM   695  N  N   . ARG A 1 103 ? -9.287  -7.299  5.839   1.00 17.94 ? 103 ARG A N   1 
ATOM   696  C  CA  . ARG A 1 103 ? -8.418  -6.180  6.209   1.00 18.17 ? 103 ARG A CA  1 
ATOM   697  C  C   . ARG A 1 103 ? -7.075  -6.388  5.541   1.00 15.48 ? 103 ARG A C   1 
ATOM   698  O  O   . ARG A 1 103 ? -6.644  -7.516  5.305   1.00 14.94 ? 103 ARG A O   1 
ATOM   699  C  CB  . ARG A 1 103 ? -8.052  -6.308  7.722   1.00 26.33 ? 103 ARG A CB  1 
ATOM   700  C  CG  . ARG A 1 103 ? -9.158  -6.127  8.746   1.00 39.90 ? 103 ARG A CG  1 
ATOM   701  C  CD  . ARG A 1 103 ? -9.252  -4.679  9.213   1.00 48.84 ? 103 ARG A CD  1 
ATOM   702  N  NE  . ARG A 1 103 ? -10.260 -4.298  10.233  1.00 46.84 ? 103 ARG A NE  1 
ATOM   703  C  CZ  . ARG A 1 103 ? -11.592 -4.354  10.073  1.00 57.69 ? 103 ARG A CZ  1 
ATOM   704  N  NH1 . ARG A 1 103 ? -12.162 -4.863  8.964   1.00 49.73 ? 103 ARG A NH1 1 
ATOM   705  N  NH2 . ARG A 1 103 ? -12.371 -3.927  11.060  1.00 66.34 ? 103 ARG A NH2 1 
ATOM   706  N  N   . ILE A 1 104 ? -6.431  -5.270  5.250   1.00 14.62 ? 104 ILE A N   1 
ATOM   707  C  CA  . ILE A 1 104 ? -4.968  -5.335  5.024   1.00 14.31 ? 104 ILE A CA  1 
ATOM   708  C  C   . ILE A 1 104 ? -4.313  -4.566  6.176   1.00 14.17 ? 104 ILE A C   1 
ATOM   709  O  O   . ILE A 1 104 ? -4.490  -3.330  6.281   1.00 15.23 ? 104 ILE A O   1 
ATOM   710  C  CB  . ILE A 1 104 ? -4.611  -4.800  3.625   1.00 14.64 ? 104 ILE A CB  1 
ATOM   711  C  CG1 . ILE A 1 104 ? -5.324  -5.564  2.484   1.00 17.19 ? 104 ILE A CG1 1 
ATOM   712  C  CG2 . ILE A 1 104 ? -3.111  -4.873  3.451   1.00 17.35 ? 104 ILE A CG2 1 
ATOM   713  C  CD1 . ILE A 1 104 ? -5.154  -4.881  1.136   1.00 18.12 ? 104 ILE A CD1 1 
ATOM   714  N  N   . ASN A 1 105 ? -3.482  -5.223  6.977   1.00 13.64 ? 105 ASN A N   1 
ATOM   715  C  CA  . ASN A 1 105 ? -2.800  -4.618  8.139   1.00 14.07 ? 105 ASN A CA  1 
ATOM   716  C  C   . ASN A 1 105 ? -1.359  -4.373  7.703   1.00 14.38 ? 105 ASN A C   1 
ATOM   717  O  O   . ASN A 1 105 ? -0.704  -5.282  7.293   1.00 14.30 ? 105 ASN A O   1 
ATOM   718  C  CB  . ASN A 1 105 ? -2.844  -5.553  9.276   1.00 15.61 ? 105 ASN A CB  1 
ATOM   719  C  CG  . ASN A 1 105 ? -4.281  -5.768  9.792   1.00 20.86 ? 105 ASN A CG  1 
ATOM   720  O  OD1 . ASN A 1 105 ? -5.081  -4.847  9.826   1.00 22.14 ? 105 ASN A OD1 1 
ATOM   721  N  ND2 . ASN A 1 105 ? -4.607  -7.007  10.052  1.00 21.22 ? 105 ASN A ND2 1 
ATOM   722  N  N   . THR A 1 106 ? -0.938  -3.122  7.780   1.00 13.70 ? 106 THR A N   1 
ATOM   723  C  CA  . THR A 1 106 ? 0.354   -2.714  7.293   1.00 12.26 ? 106 THR A CA  1 
ATOM   724  C  C   . THR A 1 106 ? 1.124   -1.867  8.307   1.00 12.64 ? 106 THR A C   1 
ATOM   725  O  O   . THR A 1 106 ? 0.558   -1.211  9.257   1.00 11.30 ? 106 THR A O   1 
ATOM   726  C  CB  . THR A 1 106 ? 0.262   -1.872  6.012   1.00 12.84 ? 106 THR A CB  1 
ATOM   727  O  OG1 . THR A 1 106 ? -0.236  -0.548  6.339   1.00 11.85 ? 106 THR A OG1 1 
ATOM   728  C  CG2 . THR A 1 106 ? -0.574  -2.573  4.963   1.00 13.12 ? 106 THR A CG2 1 
ATOM   729  N  N   . GLN A 1 107 ? 2.434   -1.935  8.128   1.00 11.28 ? 107 GLN A N   1 
ATOM   730  C  CA  . GLN A 1 107 ? 3.361   -0.950  8.651   1.00 11.04 ? 107 GLN A CA  1 
ATOM   731  C  C   . GLN A 1 107 ? 4.025   -0.318  7.425   1.00 10.32 ? 107 GLN A C   1 
ATOM   732  O  O   . GLN A 1 107 ? 4.146   -0.916  6.364   1.00 10.97 ? 107 GLN A O   1 
ATOM   733  C  CB  . GLN A 1 107 ? 4.382   -1.502  9.633   1.00 12.62 ? 107 GLN A CB  1 
ATOM   734  C  CG  . GLN A 1 107 ? 3.595   -2.022  10.853  1.00 15.51 ? 107 GLN A CG  1 
ATOM   735  C  CD  . GLN A 1 107 ? 4.435   -2.538  11.943  1.00 18.73 ? 107 GLN A CD  1 
ATOM   736  O  OE1 . GLN A 1 107 ? 4.776   -1.815  12.862  1.00 21.18 ? 107 GLN A OE1 1 
ATOM   737  N  NE2 . GLN A 1 107 ? 4.716   -3.857  11.896  1.00 17.53 ? 107 GLN A NE2 1 
ATOM   738  N  N   . TRP A 1 108 ? 4.402   0.949   7.565   1.00 9.93  ? 108 TRP A N   1 
ATOM   739  C  CA  . TRP A 1 108 ? 5.032   1.707   6.436   1.00 10.62 ? 108 TRP A CA  1 
ATOM   740  C  C   . TRP A 1 108 ? 6.230   2.502   6.818   1.00 11.08 ? 108 TRP A C   1 
ATOM   741  O  O   . TRP A 1 108 ? 6.403   2.900   7.995   1.00 11.89 ? 108 TRP A O   1 
ATOM   742  C  CB  . TRP A 1 108 ? 3.969   2.560   5.721   1.00 9.96  ? 108 TRP A CB  1 
ATOM   743  C  CG  . TRP A 1 108 ? 3.199   3.530   6.570   1.00 10.43 ? 108 TRP A CG  1 
ATOM   744  C  CD1 . TRP A 1 108 ? 1.885   3.415   6.951   1.00 12.48 ? 108 TRP A CD1 1 
ATOM   745  C  CD2 . TRP A 1 108 ? 3.620   4.790   7.044   1.00 10.90 ? 108 TRP A CD2 1 
ATOM   746  N  NE1 . TRP A 1 108 ? 1.517   4.465   7.722   1.00 12.90 ? 108 TRP A NE1 1 
ATOM   747  C  CE2 . TRP A 1 108 ? 2.542   5.368   7.773   1.00 11.31 ? 108 TRP A CE2 1 
ATOM   748  C  CE3 . TRP A 1 108 ? 4.808   5.489   6.958   1.00 12.01 ? 108 TRP A CE3 1 
ATOM   749  C  CZ2 . TRP A 1 108 ? 2.614   6.606   8.342   1.00 11.83 ? 108 TRP A CZ2 1 
ATOM   750  C  CZ3 . TRP A 1 108 ? 4.883   6.750   7.569   1.00 12.35 ? 108 TRP A CZ3 1 
ATOM   751  C  CH2 . TRP A 1 108 ? 3.794   7.253   8.313   1.00 13.67 ? 108 TRP A CH2 1 
ATOM   752  N  N   . LEU A 1 109 ? 7.081   2.742   5.817   1.00 10.94 ? 109 LEU A N   1 
ATOM   753  C  CA  . LEU A 1 109 ? 8.274   3.573   5.902   1.00 11.00 ? 109 LEU A CA  1 
ATOM   754  C  C   . LEU A 1 109 ? 8.196   4.602   4.791   1.00 11.76 ? 109 LEU A C   1 
ATOM   755  O  O   . LEU A 1 109 ? 8.057   4.270   3.605   1.00 12.56 ? 109 LEU A O   1 
ATOM   756  C  CB  . LEU A 1 109 ? 9.540   2.749   5.660   1.00 11.42 ? 109 LEU A CB  1 
ATOM   757  C  CG  . LEU A 1 109 ? 9.911   1.667   6.692   1.00 11.73 ? 109 LEU A CG  1 
ATOM   758  C  CD1 . LEU A 1 109 ? 10.994  0.777   6.129   1.00 13.31 ? 109 LEU A CD1 1 
ATOM   759  C  CD2 . LEU A 1 109 ? 10.188  2.304   8.019   1.00 13.08 ? 109 LEU A CD2 1 
ATOM   760  N  N   . LEU A 1 110 ? 8.263   5.865   5.191   1.00 10.31 ? 110 LEU A N   1 
ATOM   761  C  CA  . LEU A 1 110 ? 8.164   7.039   4.279   1.00 11.38 ? 110 LEU A CA  1 
ATOM   762  C  C   . LEU A 1 110 ? 9.513   7.762   4.289   1.00 11.66 ? 110 LEU A C   1 
ATOM   763  O  O   . LEU A 1 110 ? 9.867   8.425   5.258   1.00 12.00 ? 110 LEU A O   1 
ATOM   764  C  CB  . LEU A 1 110 ? 7.043   7.922   4.683   1.00 12.86 ? 110 LEU A CB  1 
ATOM   765  C  CG  . LEU A 1 110 ? 6.872   9.341   4.158   1.00 15.71 ? 110 LEU A CG  1 
ATOM   766  C  CD1 . LEU A 1 110 ? 6.989   9.432   2.691   1.00 18.27 ? 110 LEU A CD1 1 
ATOM   767  C  CD2 . LEU A 1 110 ? 5.480   9.840   4.505   1.00 16.30 ? 110 LEU A CD2 1 
ATOM   768  N  N   . THR A 1 111 ? 10.291  7.589   3.221   1.00 11.82 ? 111 THR A N   1 
ATOM   769  C  CA  . THR A 1 111 ? 11.617  8.182   3.168   1.00 11.57 ? 111 THR A CA  1 
ATOM   770  C  C   . THR A 1 111 ? 11.540  9.423   2.270   1.00 12.22 ? 111 THR A C   1 
ATOM   771  O  O   . THR A 1 111 ? 10.974  9.351   1.158   1.00 12.85 ? 111 THR A O   1 
ATOM   772  C  CB  . THR A 1 111 ? 12.660  7.223   2.594   1.00 12.84 ? 111 THR A CB  1 
ATOM   773  O  OG1 . THR A 1 111 ? 12.694  6.028   3.383   1.00 11.15 ? 111 THR A OG1 1 
ATOM   774  C  CG2 . THR A 1 111 ? 14.063  7.801   2.658   1.00 13.91 ? 111 THR A CG2 1 
ATOM   775  N  N   . SER A 1 112 ? 12.120  10.523  2.722   1.00 12.02 ? 112 SER A N   1 
ATOM   776  C  CA  . SER A 1 112 ? 12.230  11.755  1.938   1.00 13.19 ? 112 SER A CA  1 
ATOM   777  C  C   . SER A 1 112 ? 13.629  11.828  1.367   1.00 15.62 ? 112 SER A C   1 
ATOM   778  O  O   . SER A 1 112 ? 14.570  11.398  2.058   1.00 15.89 ? 112 SER A O   1 
ATOM   779  C  CB  . SER A 1 112 ? 11.931  12.976  2.743   1.00 15.14 ? 112 SER A CB  1 
ATOM   780  O  OG  . SER A 1 112 ? 10.552  12.976  3.098   1.00 16.33 ? 112 SER A OG  1 
ATOM   781  N  N   . GLY A 1 113 ? 13.822  12.385  0.167   1.00 17.02 ? 113 GLY A N   1 
ATOM   782  C  CA  . GLY A 1 113 ? 15.176  12.761  -0.227  1.00 17.27 ? 113 GLY A CA  1 
ATOM   783  C  C   . GLY A 1 113 ? 15.727  13.868  0.652   1.00 16.84 ? 113 GLY A C   1 
ATOM   784  O  O   . GLY A 1 113 ? 15.040  14.833  0.958   1.00 19.81 ? 113 GLY A O   1 
ATOM   785  N  N   . THR A 1 114 ? 16.926  13.681  1.139   1.00 17.62 ? 114 THR A N   1 
ATOM   786  C  CA  . THR A 1 114 ? 17.558  14.644  2.025   1.00 17.60 ? 114 THR A CA  1 
ATOM   787  C  C   . THR A 1 114 ? 19.035  14.837  1.594   1.00 17.80 ? 114 THR A C   1 
ATOM   788  O  O   . THR A 1 114 ? 19.647  14.013  0.909   1.00 17.82 ? 114 THR A O   1 
ATOM   789  C  CB  . THR A 1 114 ? 17.561  14.218  3.495   1.00 17.88 ? 114 THR A CB  1 
ATOM   790  O  OG1 . THR A 1 114 ? 18.445  13.090  3.714   1.00 17.77 ? 114 THR A OG1 1 
ATOM   791  C  CG2 . THR A 1 114 ? 16.108  13.965  3.985   1.00 19.10 ? 114 THR A CG2 1 
ATOM   792  N  N   . THR A 1 115 ? 19.651  15.885  2.163   1.00 18.87 ? 115 THR A N   1 
ATOM   793  C  CA  . THR A 1 115 ? 21.112  15.891  2.149   1.00 21.99 ? 115 THR A CA  1 
ATOM   794  C  C   . THR A 1 115 ? 21.659  14.803  3.069   1.00 23.40 ? 115 THR A C   1 
ATOM   795  O  O   . THR A 1 115 ? 20.954  14.243  3.930   1.00 20.54 ? 115 THR A O   1 
ATOM   796  C  CB  . THR A 1 115 ? 21.636  17.289  2.599   1.00 22.16 ? 115 THR A CB  1 
ATOM   797  O  OG1 . THR A 1 115 ? 21.192  17.553  3.941   1.00 23.82 ? 115 THR A OG1 1 
ATOM   798  C  CG2 . THR A 1 115 ? 21.089  18.348  1.673   1.00 23.75 ? 115 THR A CG2 1 
ATOM   799  N  N   . GLU A 1 116 ? 22.946  14.465  2.907   1.00 24.80 ? 116 GLU A N   1 
ATOM   800  C  CA  . GLU A 1 116 ? 23.560  13.480  3.799   1.00 28.21 ? 116 GLU A CA  1 
ATOM   801  C  C   . GLU A 1 116 ? 23.544  13.941  5.258   1.00 26.24 ? 116 GLU A C   1 
ATOM   802  O  O   . GLU A 1 116 ? 23.292  13.141  6.170   1.00 24.55 ? 116 GLU A O   1 
ATOM   803  C  CB  . GLU A 1 116 ? 24.994  13.137  3.312   1.00 34.63 ? 116 GLU A CB  1 
ATOM   804  C  CG  . GLU A 1 116 ? 24.844  12.381  1.972   1.00 42.33 ? 116 GLU A CG  1 
ATOM   805  C  CD  . GLU A 1 116 ? 26.033  11.496  1.584   1.00 57.73 ? 116 GLU A CD  1 
ATOM   806  O  OE1 . GLU A 1 116 ? 27.016  12.023  0.979   1.00 49.71 ? 116 GLU A OE1 1 
ATOM   807  O  OE2 . GLU A 1 116 ? 25.919  10.254  1.805   1.00 61.29 ? 116 GLU A OE2 1 
ATOM   808  N  N   . ALA A 1 117 ? 23.728  15.221  5.477   1.00 25.25 ? 117 ALA A N   1 
ATOM   809  C  CA  . ALA A 1 117 ? 23.633  15.785  6.827   1.00 30.26 ? 117 ALA A CA  1 
ATOM   810  C  C   . ALA A 1 117 ? 22.273  15.608  7.501   1.00 27.56 ? 117 ALA A C   1 
ATOM   811  O  O   . ALA A 1 117 ? 22.227  15.480  8.721   1.00 29.31 ? 117 ALA A O   1 
ATOM   812  C  CB  . ALA A 1 117 ? 23.996  17.267  6.841   1.00 31.92 ? 117 ALA A CB  1 
ATOM   813  N  N   . ASN A 1 118 ? 21.202  15.607  6.727   1.00 21.72 ? 118 ASN A N   1 
ATOM   814  C  CA  . ASN A 1 118 ? 19.845  15.393  7.251   1.00 19.87 ? 118 ASN A CA  1 
ATOM   815  C  C   . ASN A 1 118 ? 19.300  13.959  7.084   1.00 19.95 ? 118 ASN A C   1 
ATOM   816  O  O   . ASN A 1 118 ? 18.135  13.748  7.389   1.00 18.09 ? 118 ASN A O   1 
ATOM   817  C  CB  . ASN A 1 118 ? 18.887  16.370  6.610   1.00 20.10 ? 118 ASN A CB  1 
ATOM   818  C  CG  . ASN A 1 118 ? 19.226  17.835  6.985   1.00 26.76 ? 118 ASN A CG  1 
ATOM   819  O  OD1 . ASN A 1 118 ? 19.715  18.091  8.058   1.00 26.27 ? 118 ASN A OD1 1 
ATOM   820  N  ND2 . ASN A 1 118 ? 18.943  18.732  6.117   1.00 28.02 ? 118 ASN A ND2 1 
ATOM   821  N  N   . ALA A 1 119 ? 20.103  13.010  6.635   1.00 17.77 ? 119 ALA A N   1 
ATOM   822  C  CA  . ALA A 1 119 ? 19.595  11.687  6.381   1.00 17.74 ? 119 ALA A CA  1 
ATOM   823  C  C   . ALA A 1 119 ? 19.082  11.014  7.675   1.00 16.71 ? 119 ALA A C   1 
ATOM   824  O  O   . ALA A 1 119 ? 18.209  10.168  7.610   1.00 16.12 ? 119 ALA A O   1 
ATOM   825  C  CB  . ALA A 1 119 ? 20.619  10.793  5.701   1.00 19.74 ? 119 ALA A CB  1 
ATOM   826  N  N   . TRP A 1 120 ? 19.619  11.395  8.840   1.00 17.55 ? 120 TRP A N   1 
ATOM   827  C  CA  . TRP A 1 120 ? 19.166  10.808  10.115  1.00 16.69 ? 120 TRP A CA  1 
ATOM   828  C  C   . TRP A 1 120 ? 17.658  11.054  10.323  1.00 16.94 ? 120 TRP A C   1 
ATOM   829  O  O   . TRP A 1 120 ? 17.011  10.258  11.012  1.00 15.23 ? 120 TRP A O   1 
ATOM   830  C  CB  . TRP A 1 120 ? 19.979  11.300  11.361  1.00 16.13 ? 120 TRP A CB  1 
ATOM   831  C  CG  . TRP A 1 120 ? 19.740  12.699  11.677  1.00 14.67 ? 120 TRP A CG  1 
ATOM   832  C  CD1 . TRP A 1 120 ? 20.369  13.780  11.149  1.00 16.78 ? 120 TRP A CD1 1 
ATOM   833  C  CD2 . TRP A 1 120 ? 18.731  13.223  12.519  1.00 14.19 ? 120 TRP A CD2 1 
ATOM   834  N  NE1 . TRP A 1 120 ? 19.846  14.935  11.597  1.00 16.62 ? 120 TRP A NE1 1 
ATOM   835  C  CE2 . TRP A 1 120 ? 18.837  14.640  12.462  1.00 16.53 ? 120 TRP A CE2 1 
ATOM   836  C  CE3 . TRP A 1 120 ? 17.791  12.665  13.380  1.00 15.12 ? 120 TRP A CE3 1 
ATOM   837  C  CZ2 . TRP A 1 120 ? 18.044  15.471  13.228  1.00 15.23 ? 120 TRP A CZ2 1 
ATOM   838  C  CZ3 . TRP A 1 120 ? 16.967  13.499  14.131  1.00 15.48 ? 120 TRP A CZ3 1 
ATOM   839  C  CH2 . TRP A 1 120 ? 17.122  14.874  14.080  1.00 16.62 ? 120 TRP A CH2 1 
ATOM   840  N  N   . LYS A 1 121 ? 17.107  12.150  9.761   1.00 14.25 ? 121 LYS A N   1 
ATOM   841  C  CA  . LYS A 1 121 ? 15.696  12.501  9.918   1.00 16.10 ? 121 LYS A CA  1 
ATOM   842  C  C   . LYS A 1 121 ? 14.907  12.300  8.624   1.00 15.06 ? 121 LYS A C   1 
ATOM   843  O  O   . LYS A 1 121 ? 13.867  12.937  8.369   1.00 15.06 ? 121 LYS A O   1 
ATOM   844  C  CB  . LYS A 1 121 ? 15.562  13.897  10.501  1.00 18.29 ? 121 LYS A CB  1 
ATOM   845  C  CG  . LYS A 1 121 ? 16.194  14.968  9.691   1.00 19.25 ? 121 LYS A CG  1 
ATOM   846  C  CD  . LYS A 1 121 ? 15.857  16.302  10.344  1.00 22.21 ? 121 LYS A CD  1 
ATOM   847  C  CE  . LYS A 1 121 ? 16.642  17.378  9.657   1.00 27.39 ? 121 LYS A CE  1 
ATOM   848  N  NZ  . LYS A 1 121 ? 16.299  18.738  10.149  1.00 29.86 ? 121 LYS A NZ  1 
ATOM   849  N  N   . SER A 1 122 ? 15.404  11.388  7.762   1.00 14.17 ? 122 SER A N   1 
ATOM   850  C  CA  . SER A 1 122 ? 14.749  11.162  6.447   1.00 13.81 ? 122 SER A CA  1 
ATOM   851  C  C   . SER A 1 122 ? 13.503  10.286  6.466   1.00 12.49 ? 122 SER A C   1 
ATOM   852  O  O   . SER A 1 122 ? 12.732  10.293  5.495   1.00 13.27 ? 122 SER A O   1 
ATOM   853  C  CB  . SER A 1 122 ? 15.758  10.553  5.448   1.00 14.35 ? 122 SER A CB  1 
ATOM   854  O  OG  . SER A 1 122 ? 16.068  9.246   5.890   1.00 15.59 ? 122 SER A OG  1 
ATOM   855  N  N   . THR A 1 123 ? 13.294  9.450   7.493   1.00 10.85 ? 123 THR A N   1 
ATOM   856  C  CA  . THR A 1 123 ? 12.394  8.371   7.329   1.00 11.91 ? 123 THR A CA  1 
ATOM   857  C  C   . THR A 1 123 ? 11.352  8.343   8.468   1.00 12.23 ? 123 THR A C   1 
ATOM   858  O  O   . THR A 1 123 ? 11.705  8.238   9.684   1.00 12.20 ? 123 THR A O   1 
ATOM   859  C  CB  . THR A 1 123 ? 13.112  6.999   7.378   1.00 12.42 ? 123 THR A CB  1 
ATOM   860  O  OG1 . THR A 1 123 ? 14.120  7.011   6.344   1.00 13.02 ? 123 THR A OG1 1 
ATOM   861  C  CG2 . THR A 1 123 ? 12.110  5.898   7.034   1.00 13.59 ? 123 THR A CG2 1 
ATOM   862  N  N   . LEU A 1 124 ? 10.070  8.509   8.086   1.00 11.34 ? 124 LEU A N   1 
ATOM   863  C  CA  . LEU A 1 124 ? 8.936   8.337   9.001   1.00 12.74 ? 124 LEU A CA  1 
ATOM   864  C  C   . LEU A 1 124 ? 8.469   6.861   8.977   1.00 12.22 ? 124 LEU A C   1 
ATOM   865  O  O   . LEU A 1 124 ? 8.578   6.140   7.951   1.00 11.26 ? 124 LEU A O   1 
ATOM   866  C  CB  . LEU A 1 124 ? 7.765   9.204   8.584   1.00 13.36 ? 124 LEU A CB  1 
ATOM   867  C  CG  . LEU A 1 124 ? 7.999   10.690  8.806   1.00 15.06 ? 124 LEU A CG  1 
ATOM   868  C  CD1 . LEU A 1 124 ? 6.961   11.463  7.992   1.00 17.76 ? 124 LEU A CD1 1 
ATOM   869  C  CD2 . LEU A 1 124 ? 7.955   11.080  10.255  1.00 16.93 ? 124 LEU A CD2 1 
ATOM   870  N  N   . VAL A 1 125 ? 7.894   6.421   10.104  1.00 11.57 ? 125 VAL A N   1 
ATOM   871  C  CA  . VAL A 1 125 ? 7.319   5.107   10.237  1.00 12.56 ? 125 VAL A CA  1 
ATOM   872  C  C   . VAL A 1 125 ? 5.925   5.219   10.855  1.00 12.30 ? 125 VAL A C   1 
ATOM   873  O  O   . VAL A 1 125 ? 5.673   6.032   11.730  1.00 11.89 ? 125 VAL A O   1 
ATOM   874  C  CB  . VAL A 1 125 ? 8.198   4.159   11.101  1.00 12.56 ? 125 VAL A CB  1 
ATOM   875  C  CG1 . VAL A 1 125 ? 8.429   4.666   12.532  1.00 13.19 ? 125 VAL A CG1 1 
ATOM   876  C  CG2 . VAL A 1 125 ? 7.694   2.736   11.124  1.00 12.50 ? 125 VAL A CG2 1 
ATOM   877  N  N   . GLY A 1 126 ? 5.026   4.367   10.336  1.00 11.12 ? 126 GLY A N   1 
ATOM   878  C  CA  . GLY A 1 126 ? 3.711   4.284   10.900  1.00 10.95 ? 126 GLY A CA  1 
ATOM   879  C  C   . GLY A 1 126 ? 3.012   3.031   10.462  1.00 11.66 ? 126 GLY A C   1 
ATOM   880  O  O   . GLY A 1 126 ? 3.612   2.079   10.053  1.00 11.75 ? 126 GLY A O   1 
ATOM   881  N  N   . HIS A 1 127 ? 1.702   2.985   10.777  1.00 11.28 ? 127 HIS A N   1 
ATOM   882  C  CA  . HIS A 1 127 ? 0.874   1.794   10.519  1.00 12.17 ? 127 HIS A CA  1 
ATOM   883  C  C   . HIS A 1 127 ? -0.498  2.220   9.993   1.00 11.59 ? 127 HIS A C   1 
ATOM   884  O  O   . HIS A 1 127 ? -1.095  3.115   10.570  1.00 12.79 ? 127 HIS A O   1 
ATOM   885  C  CB  . HIS A 1 127 ? 0.766   0.928   11.763  1.00 13.89 ? 127 HIS A CB  1 
ATOM   886  C  CG  . HIS A 1 127 ? 0.480   1.683   13.015  1.00 15.66 ? 127 HIS A CG  1 
ATOM   887  N  ND1 . HIS A 1 127 ? -0.811  1.831   13.497  1.00 17.51 ? 127 HIS A ND1 1 
ATOM   888  C  CD2 . HIS A 1 127 ? 1.258   2.442   13.815  1.00 17.53 ? 127 HIS A CD2 1 
ATOM   889  C  CE1 . HIS A 1 127 ? -0.801  2.580   14.578  1.00 16.92 ? 127 HIS A CE1 1 
ATOM   890  N  NE2 . HIS A 1 127 ? 0.432   2.977   14.793  1.00 19.31 ? 127 HIS A NE2 1 
ATOM   891  N  N   . ASP A 1 128 ? -0.938  1.569   8.926   1.00 12.11 ? 128 ASP A N   1 
ATOM   892  C  CA  . ASP A 1 128 ? -2.259  1.745   8.328   1.00 12.03 ? 128 ASP A CA  1 
ATOM   893  C  C   . ASP A 1 128 ? -3.009  0.435   8.285   1.00 13.10 ? 128 ASP A C   1 
ATOM   894  O  O   . ASP A 1 128 ? -2.461  -0.598  7.918   1.00 13.46 ? 128 ASP A O   1 
ATOM   895  C  CB  . ASP A 1 128 ? -2.145  2.241   6.913   1.00 12.18 ? 128 ASP A CB  1 
ATOM   896  C  CG  . ASP A 1 128 ? -1.625  3.664   6.748   1.00 12.81 ? 128 ASP A CG  1 
ATOM   897  O  OD1 . ASP A 1 128 ? -1.489  4.422   7.732   1.00 14.29 ? 128 ASP A OD1 1 
ATOM   898  O  OD2 . ASP A 1 128 ? -1.302  4.031   5.584   1.00 12.63 ? 128 ASP A OD2 1 
ATOM   899  N  N   . THR A 1 129 ? -4.320  0.510   8.594   1.00 15.20 ? 129 THR A N   1 
ATOM   900  C  CA  . THR A 1 129 ? -5.209  -0.627  8.420   1.00 13.71 ? 129 THR A CA  1 
ATOM   901  C  C   . THR A 1 129 ? -6.224  -0.237  7.337   1.00 12.21 ? 129 THR A C   1 
ATOM   902  O  O   . THR A 1 129 ? -6.837  0.811   7.437   1.00 13.65 ? 129 THR A O   1 
ATOM   903  C  CB  . THR A 1 129 ? -5.967  -0.956  9.692   1.00 18.73 ? 129 THR A CB  1 
ATOM   904  O  OG1 . THR A 1 129 ? -5.016  -1.280  10.694  1.00 27.28 ? 129 THR A OG1 1 
ATOM   905  C  CG2 . THR A 1 129 ? -6.797  -2.217  9.472   1.00 18.17 ? 129 THR A CG2 1 
ATOM   906  N  N   . PHE A 1 130 ? -6.318  -1.086  6.322   1.00 13.45 ? 130 PHE A N   1 
ATOM   907  C  CA  . PHE A 1 130 ? -7.238  -0.892  5.187   1.00 12.76 ? 130 PHE A CA  1 
ATOM   908  C  C   . PHE A 1 130 ? -8.396  -1.857  5.301   1.00 14.58 ? 130 PHE A C   1 
ATOM   909  O  O   . PHE A 1 130 ? -8.208  -3.063  5.640   1.00 15.06 ? 130 PHE A O   1 
ATOM   910  C  CB  . PHE A 1 130 ? -6.494  -1.191  3.927   1.00 13.12 ? 130 PHE A CB  1 
ATOM   911  C  CG  . PHE A 1 130 ? -5.398  -0.210  3.647   1.00 13.50 ? 130 PHE A CG  1 
ATOM   912  C  CD1 . PHE A 1 130 ? -4.084  -0.457  4.127   1.00 13.68 ? 130 PHE A CD1 1 
ATOM   913  C  CD2 . PHE A 1 130 ? -5.603  0.942   2.888   1.00 13.27 ? 130 PHE A CD2 1 
ATOM   914  C  CE1 . PHE A 1 130 ? -3.071  0.427   3.863   1.00 13.47 ? 130 PHE A CE1 1 
ATOM   915  C  CE2 . PHE A 1 130 ? -4.559  1.829   2.617   1.00 13.81 ? 130 PHE A CE2 1 
ATOM   916  C  CZ  . PHE A 1 130 ? -3.298  1.601   3.190   1.00 14.11 ? 130 PHE A CZ  1 
ATOM   917  N  N   . THR A 1 131 ? -9.581  -1.303  5.014   1.00 15.31 ? 131 THR A N   1 
ATOM   918  C  CA  . THR A 1 131 ? -10.803 -2.074  4.967   1.00 16.54 ? 131 THR A CA  1 
ATOM   919  C  C   . THR A 1 131 ? -11.482 -1.841  3.650   1.00 17.70 ? 131 THR A C   1 
ATOM   920  O  O   . THR A 1 131 ? -11.257 -0.869  2.959   1.00 16.17 ? 131 THR A O   1 
ATOM   921  C  CB  . THR A 1 131 ? -11.808 -1.693  6.112   1.00 20.08 ? 131 THR A CB  1 
ATOM   922  O  OG1 . THR A 1 131 ? -12.054 -0.301  6.094   1.00 23.28 ? 131 THR A OG1 1 
ATOM   923  C  CG2 . THR A 1 131 ? -11.145 -2.044  7.432   1.00 24.25 ? 131 THR A CG2 1 
ATOM   924  N  N   . LYS A 1 132 ? -12.429 -2.732  3.358   1.00 20.00 ? 132 LYS A N   1 
ATOM   925  C  CA  . LYS A 1 132 ? -13.212 -2.560  2.103   1.00 22.59 ? 132 LYS A CA  1 
ATOM   926  C  C   . LYS A 1 132 ? -14.360 -1.552  2.219   1.00 23.44 ? 132 LYS A C   1 
ATOM   927  O  O   . LYS A 1 132 ? -14.935 -1.165  1.192   1.00 23.22 ? 132 LYS A O   1 
ATOM   928  C  CB  . LYS A 1 132 ? -13.811 -3.885  1.637   1.00 27.06 ? 132 LYS A CB  1 
ATOM   929  C  CG  . LYS A 1 132 ? -12.869 -5.014  1.385   1.00 31.20 ? 132 LYS A CG  1 
ATOM   930  C  CD  . LYS A 1 132 ? -12.126 -4.996  0.071   1.00 40.53 ? 132 LYS A CD  1 
ATOM   931  C  CE  . LYS A 1 132 ? -12.996 -4.985  -1.177  1.00 48.02 ? 132 LYS A CE  1 
ATOM   932  N  NZ  . LYS A 1 132 ? -12.266 -4.309  -2.328  1.00 41.48 ? 132 LYS A NZ  1 
ATOM   933  N  N   . VAL A 1 133 ? -14.757 -1.160  3.428   1.00 25.76 ? 133 VAL A N   1 
ATOM   934  C  CA  . VAL A 1 133 ? -15.741 -0.095  3.596   1.00 34.57 ? 133 VAL A CA  1 
ATOM   935  C  C   . VAL A 1 133 ? -15.104 1.083   4.303   1.00 38.02 ? 133 VAL A C   1 
ATOM   936  O  O   . VAL A 1 133 ? -14.189 0.895   5.096   1.00 40.61 ? 133 VAL A O   1 
ATOM   937  C  CB  . VAL A 1 133 ? -17.036 -0.565  4.330   1.00 40.47 ? 133 VAL A CB  1 
ATOM   938  C  CG1 . VAL A 1 133 ? -17.395 -1.988  3.932   1.00 43.31 ? 133 VAL A CG1 1 
ATOM   939  C  CG2 . VAL A 1 133 ? -16.933 -0.472  5.850   1.00 46.02 ? 133 VAL A CG2 1 
ATOM   940  N  N   . LYS A 1 134 ? -15.571 2.265   3.922   1.00 42.72 ? 134 LYS A N   1 
ATOM   941  C  CA  . LYS A 1 134 ? -15.696 3.519   4.736   1.00 56.85 ? 134 LYS A CA  1 
ATOM   942  C  C   . LYS A 1 134 ? -14.562 4.435   4.392   1.00 56.46 ? 134 LYS A C   1 
ATOM   943  O  O   . LYS A 1 134 ? -14.595 4.983   3.284   1.00 71.81 ? 134 LYS A O   1 
ATOM   944  C  CB  . LYS A 1 134 ? -15.936 3.328   6.245   1.00 58.58 ? 134 LYS A CB  1 
ATOM   945  C  CG  . LYS A 1 134 ? -15.045 4.153   7.177   1.00 71.16 ? 134 LYS A CG  1 
ATOM   946  C  CD  . LYS A 1 134 ? -13.760 3.386   7.480   1.00 70.58 ? 134 LYS A CD  1 
ATOM   947  C  CE  . LYS A 1 134 ? -12.591 4.293   7.778   1.00 75.74 ? 134 LYS A CE  1 
ATOM   948  N  NZ  . LYS A 1 134 ? -12.155 4.989   6.539   1.00 68.84 ? 134 LYS A NZ  1 
HETATM 949  CU CU1 . SI0 B 2 .   ? 7.699   17.254  4.251   1.00 42.94 ? 201 SI0 A CU1 1 
HETATM 950  N  N6  . SI0 B 2 .   ? 5.909   18.049  4.101   1.00 41.38 ? 201 SI0 A N6  1 
HETATM 951  C  C23 . SI0 B 2 .   ? 5.772   19.342  3.472   1.00 45.74 ? 201 SI0 A C23 1 
HETATM 952  C  C24 . SI0 B 2 .   ? 4.517   19.954  3.396   1.00 44.77 ? 201 SI0 A C24 1 
HETATM 953  C  C25 . SI0 B 2 .   ? 3.373   19.323  3.940   1.00 46.01 ? 201 SI0 A C25 1 
HETATM 954  C  C26 . SI0 B 2 .   ? 3.489   18.074  4.577   1.00 39.25 ? 201 SI0 A C26 1 
HETATM 955  C  C22 . SI0 B 2 .   ? 4.753   17.437  4.662   1.00 39.22 ? 201 SI0 A C22 1 
HETATM 956  C  C21 . SI0 B 2 .   ? 4.774   16.055  5.289   1.00 36.33 ? 201 SI0 A C21 1 
HETATM 957  C  C20 . SI0 B 2 .   ? 6.114   15.377  5.604   1.00 35.55 ? 201 SI0 A C20 1 
HETATM 958  N  N4  . SI0 B 2 .   ? 7.080   15.316  4.516   1.00 34.58 ? 201 SI0 A N4  1 
HETATM 959  N  N5  . SI0 B 2 .   ? 9.591   16.565  4.618   1.00 45.25 ? 201 SI0 A N5  1 
HETATM 960  C  C16 . SI0 B 2 .   ? 10.674  17.216  3.932   1.00 45.05 ? 201 SI0 A C16 1 
HETATM 961  C  C17 . SI0 B 2 .   ? 12.043  16.857  4.109   1.00 45.68 ? 201 SI0 A C17 1 
HETATM 962  C  C18 . SI0 B 2 .   ? 12.430  15.813  4.962   1.00 45.46 ? 201 SI0 A C18 1 
HETATM 963  C  C19 . SI0 B 2 .   ? 11.411  15.132  5.639   1.00 52.00 ? 201 SI0 A C19 1 
HETATM 964  C  C15 . SI0 B 2 .   ? 10.034  15.497  5.479   1.00 42.96 ? 201 SI0 A C15 1 
HETATM 965  C  C14 . SI0 B 2 .   ? 8.943   14.747  6.148   1.00 44.42 ? 201 SI0 A C14 1 
HETATM 966  C  C13 . SI0 B 2 .   ? 8.089   14.337  4.924   1.00 36.14 ? 201 SI0 A C13 1 
HETATM 967  C  C12 . SI0 B 2 .   ? 6.849   14.839  3.127   1.00 28.91 ? 201 SI0 A C12 1 
HETATM 968  C  C11 . SI0 B 2 .   ? 6.290   13.438  3.069   1.00 26.61 ? 201 SI0 A C11 1 
HETATM 969  N  N3  . SI0 B 2 .   ? 5.575   13.030  1.836   1.00 18.59 ? 201 SI0 A N3  1 
HETATM 970  C  C10 . SI0 B 2 .   ? 4.281   13.185  1.750   1.00 16.32 ? 201 SI0 A C10 1 
HETATM 971  O  O2  . SI0 B 2 .   ? 3.684   14.013  2.654   1.00 15.62 ? 201 SI0 A O2  1 
HETATM 972  C  C9  . SI0 B 2 .   ? 3.431   12.608  0.668   1.00 13.94 ? 201 SI0 A C9  1 
HETATM 973  C  C8  . SI0 B 2 .   ? 2.181   11.960  1.307   1.00 14.54 ? 201 SI0 A C8  1 
HETATM 974  C  C7  . SI0 B 2 .   ? 2.491   10.960  2.404   1.00 13.04 ? 201 SI0 A C7  1 
HETATM 975  C  C6  . SI0 B 2 .   ? 1.201   10.345  2.957   1.00 11.60 ? 201 SI0 A C6  1 
HETATM 976  C  C5  . SI0 B 2 .   ? 1.444   9.229   3.986   1.00 11.39 ? 201 SI0 A C5  1 
HETATM 977  C  C4  . SI0 B 2 .   ? 0.245   8.878   4.832   1.00 10.72 ? 201 SI0 A C4  1 
HETATM 978  N  N2  . SI0 B 2 .   ? -1.018  8.735   4.103   1.00 10.84 ? 201 SI0 A N2  1 
HETATM 979  S  S1  . SI0 B 2 .   ? 1.948   7.630   3.284   1.00 13.01 ? 201 SI0 A S1  1 
HETATM 980  C  C3  . SI0 B 2 .   ? 1.752   6.923   4.908   1.00 13.75 ? 201 SI0 A C3  1 
HETATM 981  C  C2  . SI0 B 2 .   ? 0.427   7.461   5.485   1.00 11.45 ? 201 SI0 A C2  1 
HETATM 982  N  N1  . SI0 B 2 .   ? -0.700  6.702   5.002   1.00 13.50 ? 201 SI0 A N1  1 
HETATM 983  C  C1  . SI0 B 2 .   ? -1.485  7.428   4.186   1.00 12.41 ? 201 SI0 A C1  1 
HETATM 984  O  O1  . SI0 B 2 .   ? -2.580  7.074   3.556   1.00 12.59 ? 201 SI0 A O1  1 
HETATM 985  O  O3  . SI0 B 2 .   ? 8.030   17.555  2.366   1.00 42.06 ? 201 SI0 A O3  1 
HETATM 986  O  O4  . SI0 B 2 .   ? 7.247   17.480  1.059   1.00 43.75 ? 201 SI0 A O4  1 
HETATM 987  O  O5  . SI0 B 2 .   ? 8.050   19.127  6.022   0.80 46.00 ? 201 SI0 A O5  1 
HETATM 988  C  C   . ACT C 3 .   ? -0.514  17.710  5.994   1.00 43.78 ? 202 ACT A C   1 
HETATM 989  O  O   . ACT C 3 .   ? 0.579   17.430  6.566   1.00 46.70 ? 202 ACT A O   1 
HETATM 990  O  OXT . ACT C 3 .   ? -1.672  17.086  6.094   1.00 38.33 ? 202 ACT A OXT 1 
HETATM 991  C  CH3 . ACT C 3 .   ? -0.310  18.796  4.985   1.00 44.81 ? 202 ACT A CH3 1 
HETATM 992  S  S   . SO4 D 4 .   ? -2.476  20.787  1.098   0.50 57.22 ? 203 SO4 A S   1 
HETATM 993  O  O1  . SO4 D 4 .   ? -1.749  22.041  0.771   0.50 51.38 ? 203 SO4 A O1  1 
HETATM 994  O  O2  . SO4 D 4 .   ? -3.707  20.722  0.278   0.50 53.15 ? 203 SO4 A O2  1 
HETATM 995  O  O3  . SO4 D 4 .   ? -1.682  19.553  0.789   0.50 46.95 ? 203 SO4 A O3  1 
HETATM 996  O  O4  . SO4 D 4 .   ? -2.784  20.860  2.558   0.50 54.57 ? 203 SO4 A O4  1 
HETATM 997  O  O   . HOH E 5 .   ? 3.799   0.451   13.161  0.50 19.53 ? 301 HOH A O   1 
HETATM 998  O  O   . HOH E 5 .   ? -7.397  4.489   -9.921  1.00 29.92 ? 302 HOH A O   1 
HETATM 999  O  O   . HOH E 5 .   ? -11.913 -8.604  -6.557  1.00 47.94 ? 303 HOH A O   1 
HETATM 1000 O  O   . HOH E 5 .   ? -9.014  -14.261 -0.361  1.00 37.90 ? 304 HOH A O   1 
HETATM 1001 O  O   . HOH E 5 .   ? -16.774 0.364   0.273   1.00 28.78 ? 305 HOH A O   1 
HETATM 1002 O  O   . HOH E 5 .   ? -11.232 -6.795  -2.697  1.00 35.89 ? 306 HOH A O   1 
HETATM 1003 O  O   . HOH E 5 .   ? 0.000   -10.024 -13.589 1.00 39.51 ? 307 HOH A O   1 
HETATM 1004 O  O   . HOH E 5 .   ? -4.344  -15.684 3.622   1.00 36.35 ? 308 HOH A O   1 
HETATM 1005 O  O   . HOH E 5 .   ? 22.128  19.741  4.961   1.00 35.25 ? 309 HOH A O   1 
HETATM 1006 O  O   . HOH E 5 .   ? -0.041  21.411  -9.264  1.00 19.32 ? 310 HOH A O   1 
HETATM 1007 O  O   . HOH E 5 .   ? -13.346 -4.908  4.962   1.00 20.33 ? 311 HOH A O   1 
HETATM 1008 O  O   . HOH E 5 .   ? -8.367  12.339  -7.913  1.00 51.60 ? 312 HOH A O   1 
HETATM 1009 O  O   . HOH E 5 .   ? -8.562  7.355   -5.577  1.00 22.94 ? 313 HOH A O   1 
HETATM 1010 O  O   . HOH E 5 .   ? -14.603 5.318   -3.231  1.00 34.77 ? 314 HOH A O   1 
HETATM 1011 O  O   . HOH E 5 .   ? 10.740  20.431  -5.957  1.00 40.01 ? 315 HOH A O   1 
HETATM 1012 O  O   . HOH E 5 .   ? -1.464  16.038  8.502   1.00 30.37 ? 316 HOH A O   1 
HETATM 1013 O  O   . HOH E 5 .   ? -14.184 -1.609  -1.386  1.00 22.79 ? 317 HOH A O   1 
HETATM 1014 O  O   . HOH E 5 .   ? 3.048   14.739  -3.948  1.00 15.04 ? 318 HOH A O   1 
HETATM 1015 O  O   . HOH E 5 .   ? 4.539   6.303   -7.663  1.00 13.19 ? 319 HOH A O   1 
HETATM 1016 O  O   . HOH E 5 .   ? 4.776   8.529   12.026  1.00 17.54 ? 320 HOH A O   1 
HETATM 1017 O  O   . HOH E 5 .   ? -3.193  12.002  -2.823  1.00 16.23 ? 321 HOH A O   1 
HETATM 1018 O  O   . HOH E 5 .   ? -12.226 -13.906 2.303   1.00 54.76 ? 322 HOH A O   1 
HETATM 1019 O  O   . HOH E 5 .   ? 1.950   -15.058 2.830   1.00 14.73 ? 323 HOH A O   1 
HETATM 1020 O  O   . HOH E 5 .   ? 3.938   -14.332 -5.381  1.00 16.71 ? 324 HOH A O   1 
HETATM 1021 O  O   . HOH E 5 .   ? -5.908  12.318  -11.476 1.00 47.00 ? 325 HOH A O   1 
HETATM 1022 O  O   . HOH E 5 .   ? -5.861  -17.139 1.733   1.00 37.35 ? 326 HOH A O   1 
HETATM 1023 O  O   . HOH E 5 .   ? 2.925   -3.563  -11.198 1.00 35.30 ? 327 HOH A O   1 
HETATM 1024 O  O   . HOH E 5 .   ? -2.594  -20.778 -1.176  1.00 48.47 ? 328 HOH A O   1 
HETATM 1025 O  O   . HOH E 5 .   ? -1.331  2.584   -11.997 1.00 26.73 ? 329 HOH A O   1 
HETATM 1026 O  O   . HOH E 5 .   ? -9.112  9.261   -0.407  1.00 24.61 ? 330 HOH A O   1 
HETATM 1027 O  O   . HOH E 5 .   ? 25.477  7.611   1.212   1.00 41.72 ? 331 HOH A O   1 
HETATM 1028 O  O   . HOH E 5 .   ? 6.853   -1.963  -4.504  0.50 11.30 ? 332 HOH A O   1 
HETATM 1029 O  O   . HOH E 5 .   ? -3.001  11.950  -10.679 1.00 26.95 ? 333 HOH A O   1 
HETATM 1030 O  O   . HOH E 5 .   ? 8.376   19.496  -2.836  1.00 33.69 ? 334 HOH A O   1 
HETATM 1031 O  O   . HOH E 5 .   ? 14.861  4.723   5.014   1.00 13.72 ? 335 HOH A O   1 
HETATM 1032 O  O   . HOH E 5 .   ? 17.948  7.940   4.367   1.00 21.73 ? 336 HOH A O   1 
HETATM 1033 O  O   . HOH E 5 .   ? -1.375  -6.263  -11.052 1.00 24.41 ? 337 HOH A O   1 
HETATM 1034 O  O   . HOH E 5 .   ? 4.693   -16.031 -8.098  1.00 43.63 ? 338 HOH A O   1 
HETATM 1035 O  O   . HOH E 5 .   ? -5.982  -1.366  -10.301 1.00 39.63 ? 339 HOH A O   1 
HETATM 1036 O  O   . HOH E 5 .   ? 10.014  15.267  1.394   0.70 22.72 ? 340 HOH A O   1 
HETATM 1037 O  O   . HOH E 5 .   ? 0.743   19.849  2.101   1.00 47.17 ? 341 HOH A O   1 
HETATM 1038 O  O   . HOH E 5 .   ? 11.286  12.800  7.359   1.00 27.53 ? 342 HOH A O   1 
HETATM 1039 O  O   . HOH E 5 .   ? -19.195 -8.196  5.264   1.00 42.39 ? 343 HOH A O   1 
HETATM 1040 O  O   . HOH E 5 .   ? 10.036  11.470  5.374   1.00 15.50 ? 344 HOH A O   1 
HETATM 1041 O  O   . HOH E 5 .   ? 0.735   -17.196 4.299   1.00 21.16 ? 345 HOH A O   1 
HETATM 1042 O  O   . HOH E 5 .   ? -2.638  -8.915  10.555  1.00 40.98 ? 346 HOH A O   1 
HETATM 1043 O  O   . HOH E 5 .   ? -6.651  14.166  -3.481  1.00 33.92 ? 347 HOH A O   1 
HETATM 1044 O  O   . HOH E 5 .   ? -9.435  1.426   8.274   1.00 36.80 ? 348 HOH A O   1 
HETATM 1045 O  O   . HOH E 5 .   ? -4.414  17.785  -1.011  1.00 46.62 ? 349 HOH A O   1 
HETATM 1046 O  O   . HOH E 5 .   ? -1.546  -2.032  10.912  1.00 27.89 ? 350 HOH A O   1 
HETATM 1047 O  O   . HOH E 5 .   ? 5.299   -7.409  -10.552 1.00 23.37 ? 351 HOH A O   1 
HETATM 1048 O  O   . HOH E 5 .   ? -3.253  16.775  2.278   1.00 34.82 ? 352 HOH A O   1 
HETATM 1049 O  O   . HOH E 5 .   ? -3.354  -12.024 -13.751 1.00 34.95 ? 353 HOH A O   1 
HETATM 1050 O  O   . HOH E 5 .   ? 8.620   11.886  -5.016  1.00 14.33 ? 354 HOH A O   1 
HETATM 1051 O  O   . HOH E 5 .   ? 21.146  11.652  1.292   1.00 32.08 ? 355 HOH A O   1 
HETATM 1052 O  O   . HOH E 5 .   ? -0.651  6.443   9.544   1.00 25.90 ? 356 HOH A O   1 
HETATM 1053 O  O   . HOH E 5 .   ? 5.816   8.598   -9.307  1.00 16.42 ? 357 HOH A O   1 
HETATM 1054 O  O   . HOH E 5 .   ? 2.298   8.867   -9.878  1.00 15.26 ? 358 HOH A O   1 
HETATM 1055 O  O   . HOH E 5 .   ? -2.836  -15.013 -2.453  1.00 24.93 ? 359 HOH A O   1 
HETATM 1056 O  O   . HOH E 5 .   ? -12.407 7.369   -2.486  1.00 37.83 ? 360 HOH A O   1 
HETATM 1057 O  O   . HOH E 5 .   ? -15.022 -7.156  3.941   1.00 30.10 ? 361 HOH A O   1 
HETATM 1058 O  O   . HOH E 5 .   ? 0.399   20.694  -12.202 1.00 33.14 ? 362 HOH A O   1 
HETATM 1059 O  O   . HOH E 5 .   ? -6.424  5.640   -5.612  1.00 20.43 ? 363 HOH A O   1 
HETATM 1060 O  O   . HOH E 5 .   ? -9.519  -14.510 -3.306  1.00 44.79 ? 364 HOH A O   1 
HETATM 1061 O  O   . HOH E 5 .   ? -5.086  -14.301 9.463   1.00 38.54 ? 365 HOH A O   1 
HETATM 1062 O  O   . HOH E 5 .   ? 25.185  17.018  3.694   1.00 30.18 ? 366 HOH A O   1 
HETATM 1063 O  O   . HOH E 5 .   ? 24.426  14.300  10.248  1.00 37.17 ? 367 HOH A O   1 
HETATM 1064 O  O   . HOH E 5 .   ? -2.898  0.304   12.125  1.00 26.42 ? 368 HOH A O   1 
HETATM 1065 O  O   . HOH E 5 .   ? -3.963  15.182  0.730   1.00 36.95 ? 369 HOH A O   1 
HETATM 1066 O  O   . HOH E 5 .   ? -7.207  12.054  8.342   1.00 45.17 ? 370 HOH A O   1 
HETATM 1067 O  O   . HOH E 5 .   ? 17.800  7.430   8.648   1.00 28.26 ? 371 HOH A O   1 
HETATM 1068 O  O   . HOH E 5 .   ? 0.746   5.602   11.770  1.00 17.76 ? 372 HOH A O   1 
HETATM 1069 O  O   . HOH E 5 .   ? 5.679   20.278  -2.927  1.00 32.22 ? 373 HOH A O   1 
HETATM 1070 O  O   . HOH E 5 .   ? -0.952  12.640  -12.264 1.00 26.37 ? 374 HOH A O   1 
HETATM 1071 O  O   . HOH E 5 .   ? -2.672  7.071   11.368  1.00 22.96 ? 375 HOH A O   1 
HETATM 1072 O  O   . HOH E 5 .   ? 17.763  17.770  3.488   1.00 23.01 ? 376 HOH A O   1 
HETATM 1073 O  O   . HOH E 5 .   ? 24.445  15.784  0.684   1.00 30.19 ? 377 HOH A O   1 
HETATM 1074 O  O   . HOH E 5 .   ? -6.987  -4.674  12.123  1.00 41.83 ? 378 HOH A O   1 
HETATM 1075 O  O   . HOH E 5 .   ? 5.550   16.889  -10.312 1.00 35.14 ? 379 HOH A O   1 
HETATM 1076 O  O   . HOH E 5 .   ? 22.505  12.200  8.901   1.00 26.18 ? 380 HOH A O   1 
HETATM 1077 O  O   . HOH E 5 .   ? 8.610   16.959  -10.345 1.00 32.92 ? 381 HOH A O   1 
HETATM 1078 O  O   . HOH E 5 .   ? 14.412  16.361  -1.569  1.00 27.77 ? 382 HOH A O   1 
HETATM 1079 O  O   . HOH E 5 .   ? 23.711  17.214  10.704  1.00 42.39 ? 383 HOH A O   1 
HETATM 1080 O  O   . HOH E 5 .   ? 1.206   -5.503  9.669   1.00 23.36 ? 384 HOH A O   1 
HETATM 1081 O  O   . HOH E 5 .   ? -1.943  5.091   12.755  1.00 30.48 ? 385 HOH A O   1 
HETATM 1082 O  O   . HOH E 5 .   ? 3.764   -5.344  -9.965  1.00 31.96 ? 386 HOH A O   1 
HETATM 1083 O  O   . HOH E 5 .   ? -4.553  21.077  -4.264  1.00 43.44 ? 387 HOH A O   1 
HETATM 1084 O  O   . HOH E 5 .   ? 1.821   5.609   15.855  1.00 35.01 ? 388 HOH A O   1 
HETATM 1085 O  O   . HOH E 5 .   ? 8.779   15.200  -14.785 1.00 52.38 ? 389 HOH A O   1 
HETATM 1086 O  O   . HOH E 5 .   ? -1.407  5.026   16.747  1.00 40.31 ? 390 HOH A O   1 
HETATM 1087 O  O   . HOH E 5 .   ? -6.631  -14.917 6.659   1.00 49.42 ? 391 HOH A O   1 
HETATM 1088 O  O   . HOH E 5 .   ? 2.592   -20.526 7.407   1.00 50.52 ? 392 HOH A O   1 
HETATM 1089 O  O   . HOH E 5 .   ? -8.529  11.540  -0.511  1.00 55.80 ? 393 HOH A O   1 
HETATM 1090 O  O   . HOH E 5 .   ? 23.530  10.003  8.722   1.00 36.58 ? 394 HOH A O   1 
HETATM 1091 O  O   . HOH E 5 .   ? -10.222 -0.227  10.796  1.00 58.66 ? 395 HOH A O   1 
HETATM 1092 O  O   . HOH E 5 .   ? -3.664  1.303   -12.673 1.00 43.50 ? 396 HOH A O   1 
HETATM 1093 O  O   . HOH E 5 .   ? -8.469  13.649  0.372   1.00 57.90 ? 397 HOH A O   1 
HETATM 1094 O  O   . HOH E 5 .   ? -1.372  -6.621  12.786  1.00 39.83 ? 398 HOH A O   1 
HETATM 1095 O  O   . HOH E 5 .   ? -2.197  5.020   -12.899 1.00 36.91 ? 399 HOH A O   1 
# 
loop_
_pdbx_poly_seq_scheme.asym_id 
_pdbx_poly_seq_scheme.entity_id 
_pdbx_poly_seq_scheme.seq_id 
_pdbx_poly_seq_scheme.mon_id 
_pdbx_poly_seq_scheme.ndb_seq_num 
_pdbx_poly_seq_scheme.pdb_seq_num 
_pdbx_poly_seq_scheme.auth_seq_num 
_pdbx_poly_seq_scheme.pdb_mon_id 
_pdbx_poly_seq_scheme.auth_mon_id 
_pdbx_poly_seq_scheme.pdb_strand_id 
_pdbx_poly_seq_scheme.pdb_ins_code 
_pdbx_poly_seq_scheme.hetero 
A 1 1   MET 1   1   ?   ?   ?   A . n 
A 1 2   ALA 2   2   ?   ?   ?   A . n 
A 1 3   SER 3   3   ?   ?   ?   A . n 
A 1 4   MET 4   4   ?   ?   ?   A . n 
A 1 5   THR 5   5   ?   ?   ?   A . n 
A 1 6   GLY 6   6   ?   ?   ?   A . n 
A 1 7   GLY 7   7   ?   ?   ?   A . n 
A 1 8   GLN 8   8   ?   ?   ?   A . n 
A 1 9   GLN 9   9   ?   ?   ?   A . n 
A 1 10  MET 10  10  10  MET MET A . n 
A 1 11  GLY 11  11  11  GLY GLY A . n 
A 1 12  ARG 12  12  12  ARG ARG A . n 
A 1 13  ASP 13  13  13  ASP ASP A . n 
A 1 14  GLU 14  14  14  GLU GLU A . n 
A 1 15  ALA 15  15  15  ALA ALA A . n 
A 1 16  GLY 16  16  16  GLY GLY A . n 
A 1 17  ILE 17  17  17  ILE ILE A . n 
A 1 18  THR 18  18  18  THR THR A . n 
A 1 19  GLY 19  19  19  GLY GLY A . n 
A 1 20  THR 20  20  20  THR THR A . n 
A 1 21  TRP 21  21  21  TRP TRP A . n 
A 1 22  TYR 22  22  22  TYR TYR A . n 
A 1 23  ASN 23  23  23  ASN ASN A . n 
A 1 24  GLN 24  24  24  GLN GLN A . n 
A 1 25  LEU 25  25  25  LEU LEU A . n 
A 1 26  GLY 26  26  26  GLY GLY A . n 
A 1 27  SER 27  27  27  SER SER A . n 
A 1 28  THR 28  28  28  THR THR A . n 
A 1 29  PHE 29  29  29  PHE PHE A . n 
A 1 30  ILE 30  30  30  ILE ILE A . n 
A 1 31  VAL 31  31  31  VAL VAL A . n 
A 1 32  THR 32  32  32  THR THR A . n 
A 1 33  ALA 33  33  33  ALA ALA A . n 
A 1 34  GLY 34  34  34  GLY GLY A . n 
A 1 35  ALA 35  35  35  ALA ALA A . n 
A 1 36  ASP 36  36  36  ASP ASP A . n 
A 1 37  GLY 37  37  37  GLY GLY A . n 
A 1 38  ALA 38  38  38  ALA ALA A . n 
A 1 39  LEU 39  39  39  LEU LEU A . n 
A 1 40  THR 40  40  40  THR THR A . n 
A 1 41  GLY 41  41  41  GLY GLY A . n 
A 1 42  THR 42  42  42  THR THR A . n 
A 1 43  TYR 43  43  43  TYR TYR A . n 
A 1 44  GLU 44  44  44  GLU GLU A . n 
A 1 45  SER 45  45  45  SER SER A . n 
A 1 46  ALA 46  46  46  ALA ALA A . n 
A 1 47  VAL 47  47  47  VAL VAL A . n 
A 1 48  GLY 48  48  48  GLY GLY A . n 
A 1 49  ASN 49  49  49  ASN ASN A . n 
A 1 50  ALA 50  50  50  ALA ALA A . n 
A 1 51  GLU 51  51  51  GLU GLU A . n 
A 1 52  SER 52  52  52  SER SER A . n 
A 1 53  ARG 53  53  53  ARG ARG A . n 
A 1 54  TYR 54  54  54  TYR TYR A . n 
A 1 55  VAL 55  55  55  VAL VAL A . n 
A 1 56  LEU 56  56  56  LEU LEU A . n 
A 1 57  THR 57  57  57  THR THR A . n 
A 1 58  GLY 58  58  58  GLY GLY A . n 
A 1 59  ARG 59  59  59  ARG ARG A . n 
A 1 60  TYR 60  60  60  TYR TYR A . n 
A 1 61  ASP 61  61  61  ASP ASP A . n 
A 1 62  SER 62  62  62  SER SER A . n 
A 1 63  ALA 63  63  63  ALA ALA A . n 
A 1 64  PRO 64  64  64  PRO PRO A . n 
A 1 65  ALA 65  65  65  ALA ALA A . n 
A 1 66  THR 66  66  66  THR THR A . n 
A 1 67  ASP 67  67  67  ASP ASP A . n 
A 1 68  GLY 68  68  68  GLY GLY A . n 
A 1 69  SER 69  69  69  SER SER A . n 
A 1 70  GLY 70  70  70  GLY GLY A . n 
A 1 71  THR 71  71  71  THR THR A . n 
A 1 72  ALA 72  72  72  ALA ALA A . n 
A 1 73  LEU 73  73  73  LEU LEU A . n 
A 1 74  GLY 74  74  74  GLY GLY A . n 
A 1 75  TRP 75  75  75  TRP TRP A . n 
A 1 76  THR 76  76  76  THR THR A . n 
A 1 77  VAL 77  77  77  VAL VAL A . n 
A 1 78  ALA 78  78  78  ALA ALA A . n 
A 1 79  TRP 79  79  79  TRP TRP A . n 
A 1 80  LYS 80  80  80  LYS LYS A . n 
A 1 81  ASN 81  81  81  ASN ASN A . n 
A 1 82  ASN 82  82  82  ASN ASN A . n 
A 1 83  TYR 83  83  83  TYR TYR A . n 
A 1 84  ARG 84  84  84  ARG ARG A . n 
A 1 85  ASN 85  85  85  ASN ASN A . n 
A 1 86  ALA 86  86  86  ALA ALA A . n 
A 1 87  HIS 87  87  87  HIS HIS A . n 
A 1 88  SER 88  88  88  SER SER A . n 
A 1 89  ALA 89  89  89  ALA ALA A . n 
A 1 90  THR 90  90  90  THR THR A . n 
A 1 91  THR 91  91  91  THR THR A . n 
A 1 92  TRP 92  92  92  TRP TRP A . n 
A 1 93  SER 93  93  93  SER SER A . n 
A 1 94  GLY 94  94  94  GLY GLY A . n 
A 1 95  GLN 95  95  95  GLN GLN A . n 
A 1 96  TYR 96  96  96  TYR TYR A . n 
A 1 97  VAL 97  97  97  VAL VAL A . n 
A 1 98  GLY 98  98  98  GLY GLY A . n 
A 1 99  GLY 99  99  99  GLY GLY A . n 
A 1 100 ALA 100 100 100 ALA ALA A . n 
A 1 101 GLU 101 101 101 GLU GLU A . n 
A 1 102 ALA 102 102 102 ALA ALA A . n 
A 1 103 ARG 103 103 103 ARG ARG A . n 
A 1 104 ILE 104 104 104 ILE ILE A . n 
A 1 105 ASN 105 105 105 ASN ASN A . n 
A 1 106 THR 106 106 106 THR THR A . n 
A 1 107 GLN 107 107 107 GLN GLN A . n 
A 1 108 TRP 108 108 108 TRP TRP A . n 
A 1 109 LEU 109 109 109 LEU LEU A . n 
A 1 110 LEU 110 110 110 LEU LEU A . n 
A 1 111 THR 111 111 111 THR THR A . n 
A 1 112 SER 112 112 112 SER SER A . n 
A 1 113 GLY 113 113 113 GLY GLY A . n 
A 1 114 THR 114 114 114 THR THR A . n 
A 1 115 THR 115 115 115 THR THR A . n 
A 1 116 GLU 116 116 116 GLU GLU A . n 
A 1 117 ALA 117 117 117 ALA ALA A . n 
A 1 118 ASN 118 118 118 ASN ASN A . n 
A 1 119 ALA 119 119 119 ALA ALA A . n 
A 1 120 TRP 120 120 120 TRP TRP A . n 
A 1 121 LYS 121 121 121 LYS LYS A . n 
A 1 122 SER 122 122 122 SER SER A . n 
A 1 123 THR 123 123 123 THR THR A . n 
A 1 124 LEU 124 124 124 LEU LEU A . n 
A 1 125 VAL 125 125 125 VAL VAL A . n 
A 1 126 GLY 126 126 126 GLY GLY A . n 
A 1 127 HIS 127 127 127 HIS HIS A . n 
A 1 128 ASP 128 128 128 ASP ASP A . n 
A 1 129 THR 129 129 129 THR THR A . n 
A 1 130 PHE 130 130 130 PHE PHE A . n 
A 1 131 THR 131 131 131 THR THR A . n 
A 1 132 LYS 132 132 132 LYS LYS A . n 
A 1 133 VAL 133 133 133 VAL VAL A . n 
A 1 134 LYS 134 134 134 LYS LYS A . n 
A 1 135 PRO 135 135 ?   ?   ?   A . n 
A 1 136 SER 136 136 ?   ?   ?   A . n 
A 1 137 ALA 137 137 ?   ?   ?   A . n 
A 1 138 ALA 138 138 ?   ?   ?   A . n 
A 1 139 SER 139 139 ?   ?   ?   A . n 
A 1 140 ILE 140 140 ?   ?   ?   A . n 
A 1 141 ASP 141 141 ?   ?   ?   A . n 
A 1 142 ALA 142 142 ?   ?   ?   A . n 
A 1 143 ALA 143 143 ?   ?   ?   A . n 
A 1 144 LYS 144 144 ?   ?   ?   A . n 
A 1 145 LYS 145 145 ?   ?   ?   A . n 
A 1 146 ALA 146 146 ?   ?   ?   A . n 
A 1 147 GLY 147 147 ?   ?   ?   A . n 
A 1 148 VAL 148 148 ?   ?   ?   A . n 
A 1 149 ASN 149 149 ?   ?   ?   A . n 
A 1 150 ASN 150 150 ?   ?   ?   A . n 
A 1 151 GLY 151 151 ?   ?   ?   A . n 
A 1 152 ASN 152 152 ?   ?   ?   A . n 
A 1 153 PRO 153 153 ?   ?   ?   A . n 
A 1 154 LEU 154 154 ?   ?   ?   A . n 
A 1 155 ASP 155 155 ?   ?   ?   A . n 
A 1 156 ALA 156 156 ?   ?   ?   A . n 
A 1 157 VAL 157 157 ?   ?   ?   A . n 
A 1 158 GLN 158 158 ?   ?   ?   A . n 
A 1 159 GLN 159 159 ?   ?   ?   A . n 
# 
loop_
_pdbx_nonpoly_scheme.asym_id 
_pdbx_nonpoly_scheme.entity_id 
_pdbx_nonpoly_scheme.mon_id 
_pdbx_nonpoly_scheme.ndb_seq_num 
_pdbx_nonpoly_scheme.pdb_seq_num 
_pdbx_nonpoly_scheme.auth_seq_num 
_pdbx_nonpoly_scheme.pdb_mon_id 
_pdbx_nonpoly_scheme.auth_mon_id 
_pdbx_nonpoly_scheme.pdb_strand_id 
_pdbx_nonpoly_scheme.pdb_ins_code 
B 2 SI0 1  201 1   SI0 SI0 A . 
C 3 ACT 1  202 1   ACT ACT A . 
D 4 SO4 1  203 3   SO4 SO4 A . 
E 5 HOH 1  301 79  HOH HOH A . 
E 5 HOH 2  302 49  HOH HOH A . 
E 5 HOH 3  303 105 HOH HOH A . 
E 5 HOH 4  304 66  HOH HOH A . 
E 5 HOH 5  305 104 HOH HOH A . 
E 5 HOH 6  306 38  HOH HOH A . 
E 5 HOH 7  307 82  HOH HOH A . 
E 5 HOH 8  308 58  HOH HOH A . 
E 5 HOH 9  309 31  HOH HOH A . 
E 5 HOH 10 310 20  HOH HOH A . 
E 5 HOH 11 311 22  HOH HOH A . 
E 5 HOH 12 312 45  HOH HOH A . 
E 5 HOH 13 313 35  HOH HOH A . 
E 5 HOH 14 314 47  HOH HOH A . 
E 5 HOH 15 315 106 HOH HOH A . 
E 5 HOH 16 316 93  HOH HOH A . 
E 5 HOH 17 317 3   HOH HOH A . 
E 5 HOH 18 318 2   HOH HOH A . 
E 5 HOH 19 319 10  HOH HOH A . 
E 5 HOH 20 320 12  HOH HOH A . 
E 5 HOH 21 321 9   HOH HOH A . 
E 5 HOH 22 322 73  HOH HOH A . 
E 5 HOH 23 323 69  HOH HOH A . 
E 5 HOH 24 324 91  HOH HOH A . 
E 5 HOH 25 325 96  HOH HOH A . 
E 5 HOH 26 326 55  HOH HOH A . 
E 5 HOH 27 327 6   HOH HOH A . 
E 5 HOH 28 328 78  HOH HOH A . 
E 5 HOH 29 329 51  HOH HOH A . 
E 5 HOH 30 330 21  HOH HOH A . 
E 5 HOH 31 331 107 HOH HOH A . 
E 5 HOH 32 332 15  HOH HOH A . 
E 5 HOH 33 333 28  HOH HOH A . 
E 5 HOH 34 334 99  HOH HOH A . 
E 5 HOH 35 335 17  HOH HOH A . 
E 5 HOH 36 336 7   HOH HOH A . 
E 5 HOH 37 337 25  HOH HOH A . 
E 5 HOH 38 338 94  HOH HOH A . 
E 5 HOH 39 339 50  HOH HOH A . 
E 5 HOH 40 340 59  HOH HOH A . 
E 5 HOH 41 341 77  HOH HOH A . 
E 5 HOH 42 342 89  HOH HOH A . 
E 5 HOH 43 343 56  HOH HOH A . 
E 5 HOH 44 344 13  HOH HOH A . 
E 5 HOH 45 345 4   HOH HOH A . 
E 5 HOH 46 346 65  HOH HOH A . 
E 5 HOH 47 347 43  HOH HOH A . 
E 5 HOH 48 348 46  HOH HOH A . 
E 5 HOH 49 349 63  HOH HOH A . 
E 5 HOH 50 350 41  HOH HOH A . 
E 5 HOH 51 351 26  HOH HOH A . 
E 5 HOH 52 352 32  HOH HOH A . 
E 5 HOH 53 353 53  HOH HOH A . 
E 5 HOH 54 354 1   HOH HOH A . 
E 5 HOH 55 355 83  HOH HOH A . 
E 5 HOH 56 356 48  HOH HOH A . 
E 5 HOH 57 357 90  HOH HOH A . 
E 5 HOH 58 358 16  HOH HOH A . 
E 5 HOH 59 359 18  HOH HOH A . 
E 5 HOH 60 360 68  HOH HOH A . 
E 5 HOH 61 361 36  HOH HOH A . 
E 5 HOH 62 362 57  HOH HOH A . 
E 5 HOH 63 363 24  HOH HOH A . 
E 5 HOH 64 364 72  HOH HOH A . 
E 5 HOH 65 365 71  HOH HOH A . 
E 5 HOH 66 366 34  HOH HOH A . 
E 5 HOH 67 367 102 HOH HOH A . 
E 5 HOH 68 368 27  HOH HOH A . 
E 5 HOH 69 369 76  HOH HOH A . 
E 5 HOH 70 370 14  HOH HOH A . 
E 5 HOH 71 371 23  HOH HOH A . 
E 5 HOH 72 372 11  HOH HOH A . 
E 5 HOH 73 373 37  HOH HOH A . 
E 5 HOH 74 374 44  HOH HOH A . 
E 5 HOH 75 375 8   HOH HOH A . 
E 5 HOH 76 376 29  HOH HOH A . 
E 5 HOH 77 377 33  HOH HOH A . 
E 5 HOH 78 378 40  HOH HOH A . 
E 5 HOH 79 379 60  HOH HOH A . 
E 5 HOH 80 380 19  HOH HOH A . 
E 5 HOH 81 381 30  HOH HOH A . 
E 5 HOH 82 382 88  HOH HOH A . 
E 5 HOH 83 383 101 HOH HOH A . 
E 5 HOH 84 384 92  HOH HOH A . 
E 5 HOH 85 385 98  HOH HOH A . 
E 5 HOH 86 386 95  HOH HOH A . 
E 5 HOH 87 387 61  HOH HOH A . 
E 5 HOH 88 388 97  HOH HOH A . 
E 5 HOH 89 389 39  HOH HOH A . 
E 5 HOH 90 390 54  HOH HOH A . 
E 5 HOH 91 391 75  HOH HOH A . 
E 5 HOH 92 392 74  HOH HOH A . 
E 5 HOH 93 393 70  HOH HOH A . 
E 5 HOH 94 394 62  HOH HOH A . 
E 5 HOH 95 395 84  HOH HOH A . 
E 5 HOH 96 396 52  HOH HOH A . 
E 5 HOH 97 397 86  HOH HOH A . 
E 5 HOH 98 398 85  HOH HOH A . 
E 5 HOH 99 399 64  HOH HOH A . 
# 
_pdbx_struct_assembly.id                   1 
_pdbx_struct_assembly.details              author_and_software_defined_assembly 
_pdbx_struct_assembly.method_details       PISA 
_pdbx_struct_assembly.oligomeric_details   tetrameric 
_pdbx_struct_assembly.oligomeric_count     4 
# 
_pdbx_struct_assembly_gen.assembly_id       1 
_pdbx_struct_assembly_gen.oper_expression   1,2,3,4 
_pdbx_struct_assembly_gen.asym_id_list      A,B,C,D,E 
# 
loop_
_pdbx_struct_assembly_prop.biol_id 
_pdbx_struct_assembly_prop.type 
_pdbx_struct_assembly_prop.value 
_pdbx_struct_assembly_prop.details 
1 'ABSA (A^2)' 9390  ? 
1 MORE         -55   ? 
1 'SSA (A^2)'  19410 ? 
# 
loop_
_pdbx_struct_oper_list.id 
_pdbx_struct_oper_list.type 
_pdbx_struct_oper_list.name 
_pdbx_struct_oper_list.symmetry_operation 
_pdbx_struct_oper_list.matrix[1][1] 
_pdbx_struct_oper_list.matrix[1][2] 
_pdbx_struct_oper_list.matrix[1][3] 
_pdbx_struct_oper_list.vector[1] 
_pdbx_struct_oper_list.matrix[2][1] 
_pdbx_struct_oper_list.matrix[2][2] 
_pdbx_struct_oper_list.matrix[2][3] 
_pdbx_struct_oper_list.vector[2] 
_pdbx_struct_oper_list.matrix[3][1] 
_pdbx_struct_oper_list.matrix[3][2] 
_pdbx_struct_oper_list.matrix[3][3] 
_pdbx_struct_oper_list.vector[3] 
1 'identity operation'         1_555  x,y,z        1.0000000000  0.0000000000  0.0000000000  0.0000000000  0.0000000000  1.0000000000  0.0000000000  0.0000000000  0.0000000000  0.0000000000  1.0000000000  0.0000000000  
2 'crystal symmetry operation' 8_665  -y+1,-x+1,-z 0.9094083535  0.0392456058  -0.4140485829 5.9124115633  0.0392456058  -0.9991933535 -0.0085102736 1.0432352268  -0.4140485829 -0.0085102736 -0.9102150000 27.3643019082 
3 'crystal symmetry operation' 10_665 -x+1,-y+1,z  -0.9945947914 -0.1027153748 0.0151905441  20.6151625657 -0.1027153748 0.9519040000  -0.2886664625 4.5840101699  0.0151905441  -0.2886664625 -0.9573092086 23.6607106305 
4 'crystal symmetry operation' 15_555 y,x,-z       -0.9148135621 0.0634697690  0.3988580387  15.0432311589 0.0634697690  -0.9527106465 0.2971767361  -2.9293818448 0.3988580387  0.2971767361  0.8675242086  -2.7467218457 
# 
_pdbx_struct_special_symmetry.id              1 
_pdbx_struct_special_symmetry.PDB_model_num   1 
_pdbx_struct_special_symmetry.auth_asym_id    A 
_pdbx_struct_special_symmetry.auth_comp_id    HOH 
_pdbx_struct_special_symmetry.auth_seq_id     332 
_pdbx_struct_special_symmetry.PDB_ins_code    ? 
_pdbx_struct_special_symmetry.label_asym_id   E 
_pdbx_struct_special_symmetry.label_comp_id   HOH 
_pdbx_struct_special_symmetry.label_seq_id    . 
# 
loop_
_pdbx_audit_revision_history.ordinal 
_pdbx_audit_revision_history.data_content_type 
_pdbx_audit_revision_history.major_revision 
_pdbx_audit_revision_history.minor_revision 
_pdbx_audit_revision_history.revision_date 
1 'Structure model' 1 0 2017-11-22 
2 'Structure model' 1 1 2017-12-13 
3 'Structure model' 1 2 2020-01-01 
4 'Structure model' 1 3 2023-10-04 
# 
_pdbx_audit_revision_details.ordinal             1 
_pdbx_audit_revision_details.revision_ordinal    1 
_pdbx_audit_revision_details.data_content_type   'Structure model' 
_pdbx_audit_revision_details.provider            repository 
_pdbx_audit_revision_details.type                'Initial release' 
_pdbx_audit_revision_details.description         ? 
_pdbx_audit_revision_details.details             ? 
# 
loop_
_pdbx_audit_revision_group.ordinal 
_pdbx_audit_revision_group.revision_ordinal 
_pdbx_audit_revision_group.data_content_type 
_pdbx_audit_revision_group.group 
1 2 'Structure model' 'Database references'        
2 3 'Structure model' 'Author supporting evidence' 
3 4 'Structure model' 'Data collection'            
4 4 'Structure model' 'Database references'        
5 4 'Structure model' 'Refinement description'     
# 
loop_
_pdbx_audit_revision_category.ordinal 
_pdbx_audit_revision_category.revision_ordinal 
_pdbx_audit_revision_category.data_content_type 
_pdbx_audit_revision_category.category 
1 2 'Structure model' citation                      
2 3 'Structure model' pdbx_audit_support            
3 4 'Structure model' chem_comp_atom                
4 4 'Structure model' chem_comp_bond                
5 4 'Structure model' database_2                    
6 4 'Structure model' pdbx_initial_refinement_model 
# 
loop_
_pdbx_audit_revision_item.ordinal 
_pdbx_audit_revision_item.revision_ordinal 
_pdbx_audit_revision_item.data_content_type 
_pdbx_audit_revision_item.item 
1 2 'Structure model' '_citation.journal_volume'                 
2 2 'Structure model' '_citation.page_first'                     
3 2 'Structure model' '_citation.page_last'                      
4 3 'Structure model' '_pdbx_audit_support.funding_organization' 
5 4 'Structure model' '_database_2.pdbx_DOI'                     
6 4 'Structure model' '_database_2.pdbx_database_accession'      
# 
loop_
_software.citation_id 
_software.classification 
_software.compiler_name 
_software.compiler_version 
_software.contact_author 
_software.contact_author_email 
_software.date 
_software.description 
_software.dependencies 
_software.hardware 
_software.language 
_software.location 
_software.mods 
_software.name 
_software.os 
_software.os_version 
_software.type 
_software.version 
_software.pdbx_ordinal 
? refinement       ? ? ? ? ? ? ? ? ? ? ? REFMAC  ? ? ? 5.8.0135 1 
? 'data reduction' ? ? ? ? ? ? ? ? ? ? ? iMOSFLM ? ? ? .        2 
? 'data scaling'   ? ? ? ? ? ? ? ? ? ? ? Aimless ? ? ? .        3 
? phasing          ? ? ? ? ? ? ? ? ? ? ? PHASER  ? ? ? .        4 
# 
_pdbx_validate_rmsd_bond.id                        1 
_pdbx_validate_rmsd_bond.PDB_model_num             1 
_pdbx_validate_rmsd_bond.auth_atom_id_1            CB 
_pdbx_validate_rmsd_bond.auth_asym_id_1            A 
_pdbx_validate_rmsd_bond.auth_comp_id_1            ASP 
_pdbx_validate_rmsd_bond.auth_seq_id_1             36 
_pdbx_validate_rmsd_bond.PDB_ins_code_1            ? 
_pdbx_validate_rmsd_bond.label_alt_id_1            ? 
_pdbx_validate_rmsd_bond.auth_atom_id_2            CG 
_pdbx_validate_rmsd_bond.auth_asym_id_2            A 
_pdbx_validate_rmsd_bond.auth_comp_id_2            ASP 
_pdbx_validate_rmsd_bond.auth_seq_id_2             36 
_pdbx_validate_rmsd_bond.PDB_ins_code_2            ? 
_pdbx_validate_rmsd_bond.label_alt_id_2            ? 
_pdbx_validate_rmsd_bond.bond_value                1.673 
_pdbx_validate_rmsd_bond.bond_target_value         1.513 
_pdbx_validate_rmsd_bond.bond_deviation            0.160 
_pdbx_validate_rmsd_bond.bond_standard_deviation   0.021 
_pdbx_validate_rmsd_bond.linker_flag               N 
# 
loop_
_pdbx_validate_torsion.id 
_pdbx_validate_torsion.PDB_model_num 
_pdbx_validate_torsion.auth_comp_id 
_pdbx_validate_torsion.auth_asym_id 
_pdbx_validate_torsion.auth_seq_id 
_pdbx_validate_torsion.PDB_ins_code 
_pdbx_validate_torsion.label_alt_id 
_pdbx_validate_torsion.phi 
_pdbx_validate_torsion.psi 
1 1 SER A 52  ? ? 67.50   -158.21 
2 1 ASP A 67  ? ? -90.18  33.47   
3 1 GLU A 101 ? ? -111.74 64.12   
# 
_pdbx_validate_peptide_omega.id               1 
_pdbx_validate_peptide_omega.PDB_model_num    1 
_pdbx_validate_peptide_omega.auth_comp_id_1   VAL 
_pdbx_validate_peptide_omega.auth_asym_id_1   A 
_pdbx_validate_peptide_omega.auth_seq_id_1    133 
_pdbx_validate_peptide_omega.PDB_ins_code_1   ? 
_pdbx_validate_peptide_omega.label_alt_id_1   ? 
_pdbx_validate_peptide_omega.auth_comp_id_2   LYS 
_pdbx_validate_peptide_omega.auth_asym_id_2   A 
_pdbx_validate_peptide_omega.auth_seq_id_2    134 
_pdbx_validate_peptide_omega.PDB_ins_code_2   ? 
_pdbx_validate_peptide_omega.label_alt_id_2   ? 
_pdbx_validate_peptide_omega.omega            149.02 
# 
loop_
_pdbx_unobs_or_zero_occ_residues.id 
_pdbx_unobs_or_zero_occ_residues.PDB_model_num 
_pdbx_unobs_or_zero_occ_residues.polymer_flag 
_pdbx_unobs_or_zero_occ_residues.occupancy_flag 
_pdbx_unobs_or_zero_occ_residues.auth_asym_id 
_pdbx_unobs_or_zero_occ_residues.auth_comp_id 
_pdbx_unobs_or_zero_occ_residues.auth_seq_id 
_pdbx_unobs_or_zero_occ_residues.PDB_ins_code 
_pdbx_unobs_or_zero_occ_residues.label_asym_id 
_pdbx_unobs_or_zero_occ_residues.label_comp_id 
_pdbx_unobs_or_zero_occ_residues.label_seq_id 
1  1 Y 1 A MET 1   ? A MET 1   
2  1 Y 1 A ALA 2   ? A ALA 2   
3  1 Y 1 A SER 3   ? A SER 3   
4  1 Y 1 A MET 4   ? A MET 4   
5  1 Y 1 A THR 5   ? A THR 5   
6  1 Y 1 A GLY 6   ? A GLY 6   
7  1 Y 1 A GLY 7   ? A GLY 7   
8  1 Y 1 A GLN 8   ? A GLN 8   
9  1 Y 1 A GLN 9   ? A GLN 9   
10 1 Y 1 A PRO 135 ? A PRO 135 
11 1 Y 1 A SER 136 ? A SER 136 
12 1 Y 1 A ALA 137 ? A ALA 137 
13 1 Y 1 A ALA 138 ? A ALA 138 
14 1 Y 1 A SER 139 ? A SER 139 
15 1 Y 1 A ILE 140 ? A ILE 140 
16 1 Y 1 A ASP 141 ? A ASP 141 
17 1 Y 1 A ALA 142 ? A ALA 142 
18 1 Y 1 A ALA 143 ? A ALA 143 
19 1 Y 1 A LYS 144 ? A LYS 144 
20 1 Y 1 A LYS 145 ? A LYS 145 
21 1 Y 1 A ALA 146 ? A ALA 146 
22 1 Y 1 A GLY 147 ? A GLY 147 
23 1 Y 1 A VAL 148 ? A VAL 148 
24 1 Y 1 A ASN 149 ? A ASN 149 
25 1 Y 1 A ASN 150 ? A ASN 150 
26 1 Y 1 A GLY 151 ? A GLY 151 
27 1 Y 1 A ASN 152 ? A ASN 152 
28 1 Y 1 A PRO 153 ? A PRO 153 
29 1 Y 1 A LEU 154 ? A LEU 154 
30 1 Y 1 A ASP 155 ? A ASP 155 
31 1 Y 1 A ALA 156 ? A ALA 156 
32 1 Y 1 A VAL 157 ? A VAL 157 
33 1 Y 1 A GLN 158 ? A GLN 158 
34 1 Y 1 A GLN 159 ? A GLN 159 
# 
loop_
_chem_comp_atom.comp_id 
_chem_comp_atom.atom_id 
_chem_comp_atom.type_symbol 
_chem_comp_atom.pdbx_aromatic_flag 
_chem_comp_atom.pdbx_stereo_config 
_chem_comp_atom.pdbx_ordinal 
ACT C    C  N N 1   
ACT O    O  N N 2   
ACT OXT  O  N N 3   
ACT CH3  C  N N 4   
ACT H1   H  N N 5   
ACT H2   H  N N 6   
ACT H3   H  N N 7   
ALA N    N  N N 8   
ALA CA   C  N S 9   
ALA C    C  N N 10  
ALA O    O  N N 11  
ALA CB   C  N N 12  
ALA OXT  O  N N 13  
ALA H    H  N N 14  
ALA H2   H  N N 15  
ALA HA   H  N N 16  
ALA HB1  H  N N 17  
ALA HB2  H  N N 18  
ALA HB3  H  N N 19  
ALA HXT  H  N N 20  
ARG N    N  N N 21  
ARG CA   C  N S 22  
ARG C    C  N N 23  
ARG O    O  N N 24  
ARG CB   C  N N 25  
ARG CG   C  N N 26  
ARG CD   C  N N 27  
ARG NE   N  N N 28  
ARG CZ   C  N N 29  
ARG NH1  N  N N 30  
ARG NH2  N  N N 31  
ARG OXT  O  N N 32  
ARG H    H  N N 33  
ARG H2   H  N N 34  
ARG HA   H  N N 35  
ARG HB2  H  N N 36  
ARG HB3  H  N N 37  
ARG HG2  H  N N 38  
ARG HG3  H  N N 39  
ARG HD2  H  N N 40  
ARG HD3  H  N N 41  
ARG HE   H  N N 42  
ARG HH11 H  N N 43  
ARG HH12 H  N N 44  
ARG HH21 H  N N 45  
ARG HH22 H  N N 46  
ARG HXT  H  N N 47  
ASN N    N  N N 48  
ASN CA   C  N S 49  
ASN C    C  N N 50  
ASN O    O  N N 51  
ASN CB   C  N N 52  
ASN CG   C  N N 53  
ASN OD1  O  N N 54  
ASN ND2  N  N N 55  
ASN OXT  O  N N 56  
ASN H    H  N N 57  
ASN H2   H  N N 58  
ASN HA   H  N N 59  
ASN HB2  H  N N 60  
ASN HB3  H  N N 61  
ASN HD21 H  N N 62  
ASN HD22 H  N N 63  
ASN HXT  H  N N 64  
ASP N    N  N N 65  
ASP CA   C  N S 66  
ASP C    C  N N 67  
ASP O    O  N N 68  
ASP CB   C  N N 69  
ASP CG   C  N N 70  
ASP OD1  O  N N 71  
ASP OD2  O  N N 72  
ASP OXT  O  N N 73  
ASP H    H  N N 74  
ASP H2   H  N N 75  
ASP HA   H  N N 76  
ASP HB2  H  N N 77  
ASP HB3  H  N N 78  
ASP HD2  H  N N 79  
ASP HXT  H  N N 80  
GLN N    N  N N 81  
GLN CA   C  N S 82  
GLN C    C  N N 83  
GLN O    O  N N 84  
GLN CB   C  N N 85  
GLN CG   C  N N 86  
GLN CD   C  N N 87  
GLN OE1  O  N N 88  
GLN NE2  N  N N 89  
GLN OXT  O  N N 90  
GLN H    H  N N 91  
GLN H2   H  N N 92  
GLN HA   H  N N 93  
GLN HB2  H  N N 94  
GLN HB3  H  N N 95  
GLN HG2  H  N N 96  
GLN HG3  H  N N 97  
GLN HE21 H  N N 98  
GLN HE22 H  N N 99  
GLN HXT  H  N N 100 
GLU N    N  N N 101 
GLU CA   C  N S 102 
GLU C    C  N N 103 
GLU O    O  N N 104 
GLU CB   C  N N 105 
GLU CG   C  N N 106 
GLU CD   C  N N 107 
GLU OE1  O  N N 108 
GLU OE2  O  N N 109 
GLU OXT  O  N N 110 
GLU H    H  N N 111 
GLU H2   H  N N 112 
GLU HA   H  N N 113 
GLU HB2  H  N N 114 
GLU HB3  H  N N 115 
GLU HG2  H  N N 116 
GLU HG3  H  N N 117 
GLU HE2  H  N N 118 
GLU HXT  H  N N 119 
GLY N    N  N N 120 
GLY CA   C  N N 121 
GLY C    C  N N 122 
GLY O    O  N N 123 
GLY OXT  O  N N 124 
GLY H    H  N N 125 
GLY H2   H  N N 126 
GLY HA2  H  N N 127 
GLY HA3  H  N N 128 
GLY HXT  H  N N 129 
HIS N    N  N N 130 
HIS CA   C  N S 131 
HIS C    C  N N 132 
HIS O    O  N N 133 
HIS CB   C  N N 134 
HIS CG   C  Y N 135 
HIS ND1  N  Y N 136 
HIS CD2  C  Y N 137 
HIS CE1  C  Y N 138 
HIS NE2  N  Y N 139 
HIS OXT  O  N N 140 
HIS H    H  N N 141 
HIS H2   H  N N 142 
HIS HA   H  N N 143 
HIS HB2  H  N N 144 
HIS HB3  H  N N 145 
HIS HD1  H  N N 146 
HIS HD2  H  N N 147 
HIS HE1  H  N N 148 
HIS HE2  H  N N 149 
HIS HXT  H  N N 150 
HOH O    O  N N 151 
HOH H1   H  N N 152 
HOH H2   H  N N 153 
ILE N    N  N N 154 
ILE CA   C  N S 155 
ILE C    C  N N 156 
ILE O    O  N N 157 
ILE CB   C  N S 158 
ILE CG1  C  N N 159 
ILE CG2  C  N N 160 
ILE CD1  C  N N 161 
ILE OXT  O  N N 162 
ILE H    H  N N 163 
ILE H2   H  N N 164 
ILE HA   H  N N 165 
ILE HB   H  N N 166 
ILE HG12 H  N N 167 
ILE HG13 H  N N 168 
ILE HG21 H  N N 169 
ILE HG22 H  N N 170 
ILE HG23 H  N N 171 
ILE HD11 H  N N 172 
ILE HD12 H  N N 173 
ILE HD13 H  N N 174 
ILE HXT  H  N N 175 
LEU N    N  N N 176 
LEU CA   C  N S 177 
LEU C    C  N N 178 
LEU O    O  N N 179 
LEU CB   C  N N 180 
LEU CG   C  N N 181 
LEU CD1  C  N N 182 
LEU CD2  C  N N 183 
LEU OXT  O  N N 184 
LEU H    H  N N 185 
LEU H2   H  N N 186 
LEU HA   H  N N 187 
LEU HB2  H  N N 188 
LEU HB3  H  N N 189 
LEU HG   H  N N 190 
LEU HD11 H  N N 191 
LEU HD12 H  N N 192 
LEU HD13 H  N N 193 
LEU HD21 H  N N 194 
LEU HD22 H  N N 195 
LEU HD23 H  N N 196 
LEU HXT  H  N N 197 
LYS N    N  N N 198 
LYS CA   C  N S 199 
LYS C    C  N N 200 
LYS O    O  N N 201 
LYS CB   C  N N 202 
LYS CG   C  N N 203 
LYS CD   C  N N 204 
LYS CE   C  N N 205 
LYS NZ   N  N N 206 
LYS OXT  O  N N 207 
LYS H    H  N N 208 
LYS H2   H  N N 209 
LYS HA   H  N N 210 
LYS HB2  H  N N 211 
LYS HB3  H  N N 212 
LYS HG2  H  N N 213 
LYS HG3  H  N N 214 
LYS HD2  H  N N 215 
LYS HD3  H  N N 216 
LYS HE2  H  N N 217 
LYS HE3  H  N N 218 
LYS HZ1  H  N N 219 
LYS HZ2  H  N N 220 
LYS HZ3  H  N N 221 
LYS HXT  H  N N 222 
MET N    N  N N 223 
MET CA   C  N S 224 
MET C    C  N N 225 
MET O    O  N N 226 
MET CB   C  N N 227 
MET CG   C  N N 228 
MET SD   S  N N 229 
MET CE   C  N N 230 
MET OXT  O  N N 231 
MET H    H  N N 232 
MET H2   H  N N 233 
MET HA   H  N N 234 
MET HB2  H  N N 235 
MET HB3  H  N N 236 
MET HG2  H  N N 237 
MET HG3  H  N N 238 
MET HE1  H  N N 239 
MET HE2  H  N N 240 
MET HE3  H  N N 241 
MET HXT  H  N N 242 
PHE N    N  N N 243 
PHE CA   C  N S 244 
PHE C    C  N N 245 
PHE O    O  N N 246 
PHE CB   C  N N 247 
PHE CG   C  Y N 248 
PHE CD1  C  Y N 249 
PHE CD2  C  Y N 250 
PHE CE1  C  Y N 251 
PHE CE2  C  Y N 252 
PHE CZ   C  Y N 253 
PHE OXT  O  N N 254 
PHE H    H  N N 255 
PHE H2   H  N N 256 
PHE HA   H  N N 257 
PHE HB2  H  N N 258 
PHE HB3  H  N N 259 
PHE HD1  H  N N 260 
PHE HD2  H  N N 261 
PHE HE1  H  N N 262 
PHE HE2  H  N N 263 
PHE HZ   H  N N 264 
PHE HXT  H  N N 265 
PRO N    N  N N 266 
PRO CA   C  N S 267 
PRO C    C  N N 268 
PRO O    O  N N 269 
PRO CB   C  N N 270 
PRO CG   C  N N 271 
PRO CD   C  N N 272 
PRO OXT  O  N N 273 
PRO H    H  N N 274 
PRO HA   H  N N 275 
PRO HB2  H  N N 276 
PRO HB3  H  N N 277 
PRO HG2  H  N N 278 
PRO HG3  H  N N 279 
PRO HD2  H  N N 280 
PRO HD3  H  N N 281 
PRO HXT  H  N N 282 
SER N    N  N N 283 
SER CA   C  N S 284 
SER C    C  N N 285 
SER O    O  N N 286 
SER CB   C  N N 287 
SER OG   O  N N 288 
SER OXT  O  N N 289 
SER H    H  N N 290 
SER H2   H  N N 291 
SER HA   H  N N 292 
SER HB2  H  N N 293 
SER HB3  H  N N 294 
SER HG   H  N N 295 
SER HXT  H  N N 296 
SI0 CU1  CU N N 297 
SI0 N6   N  Y N 298 
SI0 C23  C  Y N 299 
SI0 C24  C  Y N 300 
SI0 C25  C  Y N 301 
SI0 C26  C  Y N 302 
SI0 C22  C  Y N 303 
SI0 C21  C  N N 304 
SI0 C20  C  N N 305 
SI0 N4   N  N N 306 
SI0 N5   N  Y N 307 
SI0 C16  C  Y N 308 
SI0 C17  C  Y N 309 
SI0 C18  C  Y N 310 
SI0 C19  C  Y N 311 
SI0 C15  C  Y N 312 
SI0 C14  C  N N 313 
SI0 C13  C  N N 314 
SI0 C12  C  N N 315 
SI0 C11  C  N N 316 
SI0 N3   N  N N 317 
SI0 C10  C  N N 318 
SI0 O2   O  N N 319 
SI0 C9   C  N N 320 
SI0 C8   C  N N 321 
SI0 C7   C  N N 322 
SI0 C6   C  N N 323 
SI0 C5   C  N S 324 
SI0 C4   C  N S 325 
SI0 N2   N  N N 326 
SI0 S1   S  N N 327 
SI0 C3   C  N N 328 
SI0 C2   C  N R 329 
SI0 N1   N  N N 330 
SI0 C1   C  N N 331 
SI0 O1   O  N N 332 
SI0 O3   O  N N 333 
SI0 O4   O  N N 334 
SI0 O5   O  N N 335 
SI0 H1   H  N N 336 
SI0 H2   H  N N 337 
SI0 H3   H  N N 338 
SI0 H4   H  N N 339 
SI0 H5   H  N N 340 
SI0 H6   H  N N 341 
SI0 H7   H  N N 342 
SI0 H8   H  N N 343 
SI0 H9   H  N N 344 
SI0 H10  H  N N 345 
SI0 H11  H  N N 346 
SI0 H12  H  N N 347 
SI0 H13  H  N N 348 
SI0 H14  H  N N 349 
SI0 H15  H  N N 350 
SI0 H16  H  N N 351 
SI0 H17  H  N N 352 
SI0 H18  H  N N 353 
SI0 H19  H  N N 354 
SI0 H20  H  N N 355 
SI0 H21  H  N N 356 
SI0 H22  H  N N 357 
SI0 H23  H  N N 358 
SI0 H24  H  N N 359 
SI0 H25  H  N N 360 
SI0 H26  H  N N 361 
SI0 H27  H  N N 362 
SI0 H28  H  N N 363 
SI0 H29  H  N N 364 
SI0 H30  H  N N 365 
SI0 H31  H  N N 366 
SI0 H32  H  N N 367 
SI0 H33  H  N N 368 
SI0 H34  H  N N 369 
SI0 H35  H  N N 370 
SI0 H36  H  N N 371 
SI0 H37  H  N N 372 
SO4 S    S  N N 373 
SO4 O1   O  N N 374 
SO4 O2   O  N N 375 
SO4 O3   O  N N 376 
SO4 O4   O  N N 377 
THR N    N  N N 378 
THR CA   C  N S 379 
THR C    C  N N 380 
THR O    O  N N 381 
THR CB   C  N R 382 
THR OG1  O  N N 383 
THR CG2  C  N N 384 
THR OXT  O  N N 385 
THR H    H  N N 386 
THR H2   H  N N 387 
THR HA   H  N N 388 
THR HB   H  N N 389 
THR HG1  H  N N 390 
THR HG21 H  N N 391 
THR HG22 H  N N 392 
THR HG23 H  N N 393 
THR HXT  H  N N 394 
TRP N    N  N N 395 
TRP CA   C  N S 396 
TRP C    C  N N 397 
TRP O    O  N N 398 
TRP CB   C  N N 399 
TRP CG   C  Y N 400 
TRP CD1  C  Y N 401 
TRP CD2  C  Y N 402 
TRP NE1  N  Y N 403 
TRP CE2  C  Y N 404 
TRP CE3  C  Y N 405 
TRP CZ2  C  Y N 406 
TRP CZ3  C  Y N 407 
TRP CH2  C  Y N 408 
TRP OXT  O  N N 409 
TRP H    H  N N 410 
TRP H2   H  N N 411 
TRP HA   H  N N 412 
TRP HB2  H  N N 413 
TRP HB3  H  N N 414 
TRP HD1  H  N N 415 
TRP HE1  H  N N 416 
TRP HE3  H  N N 417 
TRP HZ2  H  N N 418 
TRP HZ3  H  N N 419 
TRP HH2  H  N N 420 
TRP HXT  H  N N 421 
TYR N    N  N N 422 
TYR CA   C  N S 423 
TYR C    C  N N 424 
TYR O    O  N N 425 
TYR CB   C  N N 426 
TYR CG   C  Y N 427 
TYR CD1  C  Y N 428 
TYR CD2  C  Y N 429 
TYR CE1  C  Y N 430 
TYR CE2  C  Y N 431 
TYR CZ   C  Y N 432 
TYR OH   O  N N 433 
TYR OXT  O  N N 434 
TYR H    H  N N 435 
TYR H2   H  N N 436 
TYR HA   H  N N 437 
TYR HB2  H  N N 438 
TYR HB3  H  N N 439 
TYR HD1  H  N N 440 
TYR HD2  H  N N 441 
TYR HE1  H  N N 442 
TYR HE2  H  N N 443 
TYR HH   H  N N 444 
TYR HXT  H  N N 445 
VAL N    N  N N 446 
VAL CA   C  N S 447 
VAL C    C  N N 448 
VAL O    O  N N 449 
VAL CB   C  N N 450 
VAL CG1  C  N N 451 
VAL CG2  C  N N 452 
VAL OXT  O  N N 453 
VAL H    H  N N 454 
VAL H2   H  N N 455 
VAL HA   H  N N 456 
VAL HB   H  N N 457 
VAL HG11 H  N N 458 
VAL HG12 H  N N 459 
VAL HG13 H  N N 460 
VAL HG21 H  N N 461 
VAL HG22 H  N N 462 
VAL HG23 H  N N 463 
VAL HXT  H  N N 464 
# 
loop_
_chem_comp_bond.comp_id 
_chem_comp_bond.atom_id_1 
_chem_comp_bond.atom_id_2 
_chem_comp_bond.value_order 
_chem_comp_bond.pdbx_aromatic_flag 
_chem_comp_bond.pdbx_stereo_config 
_chem_comp_bond.pdbx_ordinal 
ACT C   O    doub N N 1   
ACT C   OXT  sing N N 2   
ACT C   CH3  sing N N 3   
ACT CH3 H1   sing N N 4   
ACT CH3 H2   sing N N 5   
ACT CH3 H3   sing N N 6   
ALA N   CA   sing N N 7   
ALA N   H    sing N N 8   
ALA N   H2   sing N N 9   
ALA CA  C    sing N N 10  
ALA CA  CB   sing N N 11  
ALA CA  HA   sing N N 12  
ALA C   O    doub N N 13  
ALA C   OXT  sing N N 14  
ALA CB  HB1  sing N N 15  
ALA CB  HB2  sing N N 16  
ALA CB  HB3  sing N N 17  
ALA OXT HXT  sing N N 18  
ARG N   CA   sing N N 19  
ARG N   H    sing N N 20  
ARG N   H2   sing N N 21  
ARG CA  C    sing N N 22  
ARG CA  CB   sing N N 23  
ARG CA  HA   sing N N 24  
ARG C   O    doub N N 25  
ARG C   OXT  sing N N 26  
ARG CB  CG   sing N N 27  
ARG CB  HB2  sing N N 28  
ARG CB  HB3  sing N N 29  
ARG CG  CD   sing N N 30  
ARG CG  HG2  sing N N 31  
ARG CG  HG3  sing N N 32  
ARG CD  NE   sing N N 33  
ARG CD  HD2  sing N N 34  
ARG CD  HD3  sing N N 35  
ARG NE  CZ   sing N N 36  
ARG NE  HE   sing N N 37  
ARG CZ  NH1  sing N N 38  
ARG CZ  NH2  doub N N 39  
ARG NH1 HH11 sing N N 40  
ARG NH1 HH12 sing N N 41  
ARG NH2 HH21 sing N N 42  
ARG NH2 HH22 sing N N 43  
ARG OXT HXT  sing N N 44  
ASN N   CA   sing N N 45  
ASN N   H    sing N N 46  
ASN N   H2   sing N N 47  
ASN CA  C    sing N N 48  
ASN CA  CB   sing N N 49  
ASN CA  HA   sing N N 50  
ASN C   O    doub N N 51  
ASN C   OXT  sing N N 52  
ASN CB  CG   sing N N 53  
ASN CB  HB2  sing N N 54  
ASN CB  HB3  sing N N 55  
ASN CG  OD1  doub N N 56  
ASN CG  ND2  sing N N 57  
ASN ND2 HD21 sing N N 58  
ASN ND2 HD22 sing N N 59  
ASN OXT HXT  sing N N 60  
ASP N   CA   sing N N 61  
ASP N   H    sing N N 62  
ASP N   H2   sing N N 63  
ASP CA  C    sing N N 64  
ASP CA  CB   sing N N 65  
ASP CA  HA   sing N N 66  
ASP C   O    doub N N 67  
ASP C   OXT  sing N N 68  
ASP CB  CG   sing N N 69  
ASP CB  HB2  sing N N 70  
ASP CB  HB3  sing N N 71  
ASP CG  OD1  doub N N 72  
ASP CG  OD2  sing N N 73  
ASP OD2 HD2  sing N N 74  
ASP OXT HXT  sing N N 75  
GLN N   CA   sing N N 76  
GLN N   H    sing N N 77  
GLN N   H2   sing N N 78  
GLN CA  C    sing N N 79  
GLN CA  CB   sing N N 80  
GLN CA  HA   sing N N 81  
GLN C   O    doub N N 82  
GLN C   OXT  sing N N 83  
GLN CB  CG   sing N N 84  
GLN CB  HB2  sing N N 85  
GLN CB  HB3  sing N N 86  
GLN CG  CD   sing N N 87  
GLN CG  HG2  sing N N 88  
GLN CG  HG3  sing N N 89  
GLN CD  OE1  doub N N 90  
GLN CD  NE2  sing N N 91  
GLN NE2 HE21 sing N N 92  
GLN NE2 HE22 sing N N 93  
GLN OXT HXT  sing N N 94  
GLU N   CA   sing N N 95  
GLU N   H    sing N N 96  
GLU N   H2   sing N N 97  
GLU CA  C    sing N N 98  
GLU CA  CB   sing N N 99  
GLU CA  HA   sing N N 100 
GLU C   O    doub N N 101 
GLU C   OXT  sing N N 102 
GLU CB  CG   sing N N 103 
GLU CB  HB2  sing N N 104 
GLU CB  HB3  sing N N 105 
GLU CG  CD   sing N N 106 
GLU CG  HG2  sing N N 107 
GLU CG  HG3  sing N N 108 
GLU CD  OE1  doub N N 109 
GLU CD  OE2  sing N N 110 
GLU OE2 HE2  sing N N 111 
GLU OXT HXT  sing N N 112 
GLY N   CA   sing N N 113 
GLY N   H    sing N N 114 
GLY N   H2   sing N N 115 
GLY CA  C    sing N N 116 
GLY CA  HA2  sing N N 117 
GLY CA  HA3  sing N N 118 
GLY C   O    doub N N 119 
GLY C   OXT  sing N N 120 
GLY OXT HXT  sing N N 121 
HIS N   CA   sing N N 122 
HIS N   H    sing N N 123 
HIS N   H2   sing N N 124 
HIS CA  C    sing N N 125 
HIS CA  CB   sing N N 126 
HIS CA  HA   sing N N 127 
HIS C   O    doub N N 128 
HIS C   OXT  sing N N 129 
HIS CB  CG   sing N N 130 
HIS CB  HB2  sing N N 131 
HIS CB  HB3  sing N N 132 
HIS CG  ND1  sing Y N 133 
HIS CG  CD2  doub Y N 134 
HIS ND1 CE1  doub Y N 135 
HIS ND1 HD1  sing N N 136 
HIS CD2 NE2  sing Y N 137 
HIS CD2 HD2  sing N N 138 
HIS CE1 NE2  sing Y N 139 
HIS CE1 HE1  sing N N 140 
HIS NE2 HE2  sing N N 141 
HIS OXT HXT  sing N N 142 
HOH O   H1   sing N N 143 
HOH O   H2   sing N N 144 
ILE N   CA   sing N N 145 
ILE N   H    sing N N 146 
ILE N   H2   sing N N 147 
ILE CA  C    sing N N 148 
ILE CA  CB   sing N N 149 
ILE CA  HA   sing N N 150 
ILE C   O    doub N N 151 
ILE C   OXT  sing N N 152 
ILE CB  CG1  sing N N 153 
ILE CB  CG2  sing N N 154 
ILE CB  HB   sing N N 155 
ILE CG1 CD1  sing N N 156 
ILE CG1 HG12 sing N N 157 
ILE CG1 HG13 sing N N 158 
ILE CG2 HG21 sing N N 159 
ILE CG2 HG22 sing N N 160 
ILE CG2 HG23 sing N N 161 
ILE CD1 HD11 sing N N 162 
ILE CD1 HD12 sing N N 163 
ILE CD1 HD13 sing N N 164 
ILE OXT HXT  sing N N 165 
LEU N   CA   sing N N 166 
LEU N   H    sing N N 167 
LEU N   H2   sing N N 168 
LEU CA  C    sing N N 169 
LEU CA  CB   sing N N 170 
LEU CA  HA   sing N N 171 
LEU C   O    doub N N 172 
LEU C   OXT  sing N N 173 
LEU CB  CG   sing N N 174 
LEU CB  HB2  sing N N 175 
LEU CB  HB3  sing N N 176 
LEU CG  CD1  sing N N 177 
LEU CG  CD2  sing N N 178 
LEU CG  HG   sing N N 179 
LEU CD1 HD11 sing N N 180 
LEU CD1 HD12 sing N N 181 
LEU CD1 HD13 sing N N 182 
LEU CD2 HD21 sing N N 183 
LEU CD2 HD22 sing N N 184 
LEU CD2 HD23 sing N N 185 
LEU OXT HXT  sing N N 186 
LYS N   CA   sing N N 187 
LYS N   H    sing N N 188 
LYS N   H2   sing N N 189 
LYS CA  C    sing N N 190 
LYS CA  CB   sing N N 191 
LYS CA  HA   sing N N 192 
LYS C   O    doub N N 193 
LYS C   OXT  sing N N 194 
LYS CB  CG   sing N N 195 
LYS CB  HB2  sing N N 196 
LYS CB  HB3  sing N N 197 
LYS CG  CD   sing N N 198 
LYS CG  HG2  sing N N 199 
LYS CG  HG3  sing N N 200 
LYS CD  CE   sing N N 201 
LYS CD  HD2  sing N N 202 
LYS CD  HD3  sing N N 203 
LYS CE  NZ   sing N N 204 
LYS CE  HE2  sing N N 205 
LYS CE  HE3  sing N N 206 
LYS NZ  HZ1  sing N N 207 
LYS NZ  HZ2  sing N N 208 
LYS NZ  HZ3  sing N N 209 
LYS OXT HXT  sing N N 210 
MET N   CA   sing N N 211 
MET N   H    sing N N 212 
MET N   H2   sing N N 213 
MET CA  C    sing N N 214 
MET CA  CB   sing N N 215 
MET CA  HA   sing N N 216 
MET C   O    doub N N 217 
MET C   OXT  sing N N 218 
MET CB  CG   sing N N 219 
MET CB  HB2  sing N N 220 
MET CB  HB3  sing N N 221 
MET CG  SD   sing N N 222 
MET CG  HG2  sing N N 223 
MET CG  HG3  sing N N 224 
MET SD  CE   sing N N 225 
MET CE  HE1  sing N N 226 
MET CE  HE2  sing N N 227 
MET CE  HE3  sing N N 228 
MET OXT HXT  sing N N 229 
PHE N   CA   sing N N 230 
PHE N   H    sing N N 231 
PHE N   H2   sing N N 232 
PHE CA  C    sing N N 233 
PHE CA  CB   sing N N 234 
PHE CA  HA   sing N N 235 
PHE C   O    doub N N 236 
PHE C   OXT  sing N N 237 
PHE CB  CG   sing N N 238 
PHE CB  HB2  sing N N 239 
PHE CB  HB3  sing N N 240 
PHE CG  CD1  doub Y N 241 
PHE CG  CD2  sing Y N 242 
PHE CD1 CE1  sing Y N 243 
PHE CD1 HD1  sing N N 244 
PHE CD2 CE2  doub Y N 245 
PHE CD2 HD2  sing N N 246 
PHE CE1 CZ   doub Y N 247 
PHE CE1 HE1  sing N N 248 
PHE CE2 CZ   sing Y N 249 
PHE CE2 HE2  sing N N 250 
PHE CZ  HZ   sing N N 251 
PHE OXT HXT  sing N N 252 
PRO N   CA   sing N N 253 
PRO N   CD   sing N N 254 
PRO N   H    sing N N 255 
PRO CA  C    sing N N 256 
PRO CA  CB   sing N N 257 
PRO CA  HA   sing N N 258 
PRO C   O    doub N N 259 
PRO C   OXT  sing N N 260 
PRO CB  CG   sing N N 261 
PRO CB  HB2  sing N N 262 
PRO CB  HB3  sing N N 263 
PRO CG  CD   sing N N 264 
PRO CG  HG2  sing N N 265 
PRO CG  HG3  sing N N 266 
PRO CD  HD2  sing N N 267 
PRO CD  HD3  sing N N 268 
PRO OXT HXT  sing N N 269 
SER N   CA   sing N N 270 
SER N   H    sing N N 271 
SER N   H2   sing N N 272 
SER CA  C    sing N N 273 
SER CA  CB   sing N N 274 
SER CA  HA   sing N N 275 
SER C   O    doub N N 276 
SER C   OXT  sing N N 277 
SER CB  OG   sing N N 278 
SER CB  HB2  sing N N 279 
SER CB  HB3  sing N N 280 
SER OG  HG   sing N N 281 
SER OXT HXT  sing N N 282 
SI0 C24 C25  doub Y N 283 
SI0 C24 C23  sing Y N 284 
SI0 C25 C26  sing Y N 285 
SI0 C23 N6   doub Y N 286 
SI0 C26 C22  doub Y N 287 
SI0 N6  C22  sing Y N 288 
SI0 N6  CU1  sing N N 289 
SI0 O4  O3   sing N N 290 
SI0 O3  CU1  sing N N 291 
SI0 C22 C21  sing N N 292 
SI0 CU1 N5   sing N N 293 
SI0 CU1 N4   sing N N 294 
SI0 C16 C17  doub Y N 295 
SI0 C16 N5   sing Y N 296 
SI0 C17 C18  sing Y N 297 
SI0 N5  C15  doub Y N 298 
SI0 C21 C20  sing N N 299 
SI0 C18 C19  doub Y N 300 
SI0 N4  C20  sing N N 301 
SI0 N4  C12  sing N N 302 
SI0 N4  C13  sing N N 303 
SI0 C15 C19  sing Y N 304 
SI0 C15 C14  sing N N 305 
SI0 C12 C11  sing N N 306 
SI0 O2  C10  doub N N 307 
SI0 C14 C13  sing N N 308 
SI0 C10 N3   sing N N 309 
SI0 C10 C9   sing N N 310 
SI0 C11 N3   sing N N 311 
SI0 C9  C8   sing N N 312 
SI0 C8  C7   sing N N 313 
SI0 C7  C6   sing N N 314 
SI0 C6  C5   sing N N 315 
SI0 C5  C4   sing N N 316 
SI0 C5  S1   sing N N 317 
SI0 N2  C4   sing N N 318 
SI0 N2  C1   sing N N 319 
SI0 C4  C2   sing N N 320 
SI0 S1  C3   sing N N 321 
SI0 C1  O1   doub N N 322 
SI0 C1  N1   sing N N 323 
SI0 C2  C3   sing N N 324 
SI0 C2  N1   sing N N 325 
SI0 CU1 O5   sing N N 326 
SI0 C23 H1   sing N N 327 
SI0 C24 H2   sing N N 328 
SI0 C25 H3   sing N N 329 
SI0 C26 H4   sing N N 330 
SI0 C21 H5   sing N N 331 
SI0 C21 H6   sing N N 332 
SI0 C20 H7   sing N N 333 
SI0 C20 H8   sing N N 334 
SI0 C16 H9   sing N N 335 
SI0 C17 H10  sing N N 336 
SI0 C18 H11  sing N N 337 
SI0 C19 H12  sing N N 338 
SI0 C14 H13  sing N N 339 
SI0 C14 H14  sing N N 340 
SI0 C13 H15  sing N N 341 
SI0 C13 H16  sing N N 342 
SI0 C12 H17  sing N N 343 
SI0 C12 H18  sing N N 344 
SI0 C11 H19  sing N N 345 
SI0 C11 H20  sing N N 346 
SI0 N3  H21  sing N N 347 
SI0 C9  H22  sing N N 348 
SI0 C9  H23  sing N N 349 
SI0 C8  H24  sing N N 350 
SI0 C8  H25  sing N N 351 
SI0 C7  H26  sing N N 352 
SI0 C7  H27  sing N N 353 
SI0 C6  H28  sing N N 354 
SI0 C6  H29  sing N N 355 
SI0 C5  H30  sing N N 356 
SI0 C4  H31  sing N N 357 
SI0 N2  H32  sing N N 358 
SI0 C3  H33  sing N N 359 
SI0 C3  H34  sing N N 360 
SI0 C2  H35  sing N N 361 
SI0 N1  H36  sing N N 362 
SI0 O4  H37  sing N N 363 
SO4 S   O1   doub N N 364 
SO4 S   O2   doub N N 365 
SO4 S   O3   sing N N 366 
SO4 S   O4   sing N N 367 
THR N   CA   sing N N 368 
THR N   H    sing N N 369 
THR N   H2   sing N N 370 
THR CA  C    sing N N 371 
THR CA  CB   sing N N 372 
THR CA  HA   sing N N 373 
THR C   O    doub N N 374 
THR C   OXT  sing N N 375 
THR CB  OG1  sing N N 376 
THR CB  CG2  sing N N 377 
THR CB  HB   sing N N 378 
THR OG1 HG1  sing N N 379 
THR CG2 HG21 sing N N 380 
THR CG2 HG22 sing N N 381 
THR CG2 HG23 sing N N 382 
THR OXT HXT  sing N N 383 
TRP N   CA   sing N N 384 
TRP N   H    sing N N 385 
TRP N   H2   sing N N 386 
TRP CA  C    sing N N 387 
TRP CA  CB   sing N N 388 
TRP CA  HA   sing N N 389 
TRP C   O    doub N N 390 
TRP C   OXT  sing N N 391 
TRP CB  CG   sing N N 392 
TRP CB  HB2  sing N N 393 
TRP CB  HB3  sing N N 394 
TRP CG  CD1  doub Y N 395 
TRP CG  CD2  sing Y N 396 
TRP CD1 NE1  sing Y N 397 
TRP CD1 HD1  sing N N 398 
TRP CD2 CE2  doub Y N 399 
TRP CD2 CE3  sing Y N 400 
TRP NE1 CE2  sing Y N 401 
TRP NE1 HE1  sing N N 402 
TRP CE2 CZ2  sing Y N 403 
TRP CE3 CZ3  doub Y N 404 
TRP CE3 HE3  sing N N 405 
TRP CZ2 CH2  doub Y N 406 
TRP CZ2 HZ2  sing N N 407 
TRP CZ3 CH2  sing Y N 408 
TRP CZ3 HZ3  sing N N 409 
TRP CH2 HH2  sing N N 410 
TRP OXT HXT  sing N N 411 
TYR N   CA   sing N N 412 
TYR N   H    sing N N 413 
TYR N   H2   sing N N 414 
TYR CA  C    sing N N 415 
TYR CA  CB   sing N N 416 
TYR CA  HA   sing N N 417 
TYR C   O    doub N N 418 
TYR C   OXT  sing N N 419 
TYR CB  CG   sing N N 420 
TYR CB  HB2  sing N N 421 
TYR CB  HB3  sing N N 422 
TYR CG  CD1  doub Y N 423 
TYR CG  CD2  sing Y N 424 
TYR CD1 CE1  sing Y N 425 
TYR CD1 HD1  sing N N 426 
TYR CD2 CE2  doub Y N 427 
TYR CD2 HD2  sing N N 428 
TYR CE1 CZ   doub Y N 429 
TYR CE1 HE1  sing N N 430 
TYR CE2 CZ   sing Y N 431 
TYR CE2 HE2  sing N N 432 
TYR CZ  OH   sing N N 433 
TYR OH  HH   sing N N 434 
TYR OXT HXT  sing N N 435 
VAL N   CA   sing N N 436 
VAL N   H    sing N N 437 
VAL N   H2   sing N N 438 
VAL CA  C    sing N N 439 
VAL CA  CB   sing N N 440 
VAL CA  HA   sing N N 441 
VAL C   O    doub N N 442 
VAL C   OXT  sing N N 443 
VAL CB  CG1  sing N N 444 
VAL CB  CG2  sing N N 445 
VAL CB  HB   sing N N 446 
VAL CG1 HG11 sing N N 447 
VAL CG1 HG12 sing N N 448 
VAL CG1 HG13 sing N N 449 
VAL CG2 HG21 sing N N 450 
VAL CG2 HG22 sing N N 451 
VAL CG2 HG23 sing N N 452 
VAL OXT HXT  sing N N 453 
# 
_pdbx_audit_support.funding_organization   
'National Institutes of Health/National Institute of General Medical Sciences (NIH/NIGMS)' 
_pdbx_audit_support.country                'United States' 
_pdbx_audit_support.grant_number           GM-120349 
_pdbx_audit_support.ordinal                1 
# 
_pdbx_entity_instance_feature.ordinal        1 
_pdbx_entity_instance_feature.comp_id        SI0 
_pdbx_entity_instance_feature.asym_id        ? 
_pdbx_entity_instance_feature.seq_num        ? 
_pdbx_entity_instance_feature.auth_comp_id   SI0 
_pdbx_entity_instance_feature.auth_asym_id   ? 
_pdbx_entity_instance_feature.auth_seq_num   ? 
_pdbx_entity_instance_feature.feature_type   'SUBJECT OF INVESTIGATION' 
_pdbx_entity_instance_feature.details        ? 
# 
loop_
_pdbx_entity_nonpoly.entity_id 
_pdbx_entity_nonpoly.name 
_pdbx_entity_nonpoly.comp_id 
2 
;[N-(2-{bis[2-(pyridin-2-yl-kappaN)ethyl]amino-kappaN}ethyl)-5-(2-oxohexahydro-1H-thieno[3,4-d]imidazol-4-yl)pentanamide](hydrogen peroxido-kappaO)hydroxycopper
;
SI0 
3 'ACETATE ION' ACT 
4 'SULFATE ION' SO4 
5 water HOH 
# 
_pdbx_initial_refinement_model.id               1 
_pdbx_initial_refinement_model.entity_id_list   ? 
_pdbx_initial_refinement_model.type             'experimental model' 
_pdbx_initial_refinement_model.source_name      PDB 
_pdbx_initial_refinement_model.accession_code   2QCB 
_pdbx_initial_refinement_model.details          'PDB entry 2QCB' 
# 
_pdbx_struct_assembly_auth_evidence.id                     1 
_pdbx_struct_assembly_auth_evidence.assembly_id            1 
_pdbx_struct_assembly_auth_evidence.experimental_support   'gel filtration' 
_pdbx_struct_assembly_auth_evidence.details                ? 
# 
